data_8TXG
# 
_entry.id   8TXG 
# 
_audit_conform.dict_name       mmcif_pdbx.dic 
_audit_conform.dict_version    5.381 
_audit_conform.dict_location   http://mmcif.pdb.org/dictionaries/ascii/mmcif_pdbx.dic 
# 
loop_
_database_2.database_id 
_database_2.database_code 
_database_2.pdbx_database_accession 
_database_2.pdbx_DOI 
PDB   8TXG         pdb_00008txg 10.2210/pdb8txg/pdb 
WWPDB D_1000276820 ?            ?                   
# 
_pdbx_database_status.status_code                     REL 
_pdbx_database_status.status_code_sf                  REL 
_pdbx_database_status.status_code_mr                  ? 
_pdbx_database_status.entry_id                        8TXG 
_pdbx_database_status.recvd_initial_deposition_date   2023-08-23 
_pdbx_database_status.SG_entry                        N 
_pdbx_database_status.deposit_site                    RCSB 
_pdbx_database_status.process_site                    RCSB 
_pdbx_database_status.status_code_cs                  ? 
_pdbx_database_status.status_code_nmr_data            ? 
_pdbx_database_status.methods_development_category    ? 
_pdbx_database_status.pdb_format_compatible           Y 
# 
loop_
_audit_author.name 
_audit_author.pdbx_ordinal 
_audit_author.identifier_ORCID 
'Chen, P.'   1 0009-0003-5125-3745 
'Irimia, A.' 2 0000-0001-7784-6774 
'Yang, Z.'   3 0009-0003-2462-9807 
# 
_citation.abstract                  ? 
_citation.abstract_id_CAS           ? 
_citation.book_id_ISBN              ? 
_citation.book_publisher            ? 
_citation.book_publisher_city       ? 
_citation.book_title                ? 
_citation.coordinate_linkage        ? 
_citation.country                   US 
_citation.database_id_Medline       ? 
_citation.details                   ? 
_citation.id                        primary 
_citation.journal_abbrev            'Acs Med.Chem.Lett.' 
_citation.journal_id_ASTM           ? 
_citation.journal_id_CSD            ? 
_citation.journal_id_ISSN           1948-5875 
_citation.journal_full              ? 
_citation.journal_issue             ? 
_citation.journal_volume            14 
_citation.language                  ? 
_citation.page_first                1351 
_citation.page_last                 1357 
_citation.title                     'Structure-Based Design and Synthesis of Potent and Selective KRAS G12D Inhibitors.' 
_citation.year                      2023 
_citation.database_id_CSD           ? 
_citation.pdbx_database_id_DOI      10.1021/acsmedchemlett.3c00245 
_citation.pdbx_database_id_PubMed   37849557 
_citation.pdbx_database_id_patent   ? 
_citation.unpublished_flag          ? 
# 
loop_
_citation_author.citation_id 
_citation_author.name 
_citation_author.ordinal 
_citation_author.identifier_ORCID 
primary 'Cheng, H.'     1  0000-0003-1761-4503 
primary 'Li, P.'        2  ?                   
primary 'Chen, P.'      3  ?                   
primary 'Irimia, A.'    4  ?                   
primary 'Bae, J.H.'     5  ?                   
primary 'Brooun, A.'    6  ?                   
primary 'Fagan, P.'     7  ?                   
primary 'Lam, R.'       8  ?                   
primary 'Lin, B.'       9  ?                   
primary 'Zhang, J.'     10 ?                   
primary 'Zhan, X.'      11 ?                   
primary 'Wu, X.'        12 ?                   
primary 'Xie, N.'       13 ?                   
primary 'Chiang, G.'    14 ?                   
primary 'Shoemaker, R.' 15 ?                   
primary 'Vernier, J.M.' 16 ?                   
# 
_cell.angle_alpha                  90 
_cell.angle_alpha_esd              ? 
_cell.angle_beta                   90 
_cell.angle_beta_esd               ? 
_cell.angle_gamma                  120 
_cell.angle_gamma_esd              ? 
_cell.entry_id                     8TXG 
_cell.details                      ? 
_cell.formula_units_Z              ? 
_cell.length_a                     74.327 
_cell.length_a_esd                 ? 
_cell.length_b                     74.327 
_cell.length_b_esd                 ? 
_cell.length_c                     202.985 
_cell.length_c_esd                 ? 
_cell.volume                       ? 
_cell.volume_esd                   ? 
_cell.Z_PDB                        18 
_cell.reciprocal_angle_alpha       ? 
_cell.reciprocal_angle_beta        ? 
_cell.reciprocal_angle_gamma       ? 
_cell.reciprocal_angle_alpha_esd   ? 
_cell.reciprocal_angle_beta_esd    ? 
_cell.reciprocal_angle_gamma_esd   ? 
_cell.reciprocal_length_a          ? 
_cell.reciprocal_length_b          ? 
_cell.reciprocal_length_c          ? 
_cell.reciprocal_length_a_esd      ? 
_cell.reciprocal_length_b_esd      ? 
_cell.reciprocal_length_c_esd      ? 
_cell.pdbx_unique_axis             ? 
_cell.pdbx_esd_method              ? 
# 
_symmetry.entry_id                         8TXG 
_symmetry.cell_setting                     ? 
_symmetry.Int_Tables_number                155 
_symmetry.space_group_name_Hall            ? 
_symmetry.space_group_name_H-M             'H 3 2' 
_symmetry.pdbx_full_space_group_name_H-M   ? 
# 
loop_
_entity.id 
_entity.type 
_entity.src_method 
_entity.pdbx_description 
_entity.formula_weight 
_entity.pdbx_number_of_molecules 
_entity.pdbx_ec 
_entity.pdbx_mutation 
_entity.pdbx_fragment 
_entity.details 
1 polymer     man 'GTPase KRas' 19386.848 1   3.6.5.2 G12D 'residues 1-169' ? 
2 non-polymer syn "GUANOSINE-5'-DIPHOSPHATE" 443.201   1   ?       ?    ?                ? 
3 non-polymer syn 'MAGNESIUM ION' 24.305    1   ?       ?    ?                ? 
4 non-polymer syn 
;(4M)-4-(6-chloro-4-[(1R,5S)-3,8-diazabicyclo[3.2.1]octan-3-yl]-8-fluoro-2-{[(2R,4R,7aS)-2-fluorotetrahydro-1H-pyrrolizin-7a(5H)-yl]methoxy}quinazolin-7-yl)-7-fluoro-1,3-benzothiazol-2-amine
;
616.100   1   ?       ?    ?                ? 
5 water       nat water 18.015    148 ?       ?    ?                ? 
# 
_entity_name_com.entity_id   1 
_entity_name_com.name        'K-Ras 2,Ki-Ras,c-K-ras,c-Ki-ras' 
# 
_entity_poly.entity_id                      1 
_entity_poly.type                           'polypeptide(L)' 
_entity_poly.nstd_linkage                   no 
_entity_poly.nstd_monomer                   no 
_entity_poly.pdbx_seq_one_letter_code       
;GMTEYKLVVVGADGVGKSALTIQLIQNHFVDEYDPTIEDSYRKQVVIDGETCLLDILDTAGQEEYSAMRDQYMRTGEGFL
CVFAINNTKSFEDIHHYREQIKRVKDSEDVPMVLVGNKCDLPSRTVDTKQAQDLARSYGIPFIETSAKTRQGVDDAFYTL
VREIRKHKEK
;
_entity_poly.pdbx_seq_one_letter_code_can   
;GMTEYKLVVVGADGVGKSALTIQLIQNHFVDEYDPTIEDSYRKQVVIDGETCLLDILDTAGQEEYSAMRDQYMRTGEGFL
CVFAINNTKSFEDIHHYREQIKRVKDSEDVPMVLVGNKCDLPSRTVDTKQAQDLARSYGIPFIETSAKTRQGVDDAFYTL
VREIRKHKEK
;
_entity_poly.pdbx_strand_id                 A 
_entity_poly.pdbx_target_identifier         ? 
# 
loop_
_entity_poly_seq.entity_id 
_entity_poly_seq.num 
_entity_poly_seq.mon_id 
_entity_poly_seq.hetero 
1 1   GLY n 
1 2   MET n 
1 3   THR n 
1 4   GLU n 
1 5   TYR n 
1 6   LYS n 
1 7   LEU n 
1 8   VAL n 
1 9   VAL n 
1 10  VAL n 
1 11  GLY n 
1 12  ALA n 
1 13  ASP n 
1 14  GLY n 
1 15  VAL n 
1 16  GLY n 
1 17  LYS n 
1 18  SER n 
1 19  ALA n 
1 20  LEU n 
1 21  THR n 
1 22  ILE n 
1 23  GLN n 
1 24  LEU n 
1 25  ILE n 
1 26  GLN n 
1 27  ASN n 
1 28  HIS n 
1 29  PHE n 
1 30  VAL n 
1 31  ASP n 
1 32  GLU n 
1 33  TYR n 
1 34  ASP n 
1 35  PRO n 
1 36  THR n 
1 37  ILE n 
1 38  GLU n 
1 39  ASP n 
1 40  SER n 
1 41  TYR n 
1 42  ARG n 
1 43  LYS n 
1 44  GLN n 
1 45  VAL n 
1 46  VAL n 
1 47  ILE n 
1 48  ASP n 
1 49  GLY n 
1 50  GLU n 
1 51  THR n 
1 52  CYS n 
1 53  LEU n 
1 54  LEU n 
1 55  ASP n 
1 56  ILE n 
1 57  LEU n 
1 58  ASP n 
1 59  THR n 
1 60  ALA n 
1 61  GLY n 
1 62  GLN n 
1 63  GLU n 
1 64  GLU n 
1 65  TYR n 
1 66  SER n 
1 67  ALA n 
1 68  MET n 
1 69  ARG n 
1 70  ASP n 
1 71  GLN n 
1 72  TYR n 
1 73  MET n 
1 74  ARG n 
1 75  THR n 
1 76  GLY n 
1 77  GLU n 
1 78  GLY n 
1 79  PHE n 
1 80  LEU n 
1 81  CYS n 
1 82  VAL n 
1 83  PHE n 
1 84  ALA n 
1 85  ILE n 
1 86  ASN n 
1 87  ASN n 
1 88  THR n 
1 89  LYS n 
1 90  SER n 
1 91  PHE n 
1 92  GLU n 
1 93  ASP n 
1 94  ILE n 
1 95  HIS n 
1 96  HIS n 
1 97  TYR n 
1 98  ARG n 
1 99  GLU n 
1 100 GLN n 
1 101 ILE n 
1 102 LYS n 
1 103 ARG n 
1 104 VAL n 
1 105 LYS n 
1 106 ASP n 
1 107 SER n 
1 108 GLU n 
1 109 ASP n 
1 110 VAL n 
1 111 PRO n 
1 112 MET n 
1 113 VAL n 
1 114 LEU n 
1 115 VAL n 
1 116 GLY n 
1 117 ASN n 
1 118 LYS n 
1 119 CYS n 
1 120 ASP n 
1 121 LEU n 
1 122 PRO n 
1 123 SER n 
1 124 ARG n 
1 125 THR n 
1 126 VAL n 
1 127 ASP n 
1 128 THR n 
1 129 LYS n 
1 130 GLN n 
1 131 ALA n 
1 132 GLN n 
1 133 ASP n 
1 134 LEU n 
1 135 ALA n 
1 136 ARG n 
1 137 SER n 
1 138 TYR n 
1 139 GLY n 
1 140 ILE n 
1 141 PRO n 
1 142 PHE n 
1 143 ILE n 
1 144 GLU n 
1 145 THR n 
1 146 SER n 
1 147 ALA n 
1 148 LYS n 
1 149 THR n 
1 150 ARG n 
1 151 GLN n 
1 152 GLY n 
1 153 VAL n 
1 154 ASP n 
1 155 ASP n 
1 156 ALA n 
1 157 PHE n 
1 158 TYR n 
1 159 THR n 
1 160 LEU n 
1 161 VAL n 
1 162 ARG n 
1 163 GLU n 
1 164 ILE n 
1 165 ARG n 
1 166 LYS n 
1 167 HIS n 
1 168 LYS n 
1 169 GLU n 
1 170 LYS n 
# 
_entity_src_gen.entity_id                          1 
_entity_src_gen.pdbx_src_id                        1 
_entity_src_gen.pdbx_alt_source_flag               sample 
_entity_src_gen.pdbx_seq_type                      'Biological sequence' 
_entity_src_gen.pdbx_beg_seq_num                   1 
_entity_src_gen.pdbx_end_seq_num                   170 
_entity_src_gen.gene_src_common_name               human 
_entity_src_gen.gene_src_genus                     ? 
_entity_src_gen.pdbx_gene_src_gene                 'KRAS, KRAS2, RASK2' 
_entity_src_gen.gene_src_species                   ? 
_entity_src_gen.gene_src_strain                    ? 
_entity_src_gen.gene_src_tissue                    ? 
_entity_src_gen.gene_src_tissue_fraction           ? 
_entity_src_gen.gene_src_details                   ? 
_entity_src_gen.pdbx_gene_src_fragment             ? 
_entity_src_gen.pdbx_gene_src_scientific_name      'Homo sapiens' 
_entity_src_gen.pdbx_gene_src_ncbi_taxonomy_id     9606 
_entity_src_gen.pdbx_gene_src_variant              ? 
_entity_src_gen.pdbx_gene_src_cell_line            ? 
_entity_src_gen.pdbx_gene_src_atcc                 ? 
_entity_src_gen.pdbx_gene_src_organ                ? 
_entity_src_gen.pdbx_gene_src_organelle            ? 
_entity_src_gen.pdbx_gene_src_cell                 ? 
_entity_src_gen.pdbx_gene_src_cellular_location    ? 
_entity_src_gen.host_org_common_name               ? 
_entity_src_gen.pdbx_host_org_scientific_name      'Escherichia coli' 
_entity_src_gen.pdbx_host_org_ncbi_taxonomy_id     562 
_entity_src_gen.host_org_genus                     ? 
_entity_src_gen.pdbx_host_org_gene                 ? 
_entity_src_gen.pdbx_host_org_organ                ? 
_entity_src_gen.host_org_species                   ? 
_entity_src_gen.pdbx_host_org_tissue               ? 
_entity_src_gen.pdbx_host_org_tissue_fraction      ? 
_entity_src_gen.pdbx_host_org_strain               ? 
_entity_src_gen.pdbx_host_org_variant              ? 
_entity_src_gen.pdbx_host_org_cell_line            ? 
_entity_src_gen.pdbx_host_org_atcc                 ? 
_entity_src_gen.pdbx_host_org_culture_collection   ? 
_entity_src_gen.pdbx_host_org_cell                 ? 
_entity_src_gen.pdbx_host_org_organelle            ? 
_entity_src_gen.pdbx_host_org_cellular_location    ? 
_entity_src_gen.pdbx_host_org_vector_type          ? 
_entity_src_gen.pdbx_host_org_vector               ? 
_entity_src_gen.host_org_details                   ? 
_entity_src_gen.expression_system_id               ? 
_entity_src_gen.plasmid_name                       ? 
_entity_src_gen.plasmid_details                    ? 
_entity_src_gen.pdbx_description                   ? 
# 
_struct_ref.id                         1 
_struct_ref.db_name                    UNP 
_struct_ref.db_code                    RASK_HUMAN 
_struct_ref.pdbx_db_accession          P01116 
_struct_ref.pdbx_db_isoform            P01116-2 
_struct_ref.entity_id                  1 
_struct_ref.pdbx_seq_one_letter_code   
;MTEYKLVVVGAGGVGKSALTIQLIQNHFVDEYDPTIEDSYRKQVVIDGETCLLDILDTAGQEEYSAMRDQYMRTGEGFLC
VFAINNTKSFEDIHHYREQIKRVKDSEDVPMVLVGNKCDLPSRTVDTKQAQDLARSYGIPFIETSAKTRQGVDDAFYTLV
REIRKHKEK
;
_struct_ref.pdbx_align_begin           1 
# 
_struct_ref_seq.align_id                      1 
_struct_ref_seq.ref_id                        1 
_struct_ref_seq.pdbx_PDB_id_code              8TXG 
_struct_ref_seq.pdbx_strand_id                A 
_struct_ref_seq.seq_align_beg                 2 
_struct_ref_seq.pdbx_seq_align_beg_ins_code   ? 
_struct_ref_seq.seq_align_end                 170 
_struct_ref_seq.pdbx_seq_align_end_ins_code   ? 
_struct_ref_seq.pdbx_db_accession             P01116 
_struct_ref_seq.db_align_beg                  1 
_struct_ref_seq.pdbx_db_align_beg_ins_code    ? 
_struct_ref_seq.db_align_end                  169 
_struct_ref_seq.pdbx_db_align_end_ins_code    ? 
_struct_ref_seq.pdbx_auth_seq_align_beg       1 
_struct_ref_seq.pdbx_auth_seq_align_end       169 
# 
loop_
_struct_ref_seq_dif.align_id 
_struct_ref_seq_dif.pdbx_pdb_id_code 
_struct_ref_seq_dif.mon_id 
_struct_ref_seq_dif.pdbx_pdb_strand_id 
_struct_ref_seq_dif.seq_num 
_struct_ref_seq_dif.pdbx_pdb_ins_code 
_struct_ref_seq_dif.pdbx_seq_db_name 
_struct_ref_seq_dif.pdbx_seq_db_accession_code 
_struct_ref_seq_dif.db_mon_id 
_struct_ref_seq_dif.pdbx_seq_db_seq_num 
_struct_ref_seq_dif.details 
_struct_ref_seq_dif.pdbx_auth_seq_num 
_struct_ref_seq_dif.pdbx_ordinal 
1 8TXG GLY A 1  ? UNP P01116 ?   ?  'expression tag' 0  1 
1 8TXG ASP A 13 ? UNP P01116 GLY 12 variant          12 2 
# 
loop_
_chem_comp.id 
_chem_comp.type 
_chem_comp.mon_nstd_flag 
_chem_comp.name 
_chem_comp.pdbx_synonyms 
_chem_comp.formula 
_chem_comp.formula_weight 
ALA 'L-peptide linking' y ALANINE ? 'C3 H7 N O2'           89.093  
ARG 'L-peptide linking' y ARGININE ? 'C6 H15 N4 O2 1'       175.209 
ASN 'L-peptide linking' y ASPARAGINE ? 'C4 H8 N2 O3'          132.118 
ASP 'L-peptide linking' y 'ASPARTIC ACID' ? 'C4 H7 N O4'           133.103 
CYS 'L-peptide linking' y CYSTEINE ? 'C3 H7 N O2 S'         121.158 
GDP 'RNA linking'       n "GUANOSINE-5'-DIPHOSPHATE" ? 'C10 H15 N5 O11 P2'    443.201 
GLN 'L-peptide linking' y GLUTAMINE ? 'C5 H10 N2 O3'         146.144 
GLU 'L-peptide linking' y 'GLUTAMIC ACID' ? 'C5 H9 N O4'           147.129 
GLY 'peptide linking'   y GLYCINE ? 'C2 H5 N O2'           75.067  
HIS 'L-peptide linking' y HISTIDINE ? 'C6 H10 N3 O2 1'       156.162 
HOH non-polymer         . WATER ? 'H2 O'                 18.015  
ILE 'L-peptide linking' y ISOLEUCINE ? 'C6 H13 N O2'          131.173 
LEU 'L-peptide linking' y LEUCINE ? 'C6 H13 N O2'          131.173 
LYS 'L-peptide linking' y LYSINE ? 'C6 H15 N2 O2 1'       147.195 
MET 'L-peptide linking' y METHIONINE ? 'C5 H11 N O2 S'        149.211 
MG  non-polymer         . 'MAGNESIUM ION' ? 'Mg 2'                 24.305  
PHE 'L-peptide linking' y PHENYLALANINE ? 'C9 H11 N O2'          165.189 
PRO 'L-peptide linking' y PROLINE ? 'C5 H9 N O2'           115.130 
SER 'L-peptide linking' y SERINE ? 'C3 H7 N O3'           105.093 
THR 'L-peptide linking' y THREONINE ? 'C4 H9 N O3'           119.119 
TYR 'L-peptide linking' y TYROSINE ? 'C9 H11 N O3'          181.189 
VAL 'L-peptide linking' y VALINE ? 'C5 H11 N O2'          117.146 
VQT non-polymer         . 
;(4M)-4-(6-chloro-4-[(1R,5S)-3,8-diazabicyclo[3.2.1]octan-3-yl]-8-fluoro-2-{[(2R,4R,7aS)-2-fluorotetrahydro-1H-pyrrolizin-7a(5H)-yl]methoxy}quinazolin-7-yl)-7-fluoro-1,3-benzothiazol-2-amine
;
? 'C29 H29 Cl F3 N7 O S' 616.100 
# 
_exptl.absorpt_coefficient_mu     ? 
_exptl.absorpt_correction_T_max   ? 
_exptl.absorpt_correction_T_min   ? 
_exptl.absorpt_correction_type    ? 
_exptl.absorpt_process_details    ? 
_exptl.entry_id                   8TXG 
_exptl.crystals_number            1 
_exptl.details                    ? 
_exptl.method                     'X-RAY DIFFRACTION' 
_exptl.method_details             ? 
# 
_exptl_crystal.colour                       ? 
_exptl_crystal.density_diffrn               ? 
_exptl_crystal.density_Matthews             2.78 
_exptl_crystal.density_method               ? 
_exptl_crystal.density_percent_sol          55.80 
_exptl_crystal.description                  ? 
_exptl_crystal.F_000                        ? 
_exptl_crystal.id                           1 
_exptl_crystal.preparation                  ? 
_exptl_crystal.size_max                     ? 
_exptl_crystal.size_mid                     ? 
_exptl_crystal.size_min                     ? 
_exptl_crystal.size_rad                     ? 
_exptl_crystal.colour_lustre                ? 
_exptl_crystal.colour_modifier              ? 
_exptl_crystal.colour_primary               ? 
_exptl_crystal.density_meas                 ? 
_exptl_crystal.density_meas_esd             ? 
_exptl_crystal.density_meas_gt              ? 
_exptl_crystal.density_meas_lt              ? 
_exptl_crystal.density_meas_temp            ? 
_exptl_crystal.density_meas_temp_esd        ? 
_exptl_crystal.density_meas_temp_gt         ? 
_exptl_crystal.density_meas_temp_lt         ? 
_exptl_crystal.pdbx_crystal_image_url       ? 
_exptl_crystal.pdbx_crystal_image_format    ? 
_exptl_crystal.pdbx_mosaicity               ? 
_exptl_crystal.pdbx_mosaicity_esd           ? 
_exptl_crystal.pdbx_mosaic_method           ? 
_exptl_crystal.pdbx_mosaic_block_size       ? 
_exptl_crystal.pdbx_mosaic_block_size_esd   ? 
# 
_exptl_crystal_grow.apparatus       ? 
_exptl_crystal_grow.atmosphere      ? 
_exptl_crystal_grow.crystal_id      1 
_exptl_crystal_grow.details         ? 
_exptl_crystal_grow.method          'VAPOR DIFFUSION, SITTING DROP' 
_exptl_crystal_grow.method_ref      ? 
_exptl_crystal_grow.pH              8.5 
_exptl_crystal_grow.pressure        ? 
_exptl_crystal_grow.pressure_esd    ? 
_exptl_crystal_grow.seeding         ? 
_exptl_crystal_grow.seeding_ref     ? 
_exptl_crystal_grow.temp_details    ? 
_exptl_crystal_grow.temp_esd        ? 
_exptl_crystal_grow.time            ? 
_exptl_crystal_grow.pdbx_details    '2.0 M Ammonium Sulfate, 15% ethylene glycol, 0.1 M Tris pH 8.5' 
_exptl_crystal_grow.pdbx_pH_range   ? 
_exptl_crystal_grow.temp            286.15 
# 
_diffrn.ambient_environment              ? 
_diffrn.ambient_temp                     110 
_diffrn.ambient_temp_details             ? 
_diffrn.ambient_temp_esd                 ? 
_diffrn.crystal_id                       1 
_diffrn.crystal_support                  ? 
_diffrn.crystal_treatment                ? 
_diffrn.details                          ? 
_diffrn.id                               1 
_diffrn.ambient_pressure                 ? 
_diffrn.ambient_pressure_esd             ? 
_diffrn.ambient_pressure_gt              ? 
_diffrn.ambient_pressure_lt              ? 
_diffrn.ambient_temp_gt                  ? 
_diffrn.ambient_temp_lt                  ? 
_diffrn.pdbx_serial_crystal_experiment   N 
# 
_diffrn_detector.details                      ? 
_diffrn_detector.detector                     PIXEL 
_diffrn_detector.diffrn_id                    1 
_diffrn_detector.type                         'DECTRIS EIGER X 9M' 
_diffrn_detector.area_resol_mean              ? 
_diffrn_detector.dtime                        ? 
_diffrn_detector.pdbx_frames_total            ? 
_diffrn_detector.pdbx_collection_time_total   ? 
_diffrn_detector.pdbx_collection_date         2021-06-22 
_diffrn_detector.pdbx_frequency               ? 
_diffrn_detector.id                           ? 
_diffrn_detector.number_of_axes               ? 
# 
_diffrn_radiation.collimation                      ? 
_diffrn_radiation.diffrn_id                        1 
_diffrn_radiation.filter_edge                      ? 
_diffrn_radiation.inhomogeneity                    ? 
_diffrn_radiation.monochromator                    ? 
_diffrn_radiation.polarisn_norm                    ? 
_diffrn_radiation.polarisn_ratio                   ? 
_diffrn_radiation.probe                            ? 
_diffrn_radiation.type                             ? 
_diffrn_radiation.xray_symbol                      ? 
_diffrn_radiation.wavelength_id                    1 
_diffrn_radiation.pdbx_monochromatic_or_laue_m_l   M 
_diffrn_radiation.pdbx_wavelength_list             ? 
_diffrn_radiation.pdbx_wavelength                  ? 
_diffrn_radiation.pdbx_diffrn_protocol             'SINGLE WAVELENGTH' 
_diffrn_radiation.pdbx_analyzer                    ? 
_diffrn_radiation.pdbx_scattering_type             x-ray 
# 
_diffrn_radiation_wavelength.id           1 
_diffrn_radiation_wavelength.wavelength   1.0 
_diffrn_radiation_wavelength.wt           1.0 
# 
_diffrn_source.current                     ? 
_diffrn_source.details                     ? 
_diffrn_source.diffrn_id                   1 
_diffrn_source.power                       ? 
_diffrn_source.size                        ? 
_diffrn_source.source                      SYNCHROTRON 
_diffrn_source.target                      ? 
_diffrn_source.type                        'APS BEAMLINE 17-ID' 
_diffrn_source.voltage                     ? 
_diffrn_source.take-off_angle              ? 
_diffrn_source.pdbx_wavelength_list        1.0 
_diffrn_source.pdbx_wavelength             ? 
_diffrn_source.pdbx_synchrotron_beamline   17-ID 
_diffrn_source.pdbx_synchrotron_site       APS 
# 
_reflns.B_iso_Wilson_estimate                          ? 
_reflns.entry_id                                       8TXG 
_reflns.data_reduction_details                         ? 
_reflns.data_reduction_method                          ? 
_reflns.d_resolution_high                              1.50 
_reflns.d_resolution_low                               19.28 
_reflns.details                                        ? 
_reflns.limit_h_max                                    ? 
_reflns.limit_h_min                                    ? 
_reflns.limit_k_max                                    ? 
_reflns.limit_k_min                                    ? 
_reflns.limit_l_max                                    ? 
_reflns.limit_l_min                                    ? 
_reflns.number_all                                     ? 
_reflns.number_obs                                     31953 
_reflns.observed_criterion                             ? 
_reflns.observed_criterion_F_max                       ? 
_reflns.observed_criterion_F_min                       ? 
_reflns.observed_criterion_I_max                       ? 
_reflns.observed_criterion_I_min                       ? 
_reflns.observed_criterion_sigma_F                     ? 
_reflns.observed_criterion_sigma_I                     ? 
_reflns.percent_possible_obs                           86.2 
_reflns.R_free_details                                 ? 
_reflns.Rmerge_F_all                                   ? 
_reflns.Rmerge_F_obs                                   ? 
_reflns.Friedel_coverage                               ? 
_reflns.number_gt                                      ? 
_reflns.threshold_expression                           ? 
_reflns.pdbx_redundancy                                6.2 
_reflns.pdbx_netI_over_av_sigmaI                       ? 
_reflns.pdbx_netI_over_sigmaI                          11.8 
_reflns.pdbx_res_netI_over_av_sigmaI_2                 ? 
_reflns.pdbx_res_netI_over_sigmaI_2                    ? 
_reflns.pdbx_chi_squared                               ? 
_reflns.pdbx_scaling_rejects                           ? 
_reflns.pdbx_d_res_high_opt                            ? 
_reflns.pdbx_d_res_low_opt                             ? 
_reflns.pdbx_d_res_opt_method                          ? 
_reflns.phase_calculation_details                      ? 
_reflns.pdbx_Rrim_I_all                                ? 
_reflns.pdbx_Rpim_I_all                                ? 
_reflns.pdbx_d_opt                                     ? 
_reflns.pdbx_number_measured_all                       ? 
_reflns.pdbx_diffrn_id                                 1 
_reflns.pdbx_ordinal                                   1 
_reflns.pdbx_CC_half                                   0.999 
_reflns.pdbx_CC_star                                   ? 
_reflns.pdbx_R_split                                   ? 
_reflns.pdbx_Rmerge_I_obs                              ? 
_reflns.pdbx_Rmerge_I_all                              ? 
_reflns.pdbx_Rsym_value                                ? 
_reflns.pdbx_CC_split_method                           ? 
_reflns.pdbx_aniso_diffraction_limit_axis_1_ortho[1]   ? 
_reflns.pdbx_aniso_diffraction_limit_axis_1_ortho[2]   ? 
_reflns.pdbx_aniso_diffraction_limit_axis_1_ortho[3]   ? 
_reflns.pdbx_aniso_diffraction_limit_axis_2_ortho[1]   ? 
_reflns.pdbx_aniso_diffraction_limit_axis_2_ortho[2]   ? 
_reflns.pdbx_aniso_diffraction_limit_axis_2_ortho[3]   ? 
_reflns.pdbx_aniso_diffraction_limit_axis_3_ortho[1]   ? 
_reflns.pdbx_aniso_diffraction_limit_axis_3_ortho[2]   ? 
_reflns.pdbx_aniso_diffraction_limit_axis_3_ortho[3]   ? 
_reflns.pdbx_aniso_diffraction_limit_1                 ? 
_reflns.pdbx_aniso_diffraction_limit_2                 ? 
_reflns.pdbx_aniso_diffraction_limit_3                 ? 
_reflns.pdbx_aniso_B_tensor_eigenvector_1_ortho[1]     ? 
_reflns.pdbx_aniso_B_tensor_eigenvector_1_ortho[2]     ? 
_reflns.pdbx_aniso_B_tensor_eigenvector_1_ortho[3]     ? 
_reflns.pdbx_aniso_B_tensor_eigenvector_2_ortho[1]     ? 
_reflns.pdbx_aniso_B_tensor_eigenvector_2_ortho[2]     ? 
_reflns.pdbx_aniso_B_tensor_eigenvector_2_ortho[3]     ? 
_reflns.pdbx_aniso_B_tensor_eigenvector_3_ortho[1]     ? 
_reflns.pdbx_aniso_B_tensor_eigenvector_3_ortho[2]     ? 
_reflns.pdbx_aniso_B_tensor_eigenvector_3_ortho[3]     ? 
_reflns.pdbx_aniso_B_tensor_eigenvalue_1               ? 
_reflns.pdbx_aniso_B_tensor_eigenvalue_2               ? 
_reflns.pdbx_aniso_B_tensor_eigenvalue_3               ? 
_reflns.pdbx_orthogonalization_convention              ? 
_reflns.pdbx_percent_possible_ellipsoidal              ? 
_reflns.pdbx_percent_possible_spherical                ? 
_reflns.pdbx_percent_possible_ellipsoidal_anomalous    ? 
_reflns.pdbx_percent_possible_spherical_anomalous      ? 
_reflns.pdbx_redundancy_anomalous                      ? 
_reflns.pdbx_CC_half_anomalous                         ? 
_reflns.pdbx_absDiff_over_sigma_anomalous              ? 
_reflns.pdbx_percent_possible_anomalous                ? 
_reflns.pdbx_observed_signal_threshold                 ? 
_reflns.pdbx_signal_type                               ? 
_reflns.pdbx_signal_details                            ? 
_reflns.pdbx_signal_software_id                        ? 
# 
_reflns_shell.d_res_high                                    1.50 
_reflns_shell.d_res_low                                     1.53 
_reflns_shell.meanI_over_sigI_all                           ? 
_reflns_shell.meanI_over_sigI_obs                           ? 
_reflns_shell.number_measured_all                           ? 
_reflns_shell.number_measured_obs                           ? 
_reflns_shell.number_possible                               ? 
_reflns_shell.number_unique_all                             ? 
_reflns_shell.number_unique_obs                             1599 
_reflns_shell.percent_possible_obs                          ? 
_reflns_shell.Rmerge_F_all                                  ? 
_reflns_shell.Rmerge_F_obs                                  ? 
_reflns_shell.meanI_over_sigI_gt                            ? 
_reflns_shell.meanI_over_uI_all                             ? 
_reflns_shell.meanI_over_uI_gt                              ? 
_reflns_shell.number_measured_gt                            ? 
_reflns_shell.number_unique_gt                              ? 
_reflns_shell.percent_possible_gt                           ? 
_reflns_shell.Rmerge_F_gt                                   ? 
_reflns_shell.Rmerge_I_gt                                   ? 
_reflns_shell.pdbx_redundancy                               ? 
_reflns_shell.pdbx_chi_squared                              ? 
_reflns_shell.pdbx_netI_over_sigmaI_all                     ? 
_reflns_shell.pdbx_netI_over_sigmaI_obs                     ? 
_reflns_shell.pdbx_Rrim_I_all                               ? 
_reflns_shell.pdbx_Rpim_I_all                               ? 
_reflns_shell.pdbx_rejects                                  ? 
_reflns_shell.pdbx_ordinal                                  1 
_reflns_shell.pdbx_diffrn_id                                1 
_reflns_shell.pdbx_CC_half                                  0.477 
_reflns_shell.pdbx_CC_star                                  ? 
_reflns_shell.pdbx_R_split                                  ? 
_reflns_shell.percent_possible_all                          ? 
_reflns_shell.Rmerge_I_all                                  ? 
_reflns_shell.Rmerge_I_obs                                  ? 
_reflns_shell.pdbx_Rsym_value                               ? 
_reflns_shell.pdbx_percent_possible_ellipsoidal             ? 
_reflns_shell.pdbx_percent_possible_spherical               ? 
_reflns_shell.pdbx_percent_possible_ellipsoidal_anomalous   ? 
_reflns_shell.pdbx_percent_possible_spherical_anomalous     ? 
_reflns_shell.pdbx_redundancy_anomalous                     ? 
_reflns_shell.pdbx_CC_half_anomalous                        ? 
_reflns_shell.pdbx_absDiff_over_sigma_anomalous             ? 
_reflns_shell.pdbx_percent_possible_anomalous               ? 
# 
_refine.aniso_B[1][1]                            0.136 
_refine.aniso_B[1][2]                            0 
_refine.aniso_B[1][3]                            0 
_refine.aniso_B[2][2]                            0.136 
_refine.aniso_B[2][3]                            0 
_refine.aniso_B[3][3]                            -0.2719 
_refine.B_iso_max                                ? 
_refine.B_iso_mean                               24.1 
_refine.B_iso_min                                ? 
_refine.correlation_coeff_Fo_to_Fc               0.951 
_refine.correlation_coeff_Fo_to_Fc_free          0.941 
_refine.details                                  ? 
_refine.diff_density_max                         ? 
_refine.diff_density_max_esd                     ? 
_refine.diff_density_min                         ? 
_refine.diff_density_min_esd                     ? 
_refine.diff_density_rms                         ? 
_refine.diff_density_rms_esd                     ? 
_refine.entry_id                                 8TXG 
_refine.pdbx_refine_id                           'X-RAY DIFFRACTION' 
_refine.ls_abs_structure_details                 ? 
_refine.ls_abs_structure_Flack                   ? 
_refine.ls_abs_structure_Flack_esd               ? 
_refine.ls_abs_structure_Rogers                  ? 
_refine.ls_abs_structure_Rogers_esd              ? 
_refine.ls_d_res_high                            1.5 
_refine.ls_d_res_low                             19.28 
_refine.ls_extinction_coef                       ? 
_refine.ls_extinction_coef_esd                   ? 
_refine.ls_extinction_expression                 ? 
_refine.ls_extinction_method                     ? 
_refine.ls_goodness_of_fit_all                   ? 
_refine.ls_goodness_of_fit_all_esd               ? 
_refine.ls_goodness_of_fit_obs                   ? 
_refine.ls_goodness_of_fit_obs_esd               ? 
_refine.ls_hydrogen_treatment                    ? 
_refine.ls_matrix_type                           ? 
_refine.ls_number_constraints                    ? 
_refine.ls_number_parameters                     ? 
_refine.ls_number_reflns_all                     ? 
_refine.ls_number_reflns_obs                     30988 
_refine.ls_number_reflns_R_free                  1572 
_refine.ls_number_reflns_R_work                  ? 
_refine.ls_number_restraints                     ? 
_refine.ls_percent_reflns_obs                    88.6 
_refine.ls_percent_reflns_R_free                 ? 
_refine.ls_R_factor_all                          ? 
_refine.ls_R_factor_obs                          0.1989 
_refine.ls_R_factor_R_free                       0.2232 
_refine.ls_R_factor_R_free_error                 ? 
_refine.ls_R_factor_R_free_error_details         ? 
_refine.ls_R_factor_R_work                       0.1977 
_refine.ls_R_Fsqd_factor_obs                     ? 
_refine.ls_R_I_factor_obs                        ? 
_refine.ls_redundancy_reflns_all                 ? 
_refine.ls_redundancy_reflns_obs                 ? 
_refine.ls_restrained_S_all                      ? 
_refine.ls_restrained_S_obs                      ? 
_refine.ls_shift_over_esd_max                    ? 
_refine.ls_shift_over_esd_mean                   ? 
_refine.ls_structure_factor_coef                 ? 
_refine.ls_weighting_details                     ? 
_refine.ls_weighting_scheme                      ? 
_refine.ls_wR_factor_all                         ? 
_refine.ls_wR_factor_obs                         ? 
_refine.ls_wR_factor_R_free                      ? 
_refine.ls_wR_factor_R_work                      ? 
_refine.occupancy_max                            ? 
_refine.occupancy_min                            ? 
_refine.solvent_model_details                    ? 
_refine.solvent_model_param_bsol                 ? 
_refine.solvent_model_param_ksol                 ? 
_refine.pdbx_R_complete                          ? 
_refine.ls_R_factor_gt                           ? 
_refine.ls_goodness_of_fit_gt                    ? 
_refine.ls_goodness_of_fit_ref                   ? 
_refine.ls_shift_over_su_max                     ? 
_refine.ls_shift_over_su_max_lt                  ? 
_refine.ls_shift_over_su_mean                    ? 
_refine.ls_shift_over_su_mean_lt                 ? 
_refine.pdbx_ls_sigma_I                          ? 
_refine.pdbx_ls_sigma_F                          ? 
_refine.pdbx_ls_sigma_Fsqd                       ? 
_refine.pdbx_data_cutoff_high_absF               ? 
_refine.pdbx_data_cutoff_high_rms_absF           ? 
_refine.pdbx_data_cutoff_low_absF                ? 
_refine.pdbx_isotropic_thermal_model             ? 
_refine.pdbx_ls_cross_valid_method               THROUGHOUT 
_refine.pdbx_method_to_determine_struct          'MOLECULAR REPLACEMENT' 
_refine.pdbx_starting_model                      ? 
_refine.pdbx_stereochemistry_target_values       ? 
_refine.pdbx_R_Free_selection_details            RANDOM 
_refine.pdbx_stereochem_target_val_spec_case     ? 
_refine.pdbx_overall_ESU_R                       ? 
_refine.pdbx_overall_ESU_R_Free                  ? 
_refine.pdbx_solvent_vdw_probe_radii             ? 
_refine.pdbx_solvent_ion_probe_radii             ? 
_refine.pdbx_solvent_shrinkage_radii             ? 
_refine.pdbx_real_space_R                        ? 
_refine.pdbx_density_correlation                 ? 
_refine.pdbx_pd_number_of_powder_patterns        ? 
_refine.pdbx_pd_number_of_points                 ? 
_refine.pdbx_pd_meas_number_of_points            ? 
_refine.pdbx_pd_proc_ls_prof_R_factor            ? 
_refine.pdbx_pd_proc_ls_prof_wR_factor           ? 
_refine.pdbx_pd_Marquardt_correlation_coeff      ? 
_refine.pdbx_pd_Fsqrd_R_factor                   ? 
_refine.pdbx_pd_ls_matrix_band_width             ? 
_refine.pdbx_overall_phase_error                 ? 
_refine.pdbx_overall_SU_R_free_Cruickshank_DPI   0.079 
_refine.pdbx_overall_SU_R_free_Blow_DPI          0.081 
_refine.pdbx_overall_SU_R_Blow_DPI               0.082 
_refine.pdbx_TLS_residual_ADP_flag               ? 
_refine.pdbx_diffrn_id                           1 
_refine.overall_SU_B                             ? 
_refine.overall_SU_ML                            ? 
_refine.overall_SU_R_Cruickshank_DPI             0.078 
_refine.overall_SU_R_free                        ? 
_refine.overall_FOM_free_R_set                   ? 
_refine.overall_FOM_work_R_set                   ? 
_refine.pdbx_average_fsc_overall                 ? 
_refine.pdbx_average_fsc_work                    ? 
_refine.pdbx_average_fsc_free                    ? 
# 
_refine_analyze.entry_id                        8TXG 
_refine_analyze.pdbx_refine_id                  'X-RAY DIFFRACTION' 
_refine_analyze.Luzzati_coordinate_error_free   ? 
_refine_analyze.Luzzati_coordinate_error_obs    0.2 
_refine_analyze.Luzzati_d_res_low_free          ? 
_refine_analyze.Luzzati_d_res_low_obs           ? 
_refine_analyze.Luzzati_sigma_a_free            ? 
_refine_analyze.Luzzati_sigma_a_free_details    ? 
_refine_analyze.Luzzati_sigma_a_obs             ? 
_refine_analyze.Luzzati_sigma_a_obs_details     ? 
_refine_analyze.number_disordered_residues      ? 
_refine_analyze.occupancy_sum_hydrogen          ? 
_refine_analyze.occupancy_sum_non_hydrogen      ? 
_refine_analyze.RG_d_res_high                   ? 
_refine_analyze.RG_d_res_low                    ? 
_refine_analyze.RG_free                         ? 
_refine_analyze.RG_work                         ? 
_refine_analyze.RG_free_work_ratio              ? 
_refine_analyze.pdbx_Luzzati_d_res_high_obs     ? 
# 
_refine_hist.pdbx_refine_id                   'X-RAY DIFFRACTION' 
_refine_hist.cycle_id                         LAST 
_refine_hist.details                          ? 
_refine_hist.d_res_high                       1.5 
_refine_hist.d_res_low                        19.28 
_refine_hist.number_atoms_solvent             148 
_refine_hist.number_atoms_total               1578 
_refine_hist.number_reflns_all                ? 
_refine_hist.number_reflns_obs                ? 
_refine_hist.number_reflns_R_free             ? 
_refine_hist.number_reflns_R_work             ? 
_refine_hist.R_factor_all                     ? 
_refine_hist.R_factor_obs                     ? 
_refine_hist.R_factor_R_free                  ? 
_refine_hist.R_factor_R_work                  ? 
_refine_hist.pdbx_number_residues_total       ? 
_refine_hist.pdbx_B_iso_mean_ligand           ? 
_refine_hist.pdbx_B_iso_mean_solvent          ? 
_refine_hist.pdbx_number_atoms_protein        1359 
_refine_hist.pdbx_number_atoms_nucleic_acid   0 
_refine_hist.pdbx_number_atoms_ligand         71 
_refine_hist.pdbx_number_atoms_lipid          ? 
_refine_hist.pdbx_number_atoms_carb           ? 
_refine_hist.pdbx_pseudo_atom_details         ? 
# 
loop_
_refine_ls_restr.pdbx_refine_id 
_refine_ls_restr.criterion 
_refine_ls_restr.dev_ideal 
_refine_ls_restr.dev_ideal_target 
_refine_ls_restr.number 
_refine_ls_restr.rejects 
_refine_ls_restr.type 
_refine_ls_restr.weight 
_refine_ls_restr.pdbx_restraint_function 
'X-RAY DIFFRACTION' ? 0.008 ? 1477 ? t_bond_d                  2  HARMONIC     
'X-RAY DIFFRACTION' ? 0.98  ? 2016 ? t_angle_deg               2  HARMONIC     
'X-RAY DIFFRACTION' ? ?     ? 529  ? t_dihedral_angle_d        2  SINUSOIDAL   
'X-RAY DIFFRACTION' ? ?     ? 274  ? t_gen_planes              5  HARMONIC     
'X-RAY DIFFRACTION' ? ?     ? 1477 ? t_it                      10 HARMONIC     
'X-RAY DIFFRACTION' ? ?     ? 193  ? t_chiral_improper_torsion 5  SEMIHARMONIC 
'X-RAY DIFFRACTION' ? ?     ? 1532 ? t_ideal_dist_contact      4  SEMIHARMONIC 
'X-RAY DIFFRACTION' ? 3.73  ? ?    ? t_omega_torsion           ?  ?            
'X-RAY DIFFRACTION' ? 15.72 ? ?    ? t_other_torsion           ?  ?            
# 
_refine_ls_shell.pdbx_refine_id                   'X-RAY DIFFRACTION' 
_refine_ls_shell.d_res_high                       1.5 
_refine_ls_shell.d_res_low                        1.53 
_refine_ls_shell.number_reflns_all                ? 
_refine_ls_shell.number_reflns_obs                620 
_refine_ls_shell.number_reflns_R_free             41 
_refine_ls_shell.number_reflns_R_work             ? 
_refine_ls_shell.percent_reflns_obs               35.8 
_refine_ls_shell.percent_reflns_R_free            ? 
_refine_ls_shell.R_factor_all                     ? 
_refine_ls_shell.R_factor_obs                     0.2871 
_refine_ls_shell.R_factor_R_free_error            ? 
_refine_ls_shell.R_factor_R_work                  0.2851 
_refine_ls_shell.redundancy_reflns_all            ? 
_refine_ls_shell.redundancy_reflns_obs            ? 
_refine_ls_shell.wR_factor_all                    ? 
_refine_ls_shell.wR_factor_obs                    ? 
_refine_ls_shell.wR_factor_R_free                 ? 
_refine_ls_shell.wR_factor_R_work                 ? 
_refine_ls_shell.pdbx_R_complete                  ? 
_refine_ls_shell.pdbx_total_number_of_bins_used   ? 
_refine_ls_shell.pdbx_phase_error                 ? 
_refine_ls_shell.pdbx_fsc_work                    ? 
_refine_ls_shell.pdbx_fsc_free                    ? 
_refine_ls_shell.R_factor_R_free                  0.3146 
# 
_struct.entry_id                     8TXG 
_struct.title                        'Crystal structure of KRAS G12D in complex with GDP and compound 8' 
_struct.pdbx_model_details           ? 
_struct.pdbx_formula_weight          ? 
_struct.pdbx_formula_weight_method   ? 
_struct.pdbx_model_type_details      ? 
_struct.pdbx_CASP_flag               N 
# 
_struct_keywords.entry_id        8TXG 
_struct_keywords.text            'MOLECULE, GTPASE, KRAS, inhibitor, ONCOPROTEIN, ONCOPROTEIN-INHIBITOR complex' 
_struct_keywords.pdbx_keywords   ONCOPROTEIN/INHIBITOR 
# 
loop_
_struct_asym.id 
_struct_asym.pdbx_blank_PDB_chainid_flag 
_struct_asym.pdbx_modified 
_struct_asym.entity_id 
_struct_asym.details 
A N N 1 ? 
B N N 2 ? 
C N N 3 ? 
D N N 4 ? 
E N N 5 ? 
# 
loop_
_struct_conf.conf_type_id 
_struct_conf.id 
_struct_conf.pdbx_PDB_helix_id 
_struct_conf.beg_label_comp_id 
_struct_conf.beg_label_asym_id 
_struct_conf.beg_label_seq_id 
_struct_conf.pdbx_beg_PDB_ins_code 
_struct_conf.end_label_comp_id 
_struct_conf.end_label_asym_id 
_struct_conf.end_label_seq_id 
_struct_conf.pdbx_end_PDB_ins_code 
_struct_conf.beg_auth_comp_id 
_struct_conf.beg_auth_asym_id 
_struct_conf.beg_auth_seq_id 
_struct_conf.end_auth_comp_id 
_struct_conf.end_auth_asym_id 
_struct_conf.end_auth_seq_id 
_struct_conf.pdbx_PDB_helix_class 
_struct_conf.details 
_struct_conf.pdbx_PDB_helix_length 
HELX_P HELX_P1 AA1 GLY A 16  ? ASN A 27  ? GLY A 15  ASN A 26  1 ? 12 
HELX_P HELX_P2 AA2 SER A 66  ? THR A 75  ? SER A 65  THR A 74  1 ? 10 
HELX_P HELX_P3 AA3 ASN A 87  ? ASP A 93  ? ASN A 86  ASP A 92  1 ? 7  
HELX_P HELX_P4 AA4 ASP A 93  ? ASP A 106 ? ASP A 92  ASP A 105 1 ? 14 
HELX_P HELX_P5 AA5 ASP A 127 ? GLY A 139 ? ASP A 126 GLY A 138 1 ? 13 
HELX_P HELX_P6 AA6 GLY A 152 ? GLU A 169 ? GLY A 151 GLU A 168 1 ? 18 
# 
_struct_conf_type.id          HELX_P 
_struct_conf_type.criteria    ? 
_struct_conf_type.reference   ? 
# 
loop_
_struct_conn.id 
_struct_conn.conn_type_id 
_struct_conn.pdbx_leaving_atom_flag 
_struct_conn.pdbx_PDB_id 
_struct_conn.ptnr1_label_asym_id 
_struct_conn.ptnr1_label_comp_id 
_struct_conn.ptnr1_label_seq_id 
_struct_conn.ptnr1_label_atom_id 
_struct_conn.pdbx_ptnr1_label_alt_id 
_struct_conn.pdbx_ptnr1_PDB_ins_code 
_struct_conn.pdbx_ptnr1_standard_comp_id 
_struct_conn.ptnr1_symmetry 
_struct_conn.ptnr2_label_asym_id 
_struct_conn.ptnr2_label_comp_id 
_struct_conn.ptnr2_label_seq_id 
_struct_conn.ptnr2_label_atom_id 
_struct_conn.pdbx_ptnr2_label_alt_id 
_struct_conn.pdbx_ptnr2_PDB_ins_code 
_struct_conn.ptnr1_auth_asym_id 
_struct_conn.ptnr1_auth_comp_id 
_struct_conn.ptnr1_auth_seq_id 
_struct_conn.ptnr2_auth_asym_id 
_struct_conn.ptnr2_auth_comp_id 
_struct_conn.ptnr2_auth_seq_id 
_struct_conn.ptnr2_symmetry 
_struct_conn.pdbx_ptnr3_label_atom_id 
_struct_conn.pdbx_ptnr3_label_seq_id 
_struct_conn.pdbx_ptnr3_label_comp_id 
_struct_conn.pdbx_ptnr3_label_asym_id 
_struct_conn.pdbx_ptnr3_label_alt_id 
_struct_conn.pdbx_ptnr3_PDB_ins_code 
_struct_conn.details 
_struct_conn.pdbx_dist_value 
_struct_conn.pdbx_value_order 
_struct_conn.pdbx_role 
metalc1 metalc ? ? A SER 18 OG  ? ? ? 1_555 C MG  . MG ? ? A SER 17  A MG  202 1_555 ? ? ? ? ? ? ? 2.111 ? ? 
metalc2 metalc ? ? B GDP .  O3B ? ? ? 1_555 C MG  . MG ? ? A GDP 201 A MG  202 1_555 ? ? ? ? ? ? ? 2.042 ? ? 
metalc3 metalc ? ? C MG  .  MG  ? ? ? 1_555 E HOH . O  ? ? A MG  202 A HOH 308 1_555 ? ? ? ? ? ? ? 2.137 ? ? 
metalc4 metalc ? ? C MG  .  MG  ? ? ? 1_555 E HOH . O  ? ? A MG  202 A HOH 313 1_555 ? ? ? ? ? ? ? 2.139 ? ? 
metalc5 metalc ? ? C MG  .  MG  ? ? ? 1_555 E HOH . O  ? ? A MG  202 A HOH 318 1_555 ? ? ? ? ? ? ? 2.071 ? ? 
metalc6 metalc ? ? C MG  .  MG  ? ? ? 1_555 E HOH . O  ? ? A MG  202 A HOH 361 1_555 ? ? ? ? ? ? ? 2.073 ? ? 
# 
_struct_conn_type.id          metalc 
_struct_conn_type.criteria    ? 
_struct_conn_type.reference   ? 
# 
_struct_sheet.id               AA1 
_struct_sheet.type             ? 
_struct_sheet.number_strands   6 
_struct_sheet.details          ? 
# 
loop_
_struct_sheet_order.sheet_id 
_struct_sheet_order.range_id_1 
_struct_sheet_order.range_id_2 
_struct_sheet_order.offset 
_struct_sheet_order.sense 
AA1 1 2 ? anti-parallel 
AA1 2 3 ? parallel      
AA1 3 4 ? parallel      
AA1 4 5 ? parallel      
AA1 5 6 ? parallel      
# 
loop_
_struct_sheet_range.sheet_id 
_struct_sheet_range.id 
_struct_sheet_range.beg_label_comp_id 
_struct_sheet_range.beg_label_asym_id 
_struct_sheet_range.beg_label_seq_id 
_struct_sheet_range.pdbx_beg_PDB_ins_code 
_struct_sheet_range.end_label_comp_id 
_struct_sheet_range.end_label_asym_id 
_struct_sheet_range.end_label_seq_id 
_struct_sheet_range.pdbx_end_PDB_ins_code 
_struct_sheet_range.beg_auth_comp_id 
_struct_sheet_range.beg_auth_asym_id 
_struct_sheet_range.beg_auth_seq_id 
_struct_sheet_range.end_auth_comp_id 
_struct_sheet_range.end_auth_asym_id 
_struct_sheet_range.end_auth_seq_id 
AA1 1 ASP A 39  ? ILE A 47  ? ASP A 38  ILE A 46  
AA1 2 GLU A 50  ? ASP A 58  ? GLU A 49  ASP A 57  
AA1 3 THR A 3   ? VAL A 10  ? THR A 2   VAL A 9   
AA1 4 GLY A 78  ? ALA A 84  ? GLY A 77  ALA A 83  
AA1 5 MET A 112 ? ASN A 117 ? MET A 111 ASN A 116 
AA1 6 PHE A 142 ? GLU A 144 ? PHE A 141 GLU A 143 
# 
loop_
_pdbx_struct_sheet_hbond.sheet_id 
_pdbx_struct_sheet_hbond.range_id_1 
_pdbx_struct_sheet_hbond.range_id_2 
_pdbx_struct_sheet_hbond.range_1_label_atom_id 
_pdbx_struct_sheet_hbond.range_1_label_comp_id 
_pdbx_struct_sheet_hbond.range_1_label_asym_id 
_pdbx_struct_sheet_hbond.range_1_label_seq_id 
_pdbx_struct_sheet_hbond.range_1_PDB_ins_code 
_pdbx_struct_sheet_hbond.range_1_auth_atom_id 
_pdbx_struct_sheet_hbond.range_1_auth_comp_id 
_pdbx_struct_sheet_hbond.range_1_auth_asym_id 
_pdbx_struct_sheet_hbond.range_1_auth_seq_id 
_pdbx_struct_sheet_hbond.range_2_label_atom_id 
_pdbx_struct_sheet_hbond.range_2_label_comp_id 
_pdbx_struct_sheet_hbond.range_2_label_asym_id 
_pdbx_struct_sheet_hbond.range_2_label_seq_id 
_pdbx_struct_sheet_hbond.range_2_PDB_ins_code 
_pdbx_struct_sheet_hbond.range_2_auth_atom_id 
_pdbx_struct_sheet_hbond.range_2_auth_comp_id 
_pdbx_struct_sheet_hbond.range_2_auth_asym_id 
_pdbx_struct_sheet_hbond.range_2_auth_seq_id 
AA1 1 2 N LYS A 43  ? N LYS A 42  O LEU A 54  ? O LEU A 53  
AA1 2 3 O LEU A 57  ? O LEU A 56  N VAL A 9   ? N VAL A 8   
AA1 3 4 N VAL A 10  ? N VAL A 9   O VAL A 82  ? O VAL A 81  
AA1 4 5 N PHE A 83  ? N PHE A 82  O ASN A 117 ? O ASN A 116 
AA1 5 6 N LEU A 114 ? N LEU A 113 O ILE A 143 ? O ILE A 142 
# 
_atom_sites.entry_id                    8TXG 
_atom_sites.Cartn_transf_matrix[1][1]   ? 
_atom_sites.Cartn_transf_matrix[1][2]   ? 
_atom_sites.Cartn_transf_matrix[1][3]   ? 
_atom_sites.Cartn_transf_matrix[2][1]   ? 
_atom_sites.Cartn_transf_matrix[2][2]   ? 
_atom_sites.Cartn_transf_matrix[2][3]   ? 
_atom_sites.Cartn_transf_matrix[3][1]   ? 
_atom_sites.Cartn_transf_matrix[3][2]   ? 
_atom_sites.Cartn_transf_matrix[3][3]   ? 
_atom_sites.Cartn_transf_vector[1]      ? 
_atom_sites.Cartn_transf_vector[2]      ? 
_atom_sites.Cartn_transf_vector[3]      ? 
_atom_sites.Cartn_transform_axes        ? 
_atom_sites.fract_transf_matrix[1][1]   -0.01063289 
_atom_sites.fract_transf_matrix[1][2]   0.01132429 
_atom_sites.fract_transf_matrix[1][3]   0.00023249 
_atom_sites.fract_transf_matrix[2][1]   0.00394071 
_atom_sites.fract_transf_matrix[2][2]   0.01444174 
_atom_sites.fract_transf_matrix[2][3]   -0.00415251 
_atom_sites.fract_transf_matrix[3][1]   -0.00118742 
_atom_sites.fract_transf_matrix[3][2]   -0.00101903 
_atom_sites.fract_transf_matrix[3][3]   -0.00467088 
_atom_sites.fract_transf_vector[1]      -0.456900 
_atom_sites.fract_transf_vector[2]      -0.429763 
_atom_sites.fract_transf_vector[3]      0.074943 
_atom_sites.solution_primary            ? 
_atom_sites.solution_secondary          ? 
_atom_sites.solution_hydrogens          ? 
_atom_sites.special_details             ? 
# 
loop_
_atom_type.symbol 
C  
CL 
F  
MG 
N  
O  
P  
S  
# 
loop_
_atom_site.group_PDB 
_atom_site.id 
_atom_site.type_symbol 
_atom_site.label_atom_id 
_atom_site.label_alt_id 
_atom_site.label_comp_id 
_atom_site.label_asym_id 
_atom_site.label_entity_id 
_atom_site.label_seq_id 
_atom_site.pdbx_PDB_ins_code 
_atom_site.Cartn_x 
_atom_site.Cartn_y 
_atom_site.Cartn_z 
_atom_site.occupancy 
_atom_site.B_iso_or_equiv 
_atom_site.pdbx_formal_charge 
_atom_site.auth_seq_id 
_atom_site.auth_comp_id 
_atom_site.auth_asym_id 
_atom_site.auth_atom_id 
_atom_site.pdbx_PDB_model_num 
ATOM   1    N  N     . GLY A 1 1   ? -25.735 -4.619  -5.435  1    36.65 ? 0   GLY A N     1 
ATOM   2    C  CA    . GLY A 1 1   ? -24.422 -4.944  -5.995  1    36.43 ? 0   GLY A CA    1 
ATOM   3    C  C     . GLY A 1 1   ? -23.282 -4.506  -5.074  1    34.69 ? 0   GLY A C     1 
ATOM   4    O  O     . GLY A 1 1   ? -23.441 -3.551  -4.302  1    34.78 ? 0   GLY A O     1 
ATOM   5    N  N     . MET A 1 2   ? -22.141 -5.225  -5.134  1    32.6  ? 1   MET A N     1 
ATOM   6    C  CA    . MET A 1 2   ? -21.029 -4.867  -4.261  1    31.04 ? 1   MET A CA    1 
ATOM   7    C  C     . MET A 1 2   ? -20.267 -3.657  -4.776  1    28.6  ? 1   MET A C     1 
ATOM   8    O  O     . MET A 1 2   ? -20.357 -3.299  -5.953  1    29.12 ? 1   MET A O     1 
ATOM   9    C  CB    . MET A 1 2   ? -20.114 -6.043  -3.930  1    32.41 ? 1   MET A CB    1 
ATOM   10   C  CG    . MET A 1 2   ? -19.475 -6.705  -5.079  1    35.82 ? 1   MET A CG    1 
ATOM   11   S  SD    . MET A 1 2   ? -18.970 -8.327  -4.440  1    43.08 ? 1   MET A SD    1 
ATOM   12   C  CE    . MET A 1 2   ? -20.584 -9.128  -4.323  1    45.08 ? 1   MET A CE    1 
ATOM   13   N  N     . THR A 1 3   ? -19.557 -2.994  -3.865  1    25.83 ? 2   THR A N     1 
ATOM   14   C  CA    . THR A 1 3   ? -18.823 -1.790  -4.219  1    24.46 ? 2   THR A CA    1 
ATOM   15   C  C     . THR A 1 3   ? -17.397 -2.160  -4.537  1    22.54 ? 2   THR A C     1 
ATOM   16   O  O     . THR A 1 3   ? -16.730 -2.750  -3.702  1    21.89 ? 2   THR A O     1 
ATOM   17   C  CB    . THR A 1 3   ? -18.851 -0.810  -3.067  1    25.88 ? 2   THR A CB    1 
ATOM   18   O  OG1   . THR A 1 3   ? -20.199 -0.620  -2.610  1    26.63 ? 2   THR A OG1   1 
ATOM   19   C  CG2   . THR A 1 3   ? -18.240 0.527   -3.433  1    26.26 ? 2   THR A CG2   1 
ATOM   20   N  N     . GLU A 1 4   ? -16.917 -1.795  -5.720  1    21.55 ? 3   GLU A N     1 
ATOM   21   C  CA    . GLU A 1 4   ? -15.550 -2.085  -6.112  1    21.49 ? 3   GLU A CA    1 
ATOM   22   C  C     . GLU A 1 4   ? -14.596 -0.967  -5.703  1    20.65 ? 3   GLU A C     1 
ATOM   23   O  O     . GLU A 1 4   ? -14.923 0.212   -5.859  1    21.44 ? 3   GLU A O     1 
ATOM   24   C  CB    . GLU A 1 4   ? -15.463 -2.330  -7.618  1    25.28 ? 3   GLU A CB    1 
ATOM   25   C  CG    . GLU A 1 4   ? -14.132 -2.942  -8.019  1    31.89 ? 3   GLU A CG    1 
ATOM   26   C  CD    . GLU A 1 4   ? -13.314 -2.102  -8.974  1    42.05 ? 3   GLU A CD    1 
ATOM   27   O  OE1   . GLU A 1 4   ? -12.409 -2.667  -9.634  1    43.19 ? 3   GLU A OE1   1 
ATOM   28   O  OE2   . GLU A 1 4   ? -13.588 -0.882  -9.073  1    45.16 ? 3   GLU A OE2   1 
ATOM   29   N  N     . TYR A 1 5   ? -13.431 -1.348  -5.125  1    18.8  ? 4   TYR A N     1 
ATOM   30   C  CA    . TYR A 1 5   ? -12.387 -0.424  -4.713  1    18.26 ? 4   TYR A CA    1 
ATOM   31   C  C     . TYR A 1 5   ? -11.111 -0.825  -5.415  1    17.96 ? 4   TYR A C     1 
ATOM   32   O  O     . TYR A 1 5   ? -10.700 -1.992  -5.332  1    18.66 ? 4   TYR A O     1 
ATOM   33   C  CB    . TYR A 1 5   ? -12.170 -0.475  -3.197  1    18.41 ? 4   TYR A CB    1 
ATOM   34   C  CG    . TYR A 1 5   ? -13.312 0.122   -2.412  1    19.06 ? 4   TYR A CG    1 
ATOM   35   C  CD1   . TYR A 1 5   ? -13.319 1.463   -2.075  1    20.02 ? 4   TYR A CD1   1 
ATOM   36   C  CD2   . TYR A 1 5   ? -14.383 -0.662  -1.995  1    19.14 ? 4   TYR A CD2   1 
ATOM   37   C  CE1   . TYR A 1 5   ? -14.372 2.022   -1.364  1    20.42 ? 4   TYR A CE1   1 
ATOM   38   C  CE2   . TYR A 1 5   ? -15.423 -0.122  -1.250  1    19.98 ? 4   TYR A CE2   1 
ATOM   39   C  CZ    . TYR A 1 5   ? -15.419 1.226   -0.946  1    21.18 ? 4   TYR A CZ    1 
ATOM   40   O  OH    . TYR A 1 5   ? -16.446 1.773   -0.215  1    21.34 ? 4   TYR A OH    1 
ATOM   41   N  N     . LYS A 1 6   ? -10.483 0.126   -6.122  1    17.08 ? 5   LYS A N     1 
ATOM   42   C  CA    . LYS A 1 6   ? -9.243  -0.168  -6.831  1    16.32 ? 5   LYS A CA    1 
ATOM   43   C  C     . LYS A 1 6   ? -8.106  0.338   -5.951  1    16.48 ? 5   LYS A C     1 
ATOM   44   O  O     . LYS A 1 6   ? -7.923  1.555   -5.784  1    16.57 ? 5   LYS A O     1 
ATOM   45   C  CB    . LYS A 1 6   ? -9.222  0.548   -8.193  1    18.05 ? 5   LYS A CB    1 
ATOM   46   C  CG    . LYS A 1 6   ? -10.322 0.009   -9.108  1    23.45 ? 5   LYS A CG    1 
ATOM   47   C  CD    . LYS A 1 6   ? -10.321 0.679   -10.482 1    30.6  ? 5   LYS A CD    1 
ATOM   48   C  CE    . LYS A 1 6   ? -11.499 0.244   -11.326 1    37.62 ? 5   LYS A CE    1 
ATOM   49   N  NZ    . LYS A 1 6   ? -11.478 0.876   -12.676 1    42.76 ? 5   LYS A NZ    1 
ATOM   50   N  N     . LEU A 1 7   ? -7.359  -0.603  -5.388  1    15.92 ? 6   LEU A N     1 
ATOM   51   C  CA    . LEU A 1 7   ? -6.234  -0.304  -4.495  1    16.15 ? 6   LEU A CA    1 
ATOM   52   C  C     . LEU A 1 7   ? -4.938  -0.574  -5.208  1    16.71 ? 6   LEU A C     1 
ATOM   53   O  O     . LEU A 1 7   ? -4.862  -1.493  -6.024  1    17.66 ? 6   LEU A O     1 
ATOM   54   C  CB    . LEU A 1 7   ? -6.286  -1.182  -3.227  1    16.8  ? 6   LEU A CB    1 
ATOM   55   C  CG    . LEU A 1 7   ? -7.643  -1.283  -2.518  1    18.8  ? 6   LEU A CG    1 
ATOM   56   C  CD1   . LEU A 1 7   ? -7.492  -2.036  -1.200  1    19.42 ? 6   LEU A CD1   1 
ATOM   57   C  CD2   . LEU A 1 7   ? -8.250  0.082   -2.256  1    19.47 ? 6   LEU A CD2   1 
ATOM   58   N  N     . VAL A 1 8   ? -3.920  0.247   -4.951  1    15.86 ? 7   VAL A N     1 
ATOM   59   C  CA    . VAL A 1 8   ? -2.617  0.076   -5.590  1    15.77 ? 7   VAL A CA    1 
ATOM   60   C  C     . VAL A 1 8   ? -1.552  0.043   -4.507  1    15.74 ? 7   VAL A C     1 
ATOM   61   O  O     . VAL A 1 8   ? -1.563  0.890   -3.611  1    16.45 ? 7   VAL A O     1 
ATOM   62   C  CB    . VAL A 1 8   ? -2.321  1.157   -6.637  1    16.83 ? 7   VAL A CB    1 
ATOM   63   C  CG1   . VAL A 1 8   ? -0.970  0.916   -7.312  1    17.73 ? 7   VAL A CG1   1 
ATOM   64   C  CG2   . VAL A 1 8   ? -3.441  1.230   -7.684  1    17.16 ? 7   VAL A CG2   1 
ATOM   65   N  N     . VAL A 1 9   ? -0.676  -0.963  -4.557  1    13.91 ? 8   VAL A N     1 
ATOM   66   C  CA    . VAL A 1 9   ? 0.390   -1.099  -3.583  1    14.68 ? 8   VAL A CA    1 
ATOM   67   C  C     . VAL A 1 9   ? 1.705   -0.674  -4.244  1    15.15 ? 8   VAL A C     1 
ATOM   68   O  O     . VAL A 1 9   ? 2.109   -1.260  -5.254  1    15.17 ? 8   VAL A O     1 
ATOM   69   C  CB    . VAL A 1 9   ? 0.456   -2.544  -3.022  1    15.85 ? 8   VAL A CB    1 
ATOM   70   C  CG1   . VAL A 1 9   ? 1.490   -2.607  -1.893  1    16.12 ? 8   VAL A CG1   1 
ATOM   71   C  CG2   . VAL A 1 9   ? -0.925  -2.982  -2.509  1    16.35 ? 8   VAL A CG2   1 
ATOM   72   N  N     . VAL A 1 10  ? 2.325   0.384   -3.722  1    14.62 ? 9   VAL A N     1 
ATOM   73   C  CA    . VAL A 1 10  ? 3.572   0.954   -4.255  1    15.08 ? 9   VAL A CA    1 
ATOM   74   C  C     . VAL A 1 10  ? 4.663   0.989   -3.186  1    15.67 ? 9   VAL A C     1 
ATOM   75   O  O     . VAL A 1 10  ? 4.388   0.851   -1.988  1    15.09 ? 9   VAL A O     1 
ATOM   76   C  CB    . VAL A 1 10  ? 3.372   2.328   -4.945  1    16.16 ? 9   VAL A CB    1 
ATOM   77   C  CG1   . VAL A 1 10  ? 2.325   2.223   -6.045  1    17.11 ? 9   VAL A CG1   1 
ATOM   78   C  CG2   . VAL A 1 10  ? 2.977   3.395   -3.933  1    16.24 ? 9   VAL A CG2   1 
ATOM   79   N  N     . GLY A 1 11  ? 5.902   1.151   -3.628  1    14.75 ? 10  GLY A N     1 
ATOM   80   C  CA    . GLY A 1 11  ? 7.058   1.144   -2.744  1    14.48 ? 10  GLY A CA    1 
ATOM   81   C  C     . GLY A 1 11  ? 8.237   0.412   -3.360  1    14.18 ? 10  GLY A C     1 
ATOM   82   O  O     . GLY A 1 11  ? 8.093   -0.335  -4.334  1    15.24 ? 10  GLY A O     1 
ATOM   83   N  N     . ALA A 1 12  ? 9.405   0.609   -2.772  1    14.81 ? 11  ALA A N     1 
ATOM   84   C  CA    . ALA A 1 12  ? 10.652  0.027   -3.258  1    14.89 ? 11  ALA A CA    1 
ATOM   85   C  C     . ALA A 1 12  ? 10.621  -1.493  -3.371  1    15.15 ? 11  ALA A C     1 
ATOM   86   O  O     . ALA A 1 12  ? 9.780   -2.160  -2.745  1    15.16 ? 11  ALA A O     1 
ATOM   87   C  CB    . ALA A 1 12  ? 11.792  0.467   -2.338  1    15.25 ? 11  ALA A CB    1 
ATOM   88   N  N     . ASP A 1 13  ? 11.525  -2.066  -4.177  1    14.79 ? 12  ASP A N     1 
ATOM   89   C  CA    . ASP A 1 13  ? 11.592  -3.508  -4.303  1    15.35 ? 12  ASP A CA    1 
ATOM   90   C  C     . ASP A 1 13  ? 11.958  -4.136  -2.948  1    15.65 ? 12  ASP A C     1 
ATOM   91   O  O     . ASP A 1 13  ? 12.753  -3.580  -2.186  1    16.69 ? 12  ASP A O     1 
ATOM   92   C  CB    . ASP A 1 13  ? 12.689  -3.900  -5.270  1    17.06 ? 12  ASP A CB    1 
ATOM   93   C  CG    . ASP A 1 13  ? 12.350  -3.679  -6.720  1    19.48 ? 12  ASP A CG    1 
ATOM   94   O  OD1   . ASP A 1 13  ? 11.152  -3.759  -7.068  1    17.72 ? 12  ASP A OD1   1 
ATOM   95   O  OD2   . ASP A 1 13  ? 13.285  -3.412  -7.510  1    20.23 ? 12  ASP A OD2   1 
ATOM   96   N  N     . GLY A 1 14  ? 11.367  -5.275  -2.673  1    15.68 ? 13  GLY A N     1 
ATOM   97   C  CA    . GLY A 1 14  ? 11.735  -6.048  -1.499  1    16.32 ? 13  GLY A CA    1 
ATOM   98   C  C     . GLY A 1 14  ? 11.156  -5.569  -0.185  1    17.44 ? 13  GLY A C     1 
ATOM   99   O  O     . GLY A 1 14  ? 11.545  -6.093  0.866   1    17.73 ? 13  GLY A O     1 
ATOM   100  N  N     . VAL A 1 15  ? 10.218  -4.601  -0.208  1    16.01 ? 14  VAL A N     1 
ATOM   101  C  CA    . VAL A 1 15  ? 9.635   -4.113  1.053   1    15.81 ? 14  VAL A CA    1 
ATOM   102  C  C     . VAL A 1 15  ? 8.517   -5.004  1.602   1    16.18 ? 14  VAL A C     1 
ATOM   103  O  O     . VAL A 1 15  ? 8.169   -4.860  2.777   1    15.79 ? 14  VAL A O     1 
ATOM   104  C  CB    . VAL A 1 15  ? 9.164   -2.654  0.974   1    16.52 ? 14  VAL A CB    1 
ATOM   105  C  CG1   . VAL A 1 15  ? 10.323  -1.732  0.616   1    17.02 ? 14  VAL A CG1   1 
ATOM   106  C  CG2   . VAL A 1 15  ? 7.991   -2.491  0.005   1    16.84 ? 14  VAL A CG2   1 
ATOM   107  N  N     . GLY A 1 16  ? 7.952   -5.864  0.756   1    16.5  ? 15  GLY A N     1 
ATOM   108  C  CA    . GLY A 1 16  ? 6.871   -6.743  1.174   1    15.66 ? 15  GLY A CA    1 
ATOM   109  C  C     . GLY A 1 16  ? 5.534   -6.446  0.529   1    15.78 ? 15  GLY A C     1 
ATOM   110  O  O     . GLY A 1 16  ? 4.501   -6.864  1.032   1    16.02 ? 15  GLY A O     1 
ATOM   111  N  N     . LYS A 1 17  ? 5.526   -5.745  -0.633  1    15.16 ? 16  LYS A N     1 
ATOM   112  C  CA    . LYS A 1 17  ? 4.255   -5.439  -1.302  1    14.71 ? 16  LYS A CA    1 
ATOM   113  C  C     . LYS A 1 17  ? 3.526   -6.729  -1.680  1    15.1  ? 16  LYS A C     1 
ATOM   114  O  O     . LYS A 1 17  ? 2.317   -6.858  -1.418  1    15.52 ? 16  LYS A O     1 
ATOM   115  C  CB    . LYS A 1 17  ? 4.508   -4.610  -2.571  1    15.04 ? 16  LYS A CB    1 
ATOM   116  C  CG    . LYS A 1 17  ? 5.170   -3.258  -2.300  1    15.02 ? 16  LYS A CG    1 
ATOM   117  C  CD    . LYS A 1 17  ? 5.306   -2.410  -3.567  1    15.75 ? 16  LYS A CD    1 
ATOM   118  C  CE    . LYS A 1 17  ? 6.128   -3.070  -4.642  1    15.99 ? 16  LYS A CE    1 
ATOM   119  N  NZ    . LYS A 1 17  ? 7.526   -3.324  -4.187  1    15.99 ? 16  LYS A NZ    1 
ATOM   120  N  N     . SER A 1 18  ? 4.252   -7.694  -2.255  1    14.61 ? 17  SER A N     1 
ATOM   121  C  CA    . SER A 1 18  ? 3.619   -8.952  -2.653  1    14.76 ? 17  SER A CA    1 
ATOM   122  C  C     . SER A 1 18  ? 3.197   -9.762  -1.444  1    16.09 ? 17  SER A C     1 
ATOM   123  O  O     . SER A 1 18  ? 2.065   -10.231 -1.402  1    16.49 ? 17  SER A O     1 
ATOM   124  C  CB    . SER A 1 18  ? 4.538   -9.757  -3.558  1    16.31 ? 17  SER A CB    1 
ATOM   125  O  OG    . SER A 1 18  ? 4.731   -9.066  -4.786  1    17.4  ? 17  SER A OG    1 
ATOM   126  N  N     . ALA A 1 19  ? 4.066   -9.884  -0.440  1    16.32 ? 18  ALA A N     1 
ATOM   127  C  CA    . ALA A 1 19  ? 3.720   -10.665 0.759   1    16.32 ? 18  ALA A CA    1 
ATOM   128  C  C     . ALA A 1 19  ? 2.498   -10.039 1.466   1    16.89 ? 18  ALA A C     1 
ATOM   129  O  O     . ALA A 1 19  ? 1.625   -10.778 1.925   1    17.55 ? 18  ALA A O     1 
ATOM   130  C  CB    . ALA A 1 19  ? 4.898   -10.748 1.706   1    16.79 ? 18  ALA A CB    1 
ATOM   131  N  N     . LEU A 1 20  ? 2.418   -8.706  1.527   1    15.87 ? 19  LEU A N     1 
ATOM   132  C  CA    . LEU A 1 20  ? 1.239   -8.044  2.142   1    15.83 ? 19  LEU A CA    1 
ATOM   133  C  C     . LEU A 1 20  ? -0.037  -8.359  1.360   1    16.57 ? 19  LEU A C     1 
ATOM   134  O  O     . LEU A 1 20  ? -1.050  -8.717  1.953   1    17.5  ? 19  LEU A O     1 
ATOM   135  C  CB    . LEU A 1 20  ? 1.419   -6.527  2.190   1    16.82 ? 19  LEU A CB    1 
ATOM   136  C  CG    . LEU A 1 20  ? 2.365   -6.025  3.272   1    18.15 ? 19  LEU A CG    1 
ATOM   137  C  CD1   . LEU A 1 20  ? 2.754   -4.560  3.034   1    18.64 ? 19  LEU A CD1   1 
ATOM   138  C  CD2   . LEU A 1 20  ? 1.746   -6.202  4.674   1    18.71 ? 19  LEU A CD2   1 
ATOM   139  N  N     . THR A 1 21  ? 0.024   -8.241  0.026   1    15.96 ? 20  THR A N     1 
ATOM   140  C  CA    . THR A 1 21  ? -1.131  -8.466  -0.840  1    16.8  ? 20  THR A CA    1 
ATOM   141  C  C     . THR A 1 21  ? -1.591  -9.917  -0.753  1    18.27 ? 20  THR A C     1 
ATOM   142  O  O     . THR A 1 21  ? -2.790  -10.186 -0.575  1    19.61 ? 20  THR A O     1 
ATOM   143  C  CB    . THR A 1 21  ? -0.737  -8.093  -2.267  1    17.62 ? 20  THR A CB    1 
ATOM   144  O  OG1   . THR A 1 21  ? -0.419  -6.700  -2.272  1    18.17 ? 20  THR A OG1   1 
ATOM   145  C  CG2   . THR A 1 21  ? -1.868  -8.341  -3.255  1    19.1  ? 20  THR A CG2   1 
ATOM   146  N  N     . ILE A 1 22  ? -0.628  -10.862 -0.794  1    18.27 ? 21  ILE A N     1 
ATOM   147  C  CA    . ILE A 1 22  ? -0.977  -12.268 -0.714  1    18.63 ? 21  ILE A CA    1 
ATOM   148  C  C     . ILE A 1 22  ? -1.535  -12.610 0.670   1    19.1  ? 21  ILE A C     1 
ATOM   149  O  O     . ILE A 1 22  ? -2.500  -13.358 0.761   1    19.81 ? 21  ILE A O     1 
ATOM   150  C  CB    . ILE A 1 22  ? 0.199   -13.147 -1.158  1    20.66 ? 21  ILE A CB    1 
ATOM   151  C  CG1   . ILE A 1 22  ? 0.504   -12.883 -2.645  1    21.35 ? 21  ILE A CG1   1 
ATOM   152  C  CG2   . ILE A 1 22  ? -0.117  -14.616 -0.892  1    21.51 ? 21  ILE A CG2   1 
ATOM   153  C  CD1   . ILE A 1 22  ? 1.906   -13.254 -3.058  1    23.44 ? 21  ILE A CD1   1 
ATOM   154  N  N     . GLN A 1 23  ? -1.026  -11.970 1.738   1    17.99 ? 22  GLN A N     1 
ATOM   155  C  CA    . GLN A 1 23  ? -1.588  -12.199 3.083   1    19.11 ? 22  GLN A CA    1 
ATOM   156  C  C     . GLN A 1 23  ? -3.062  -11.781 3.126   1    20.36 ? 22  GLN A C     1 
ATOM   157  O  O     . GLN A 1 23  ? -3.905  -12.521 3.669   1    21.19 ? 22  GLN A O     1 
ATOM   158  C  CB    . GLN A 1 23  ? -0.820  -11.433 4.156   1    20.74 ? 22  GLN A CB    1 
ATOM   159  C  CG    . GLN A 1 23  ? 0.231   -12.253 4.822   1    23.8  ? 22  GLN A CG    1 
ATOM   160  C  CD    . GLN A 1 23  ? -0.331  -13.309 5.759   1    24.45 ? 22  GLN A CD    1 
ATOM   161  O  OE1   . GLN A 1 23  ? -1.510  -13.709 5.705   1    25.95 ? 22  GLN A OE1   1 
ATOM   162  N  NE2   . GLN A 1 23  ? 0.518   -13.788 6.623   1    23.8  ? 22  GLN A NE2   1 
ATOM   163  N  N     . LEU A 1 24  ? -3.380  -10.642 2.510   1    20.23 ? 23  LEU A N     1 
ATOM   164  C  CA    . LEU A 1 24  ? -4.752  -10.178 2.481   1    21.78 ? 23  LEU A CA    1 
ATOM   165  C  C     . LEU A 1 24  ? -5.639  -11.113 1.669   1    23.77 ? 23  LEU A C     1 
ATOM   166  O  O     . LEU A 1 24  ? -6.710  -11.485 2.143   1    24.67 ? 23  LEU A O     1 
ATOM   167  C  CB    . LEU A 1 24  ? -4.860  -8.749  1.955   1    22.08 ? 23  LEU A CB    1 
ATOM   168  C  CG    . LEU A 1 24  ? -6.279  -8.201  2.127   1    24.77 ? 23  LEU A CG    1 
ATOM   169  C  CD1   . LEU A 1 24  ? -6.490  -7.652  3.509   1    25.3  ? 23  LEU A CD1   1 
ATOM   170  C  CD2   . LEU A 1 24  ? -6.615  -7.214  1.090   1    26.87 ? 23  LEU A CD2   1 
ATOM   171  N  N     . ILE A 1 25  ? -5.205  -11.503 0.462   1    24.55 ? 24  ILE A N     1 
ATOM   172  C  CA    . ILE A 1 25  ? -6.026  -12.355 -0.399  1    26.49 ? 24  ILE A CA    1 
ATOM   173  C  C     . ILE A 1 25  ? -6.143  -13.804 0.101   1    27.82 ? 24  ILE A C     1 
ATOM   174  O  O     . ILE A 1 25  ? -7.245  -14.360 0.117   1    29.26 ? 24  ILE A O     1 
ATOM   175  C  CB    . ILE A 1 25  ? -5.484  -12.350 -1.854  1    27.65 ? 24  ILE A CB    1 
ATOM   176  C  CG1   . ILE A 1 25  ? -5.268  -10.915 -2.395  1    28.8  ? 24  ILE A CG1   1 
ATOM   177  C  CG2   . ILE A 1 25  ? -6.350  -13.209 -2.811  1    28.46 ? 24  ILE A CG2   1 
ATOM   178  C  CD1   . ILE A 1 25  ? -6.437  -10.140 -2.651  1    30.26 ? 24  ILE A CD1   1 
ATOM   179  N  N     . GLN A 1 26  ? -5.025  -14.413 0.491   1    27.13 ? 25  GLN A N     1 
ATOM   180  C  CA    . GLN A 1 26  ? -4.938  -15.841 0.816   1    27.57 ? 25  GLN A CA    1 
ATOM   181  C  C     . GLN A 1 26  ? -4.754  -16.225 2.276   1    27.74 ? 25  GLN A C     1 
ATOM   182  O  O     . GLN A 1 26  ? -4.794  -17.412 2.561   1    28.41 ? 25  GLN A O     1 
ATOM   183  C  CB    . GLN A 1 26  ? -3.811  -16.490 -0.011  1    29.23 ? 25  GLN A CB    1 
ATOM   184  C  CG    . GLN A 1 26  ? -3.960  -16.207 -1.503  1    34.09 ? 25  GLN A CG    1 
ATOM   185  C  CD    . GLN A 1 26  ? -2.883  -16.803 -2.368  1    41.5  ? 25  GLN A CD    1 
ATOM   186  O  OE1   . GLN A 1 26  ? -2.012  -17.541 -1.913  1    45    ? 25  GLN A OE1   1 
ATOM   187  N  NE2   . GLN A 1 26  ? -2.926  -16.490 -3.649  1    42.81 ? 25  GLN A NE2   1 
ATOM   188  N  N     . ASN A 1 27  ? -4.538  -15.279 3.192   1    27.66 ? 26  ASN A N     1 
ATOM   189  C  CA    . ASN A 1 27  ? -4.369  -15.554 4.623   1    28.79 ? 26  ASN A CA    1 
ATOM   190  C  C     . ASN A 1 27  ? -3.174  -16.449 4.934   1    28.78 ? 26  ASN A C     1 
ATOM   191  O  O     . ASN A 1 27  ? -3.190  -17.203 5.904   1    29.42 ? 26  ASN A O     1 
ATOM   192  C  CB    . ASN A 1 27  ? -5.666  -16.103 5.279   1    31.91 ? 26  ASN A CB    1 
ATOM   193  C  CG    . ASN A 1 27  ? -5.703  -16.034 6.796   1    39.38 ? 26  ASN A CG    1 
ATOM   194  O  OD1   . ASN A 1 27  ? -5.800  -14.962 7.399   1    41.83 ? 26  ASN A OD1   1 
ATOM   195  N  ND2   . ASN A 1 27  ? -5.628  -17.188 7.458   1    41.14 ? 26  ASN A ND2   1 
ATOM   196  N  N     . HIS A 1 28  ? -2.117  -16.337 4.136   1    27.28 ? 27  HIS A N     1 
ATOM   197  C  CA    . HIS A 1 28  ? -0.877  -17.041 4.430   1    27.11 ? 27  HIS A CA    1 
ATOM   198  C  C     . HIS A 1 28  ? 0.303   -16.236 3.964   1    24.81 ? 27  HIS A C     1 
ATOM   199  O  O     . HIS A 1 28  ? 0.180   -15.396 3.065   1    24.28 ? 27  HIS A O     1 
ATOM   200  C  CB    . HIS A 1 28  ? -0.825  -18.511 3.968   1    29.32 ? 27  HIS A CB    1 
ATOM   201  C  CG    . HIS A 1 28  ? -1.012  -18.765 2.509   1    34.62 ? 27  HIS A CG    1 
ATOM   202  N  ND1   . HIS A 1 28  ? -1.682  -19.893 2.064   1    37.76 ? 27  HIS A ND1   1 
ATOM   203  C  CD2   . HIS A 1 28  ? -0.547  -18.085 1.436   1    36.71 ? 27  HIS A CD2   1 
ATOM   204  C  CE1   . HIS A 1 28  ? -1.631  -19.847 0.742   1    38.41 ? 27  HIS A CE1   1 
ATOM   205  N  NE2   . HIS A 1 28  ? -0.958  -18.776 0.317   1    38.13 ? 27  HIS A NE2   1 
ATOM   206  N  N     . PHE A 1 29  ? 1.421   -16.429 4.642   1    23.26 ? 28  PHE A N     1 
ATOM   207  C  CA    . PHE A 1 29  ? 2.647   -15.744 4.288   1    22.26 ? 28  PHE A CA    1 
ATOM   208  C  C     . PHE A 1 29  ? 3.346   -16.508 3.187   1    21.8  ? 28  PHE A C     1 
ATOM   209  O  O     . PHE A 1 29  ? 3.657   -17.684 3.380   1    22.8  ? 28  PHE A O     1 
ATOM   210  C  CB    . PHE A 1 29  ? 3.583   -15.646 5.504   1    21.56 ? 28  PHE A CB    1 
ATOM   211  C  CG    . PHE A 1 29  ? 4.952   -15.069 5.209   1    21.5  ? 28  PHE A CG    1 
ATOM   212  C  CD1   . PHE A 1 29  ? 5.087   -13.862 4.543   1    22.06 ? 28  PHE A CD1   1 
ATOM   213  C  CD2   . PHE A 1 29  ? 6.103   -15.735 5.600   1    21.94 ? 28  PHE A CD2   1 
ATOM   214  C  CE1   . PHE A 1 29  ? 6.349   -13.319 4.306   1    22.48 ? 28  PHE A CE1   1 
ATOM   215  C  CE2   . PHE A 1 29  ? 7.359   -15.195 5.351   1    22.36 ? 28  PHE A CE2   1 
ATOM   216  C  CZ    . PHE A 1 29  ? 7.476   -13.988 4.707   1    22.45 ? 28  PHE A CZ    1 
ATOM   217  N  N     . VAL A 1 30  ? 3.625   -15.847 2.057   1    20.24 ? 29  VAL A N     1 
ATOM   218  C  CA    A VAL A 1 30  ? 4.386   -16.477 0.994   0.5  20.98 ? 29  VAL A CA    1 
ATOM   219  C  CA    B VAL A 1 30  ? 4.372   -16.451 0.962   0.5  19.81 ? 29  VAL A CA    1 
ATOM   220  C  C     . VAL A 1 30  ? 5.754   -15.813 0.958   1    21.09 ? 29  VAL A C     1 
ATOM   221  O  O     . VAL A 1 30  ? 5.886   -14.617 0.654   1    21.99 ? 29  VAL A O     1 
ATOM   222  C  CB    A VAL A 1 30  ? 3.690   -16.486 -0.375  0.5  22.97 ? 29  VAL A CB    1 
ATOM   223  C  CB    B VAL A 1 30  ? 3.679   -16.326 -0.413  0.5  19.53 ? 29  VAL A CB    1 
ATOM   224  C  CG1   A VAL A 1 30  ? 2.401   -17.304 -0.321  0.5  23.93 ? 29  VAL A CG1   1 
ATOM   225  C  CG1   B VAL A 1 30  ? 4.617   -16.765 -1.536  0.5  19.02 ? 29  VAL A CG1   1 
ATOM   226  C  CG2   A VAL A 1 30  ? 3.417   -15.078 -0.845  0.5  24.54 ? 29  VAL A CG2   1 
ATOM   227  C  CG2   B VAL A 1 30  ? 2.392   -17.145 -0.442  0.5  20.56 ? 29  VAL A CG2   1 
ATOM   228  N  N     . ASP A 1 31  ? 6.759   -16.576 1.358   1    20.61 ? 30  ASP A N     1 
ATOM   229  C  CA    . ASP A 1 31  ? 8.119   -16.083 1.389   1    20.87 ? 30  ASP A CA    1 
ATOM   230  C  C     . ASP A 1 31  ? 8.642   -16.090 -0.029  1    20.84 ? 30  ASP A C     1 
ATOM   231  O  O     . ASP A 1 31  ? 8.418   -17.053 -0.764  1    21.25 ? 30  ASP A O     1 
ATOM   232  C  CB    . ASP A 1 31  ? 8.960   -17.013 2.271   1    21.73 ? 30  ASP A CB    1 
ATOM   233  C  CG    . ASP A 1 31  ? 10.433  -16.659 2.431   1    26.14 ? 30  ASP A CG    1 
ATOM   234  O  OD1   . ASP A 1 31  ? 10.774  -15.456 2.367   1    23.6  ? 30  ASP A OD1   1 
ATOM   235  O  OD2   . ASP A 1 31  ? 11.238  -17.582 2.661   1    31.26 ? 30  ASP A OD2   1 
ATOM   236  N  N     . GLU A 1 32  ? 9.260   -14.981 -0.438  1    19.91 ? 31  GLU A N     1 
ATOM   237  C  CA    . GLU A 1 32  ? 9.912   -14.915 -1.734  1    18.85 ? 31  GLU A CA    1 
ATOM   238  C  C     . GLU A 1 32  ? 8.990   -15.092 -2.934  1    19.03 ? 31  GLU A C     1 
ATOM   239  O  O     . GLU A 1 32  ? 9.329   -15.810 -3.885  1    19.47 ? 31  GLU A O     1 
ATOM   240  C  CB    . GLU A 1 32  ? 11.086  -15.913 -1.778  1    20.21 ? 31  GLU A CB    1 
ATOM   241  C  CG    . GLU A 1 32  ? 12.231  -15.429 -0.913  1    20.28 ? 31  GLU A CG    1 
ATOM   242  C  CD    . GLU A 1 32  ? 12.996  -14.321 -1.606  1    20.81 ? 31  GLU A CD    1 
ATOM   243  O  OE1   . GLU A 1 32  ? 13.362  -14.516 -2.783  1    21.65 ? 31  GLU A OE1   1 
ATOM   244  O  OE2   . GLU A 1 32  ? 13.269  -13.281 -0.963  1    20.94 ? 31  GLU A OE2   1 
ATOM   245  N  N     . TYR A 1 33  ? 7.886   -14.324 -2.977  1    18.6  ? 32  TYR A N     1 
ATOM   246  C  CA    . TYR A 1 33  ? 7.036   -14.336 -4.176  1    17.82 ? 32  TYR A CA    1 
ATOM   247  C  C     . TYR A 1 33  ? 7.842   -13.640 -5.282  1    18.17 ? 32  TYR A C     1 
ATOM   248  O  O     . TYR A 1 33  ? 8.505   -12.631 -5.016  1    18.2  ? 32  TYR A O     1 
ATOM   249  C  CB    . TYR A 1 33  ? 5.740   -13.548 -3.942  1    17.8  ? 32  TYR A CB    1 
ATOM   250  C  CG    . TYR A 1 33  ? 4.872   -13.613 -5.168  1    18.65 ? 32  TYR A CG    1 
ATOM   251  C  CD1   . TYR A 1 33  ? 4.323   -14.816 -5.587  1    19.92 ? 32  TYR A CD1   1 
ATOM   252  C  CD2   . TYR A 1 33  ? 4.692   -12.499 -5.981  1    19.29 ? 32  TYR A CD2   1 
ATOM   253  C  CE1   . TYR A 1 33  ? 3.562   -14.899 -6.748  1    21.7  ? 32  TYR A CE1   1 
ATOM   254  C  CE2   . TYR A 1 33  ? 3.928   -12.569 -7.146  1    20.68 ? 32  TYR A CE2   1 
ATOM   255  C  CZ    . TYR A 1 33  ? 3.378   -13.777 -7.532  1    22.47 ? 32  TYR A CZ    1 
ATOM   256  O  OH    . TYR A 1 33  ? 2.651   -13.883 -8.700  1    25.81 ? 32  TYR A OH    1 
ATOM   257  N  N     . ASP A 1 34  ? 7.832   -14.174 -6.506  1    17.58 ? 33  ASP A N     1 
ATOM   258  C  CA    . ASP A 1 34  ? 8.582   -13.638 -7.653  1    17.51 ? 33  ASP A CA    1 
ATOM   259  C  C     . ASP A 1 34  ? 8.714   -12.094 -7.626  1    18.12 ? 33  ASP A C     1 
ATOM   260  O  O     . ASP A 1 34  ? 7.714   -11.390 -7.769  1    18.27 ? 33  ASP A O     1 
ATOM   261  C  CB    . ASP A 1 34  ? 7.903   -14.112 -8.949  1    18.09 ? 33  ASP A CB    1 
ATOM   262  C  CG    . ASP A 1 34  ? 8.669   -13.806 -10.218 1    19.68 ? 33  ASP A CG    1 
ATOM   263  O  OD1   . ASP A 1 34  ? 9.378   -12.785 -10.246 1    18.51 ? 33  ASP A OD1   1 
ATOM   264  O  OD2   . ASP A 1 34  ? 8.557   -14.592 -11.186 1    20.88 ? 33  ASP A OD2   1 
ATOM   265  N  N     . PRO A 1 35  ? 9.929   -11.590 -7.358  1    17.6  ? 34  PRO A N     1 
ATOM   266  C  CA    . PRO A 1 35  ? 10.122  -10.131 -7.256  1    17.72 ? 34  PRO A CA    1 
ATOM   267  C  C     . PRO A 1 35  ? 9.714   -9.350  -8.498  1    17.33 ? 34  PRO A C     1 
ATOM   268  O  O     . PRO A 1 35  ? 9.471   -8.160  -8.390  1    17.78 ? 34  PRO A O     1 
ATOM   269  C  CB    . PRO A 1 35  ? 11.638  -9.992  -7.060  1    18.4  ? 34  PRO A CB    1 
ATOM   270  C  CG    . PRO A 1 35  ? 12.039  -11.268 -6.376  1    18.88 ? 34  PRO A CG    1 
ATOM   271  C  CD    . PRO A 1 35  ? 11.165  -12.331 -7.022  1    17.59 ? 34  PRO A CD    1 
ATOM   272  N  N     . THR A 1 36  ? 9.630   -10.003 -9.659  1    17.46 ? 35  THR A N     1 
ATOM   273  C  CA    . THR A 1 36  ? 9.351   -9.319  -10.913 1    17.33 ? 35  THR A CA    1 
ATOM   274  C  C     . THR A 1 36  ? 7.905   -9.294  -11.368 1    18.1  ? 35  THR A C     1 
ATOM   275  O  O     . THR A 1 36  ? 7.615   -8.599  -12.347 1    19.32 ? 35  THR A O     1 
ATOM   276  C  CB    . THR A 1 36  ? 10.202  -9.927  -12.046 1    18.55 ? 35  THR A CB    1 
ATOM   277  O  OG1   . THR A 1 36  ? 9.676   -11.191 -12.461 1    19.85 ? 35  THR A OG1   1 
ATOM   278  C  CG2   . THR A 1 36  ? 11.679  -10.021 -11.681 1    19.33 ? 35  THR A CG2   1 
ATOM   279  N  N     . ILE A 1 37  ? 7.025   -10.080 -10.742 1    17.31 ? 36  ILE A N     1 
ATOM   280  C  CA    . ILE A 1 37  ? 5.640   -10.166 -11.194 1    17.32 ? 36  ILE A CA    1 
ATOM   281  C  C     . ILE A 1 37  ? 4.762   -9.055  -10.662 1    16.78 ? 36  ILE A C     1 
ATOM   282  O  O     . ILE A 1 37  ? 4.619   -8.894  -9.444  1    17.24 ? 36  ILE A O     1 
ATOM   283  C  CB    . ILE A 1 37  ? 5.018   -11.556 -10.881 1    18.82 ? 36  ILE A CB    1 
ATOM   284  C  CG1   . ILE A 1 37  ? 5.728   -12.654 -11.683 1    20.43 ? 36  ILE A CG1   1 
ATOM   285  C  CG2   . ILE A 1 37  ? 3.502   -11.583 -11.216 1    19.28 ? 36  ILE A CG2   1 
ATOM   286  C  CD1   . ILE A 1 37  ? 5.176   -14.131 -11.373 1    23.14 ? 36  ILE A CD1   1 
ATOM   287  N  N     . GLU A 1 38  ? 4.174   -8.293  -11.570 1    16.28 ? 37  GLU A N     1 
ATOM   288  C  CA    . GLU A 1 38  ? 3.166   -7.298  -11.216 1    15.38 ? 37  GLU A CA    1 
ATOM   289  C  C     . GLU A 1 38  ? 1.868   -7.951  -11.637 1    16.8  ? 37  GLU A C     1 
ATOM   290  O  O     . GLU A 1 38  ? 1.732   -8.383  -12.790 1    17.56 ? 37  GLU A O     1 
ATOM   291  C  CB    . GLU A 1 38  ? 3.324   -5.989  -12.022 1    15.75 ? 37  GLU A CB    1 
ATOM   292  C  CG    . GLU A 1 38  ? 2.132   -5.040  -11.863 1    17.3  ? 37  GLU A CG    1 
ATOM   293  C  CD    . GLU A 1 38  ? 2.429   -3.654  -12.392 1    19.68 ? 37  GLU A CD    1 
ATOM   294  O  OE1   . GLU A 1 38  ? 3.421   -3.067  -11.917 1    19.88 ? 37  GLU A OE1   1 
ATOM   295  O  OE2   . GLU A 1 38  ? 1.680   -3.150  -13.263 1    19.17 ? 37  GLU A OE2   1 
ATOM   296  N  N     . ASP A 1 39  ? 0.876   -7.930  -10.753 1    16.52 ? 38  ASP A N     1 
ATOM   297  C  CA    . ASP A 1 39  ? -0.436  -8.491  -11.084 1    16.91 ? 38  ASP A CA    1 
ATOM   298  C  C     . ASP A 1 39  ? -1.490  -7.835  -10.189 1    17.25 ? 38  ASP A C     1 
ATOM   299  O  O     . ASP A 1 39  ? -1.156  -7.163  -9.198  1    16.84 ? 38  ASP A O     1 
ATOM   300  C  CB    . ASP A 1 39  ? -0.408  -10.024 -10.864 1    18.86 ? 38  ASP A CB    1 
ATOM   301  C  CG    . ASP A 1 39  ? -1.493  -10.811 -11.595 1    22.98 ? 38  ASP A CG    1 
ATOM   302  O  OD1   . ASP A 1 39  ? -2.263  -10.201 -12.341 1    21.79 ? 38  ASP A OD1   1 
ATOM   303  O  OD2   . ASP A 1 39  ? -1.579  -12.035 -11.388 1    26.8  ? 38  ASP A OD2   1 
ATOM   304  N  N     . SER A 1 40  ? -2.760  -8.038  -10.551 1    17.4  ? 39  SER A N     1 
ATOM   305  C  CA    A SER A 1 40  ? -3.887  -7.553  -9.769  0.5  18.11 ? 39  SER A CA    1 
ATOM   306  C  CA    B SER A 1 40  ? -3.893  -7.551  -9.776  0.5  18.68 ? 39  SER A CA    1 
ATOM   307  C  C     . SER A 1 40  ? -4.589  -8.756  -9.155  1    19.3  ? 39  SER A C     1 
ATOM   308  O  O     . SER A 1 40  ? -4.665  -9.819  -9.768  1    20.95 ? 39  SER A O     1 
ATOM   309  C  CB    A SER A 1 40  ? -4.838  -6.730  -10.625 0.5  18.67 ? 39  SER A CB    1 
ATOM   310  C  CB    B SER A 1 40  ? -4.850  -6.751  -10.649 0.5  20.86 ? 39  SER A CB    1 
ATOM   311  O  OG    A SER A 1 40  ? -5.430  -7.513  -11.647 0.5  19.72 ? 39  SER A OG    1 
ATOM   312  O  OG    B SER A 1 40  ? -5.806  -6.059  -9.864  0.5  24.59 ? 39  SER A OG    1 
ATOM   313  N  N     . TYR A 1 41  ? -5.047  -8.610  -7.940  1    18.7  ? 40  TYR A N     1 
ATOM   314  C  CA    . TYR A 1 41  ? -5.657  -9.681  -7.169  1    20.13 ? 40  TYR A CA    1 
ATOM   315  C  C     . TYR A 1 41  ? -6.987  -9.206  -6.626  1    21.94 ? 40  TYR A C     1 
ATOM   316  O  O     . TYR A 1 41  ? -7.125  -8.041  -6.272  1    22.82 ? 40  TYR A O     1 
ATOM   317  C  CB    . TYR A 1 41  ? -4.734  -10.064 -6.002  1    20.57 ? 40  TYR A CB    1 
ATOM   318  C  CG    . TYR A 1 41  ? -3.358  -10.496 -6.464  1    21.52 ? 40  TYR A CG    1 
ATOM   319  C  CD1   . TYR A 1 41  ? -3.091  -11.823 -6.779  1    23.51 ? 40  TYR A CD1   1 
ATOM   320  C  CD2   . TYR A 1 41  ? -2.340  -9.569  -6.643  1    21.95 ? 40  TYR A CD2   1 
ATOM   321  C  CE1   . TYR A 1 41  ? -1.838  -12.217 -7.230  1    24.69 ? 40  TYR A CE1   1 
ATOM   322  C  CE2   . TYR A 1 41  ? -1.095  -9.947  -7.127  1    23    ? 40  TYR A CE2   1 
ATOM   323  C  CZ    . TYR A 1 41  ? -0.838  -11.275 -7.398  1    24.79 ? 40  TYR A CZ    1 
ATOM   324  O  OH    . TYR A 1 41  ? 0.414   -11.664 -7.834  1    26.19 ? 40  TYR A OH    1 
ATOM   325  N  N     . ARG A 1 42  ? -7.964  -10.105 -6.565  1    22.17 ? 41  ARG A N     1 
ATOM   326  C  CA    . ARG A 1 42  ? -9.307  -9.746  -6.117  1    23.98 ? 41  ARG A CA    1 
ATOM   327  C  C     . ARG A 1 42  ? -9.656  -10.384 -4.808  1    24.96 ? 41  ARG A C     1 
ATOM   328  O  O     . ARG A 1 42  ? -9.347  -11.555 -4.574  1    25.54 ? 41  ARG A O     1 
ATOM   329  C  CB    . ARG A 1 42  ? -10.345 -10.193 -7.146  1    26.93 ? 41  ARG A CB    1 
ATOM   330  C  CG    . ARG A 1 42  ? -10.854 -9.110  -8.073  1    34.5  ? 41  ARG A CG    1 
ATOM   331  C  CD    . ARG A 1 42  ? -9.813  -8.607  -9.037  1    40.58 ? 41  ARG A CD    1 
ATOM   332  N  NE    . ARG A 1 42  ? -9.110  -9.678  -9.748  1    45.57 ? 41  ARG A NE    1 
ATOM   333  C  CZ    . ARG A 1 42  ? -8.256  -9.477  -10.748 1    47.49 ? 41  ARG A CZ    1 
ATOM   334  N  NH1   . ARG A 1 42  ? -7.649  -10.504 -11.324 1    46.91 ? 41  ARG A NH1   1 
ATOM   335  N  NH2   . ARG A 1 42  ? -8.012  -8.247  -11.187 1    47.21 ? 41  ARG A NH2   1 
ATOM   336  N  N     . LYS A 1 43  ? -10.392 -9.643  -3.985  1    24.6  ? 42  LYS A N     1 
ATOM   337  C  CA    . LYS A 1 43  ? -10.859 -10.152 -2.710  1    24.61 ? 42  LYS A CA    1 
ATOM   338  C  C     . LYS A 1 43  ? -12.225 -9.565  -2.418  1    23.19 ? 42  LYS A C     1 
ATOM   339  O  O     . LYS A 1 43  ? -12.391 -8.342  -2.430  1    22.51 ? 42  LYS A O     1 
ATOM   340  C  CB    . LYS A 1 43  ? -9.904  -9.750  -1.578  1    27.33 ? 42  LYS A CB    1 
ATOM   341  C  CG    . LYS A 1 43  ? -10.219 -10.401 -0.214  1    32.81 ? 42  LYS A CG    1 
ATOM   342  C  CD    . LYS A 1 43  ? -9.769  -11.855 -0.149  1    37.7  ? 42  LYS A CD    1 
ATOM   343  C  CE    . LYS A 1 43  ? -10.100 -12.544 1.167   1    40.25 ? 42  LYS A CE    1 
ATOM   344  N  NZ    . LYS A 1 43  ? -9.623  -11.780 2.353   1    39.32 ? 42  LYS A NZ    1 
ATOM   345  N  N     . GLN A 1 44  ? -13.196 -10.425 -2.113  1    21.4  ? 43  GLN A N     1 
ATOM   346  C  CA    . GLN A 1 44  ? -14.516 -9.951  -1.704  1    20.79 ? 43  GLN A CA    1 
ATOM   347  C  C     . GLN A 1 44  ? -14.520 -9.981  -0.184  1    19.8  ? 43  GLN A C     1 
ATOM   348  O  O     . GLN A 1 44  ? -14.222 -11.010 0.411   1    20.29 ? 43  GLN A O     1 
ATOM   349  C  CB    . GLN A 1 44  ? -15.637 -10.829 -2.264  1    22.33 ? 43  GLN A CB    1 
ATOM   350  C  CG    . GLN A 1 44  ? -17.013 -10.291 -1.850  1    24.48 ? 43  GLN A CG    1 
ATOM   351  C  CD    . GLN A 1 44  ? -18.128 -11.065 -2.500  1    28.13 ? 43  GLN A CD    1 
ATOM   352  O  OE1   . GLN A 1 44  ? -18.098 -11.360 -3.703  1    30.67 ? 43  GLN A OE1   1 
ATOM   353  N  NE2   . GLN A 1 44  ? -19.139 -11.395 -1.723  1    27.01 ? 43  GLN A NE2   1 
ATOM   354  N  N     . VAL A 1 45  ? -14.786 -8.848  0.458   1    18.21 ? 44  VAL A N     1 
ATOM   355  C  CA    . VAL A 1 45  ? -14.775 -8.758  1.919   1    18.21 ? 44  VAL A CA    1 
ATOM   356  C  C     . VAL A 1 45  ? -15.811 -7.731  2.370   1    17.91 ? 44  VAL A C     1 
ATOM   357  O  O     . VAL A 1 45  ? -16.039 -6.737  1.688   1    18.84 ? 44  VAL A O     1 
ATOM   358  C  CB    . VAL A 1 45  ? -13.368 -8.420  2.462   1    20.36 ? 44  VAL A CB    1 
ATOM   359  C  CG1   . VAL A 1 45  ? -12.829 -7.148  1.822   1    22.28 ? 44  VAL A CG1   1 
ATOM   360  C  CG2   . VAL A 1 45  ? -13.357 -8.316  3.984   1    21.34 ? 44  VAL A CG2   1 
ATOM   361  N  N     . VAL A 1 46  ? -16.480 -8.012  3.478   1    16.8  ? 45  VAL A N     1 
ATOM   362  C  CA    . VAL A 1 46  ? -17.450 -7.109  4.043   1    16.93 ? 45  VAL A CA    1 
ATOM   363  C  C     . VAL A 1 46  ? -16.718 -6.241  5.048   1    18.1  ? 45  VAL A C     1 
ATOM   364  O  O     . VAL A 1 46  ? -16.111 -6.756  6.002   1    18.6  ? 45  VAL A O     1 
ATOM   365  C  CB    . VAL A 1 46  ? -18.601 -7.891  4.701   1    17.24 ? 45  VAL A CB    1 
ATOM   366  C  CG1   . VAL A 1 46  ? -19.580 -6.920  5.356   1    18.38 ? 45  VAL A CG1   1 
ATOM   367  C  CG2   . VAL A 1 46  ? -19.299 -8.760  3.665   1    16.65 ? 45  VAL A CG2   1 
ATOM   368  N  N     . ILE A 1 47  ? -16.726 -4.919  4.811   1    18.32 ? 46  ILE A N     1 
ATOM   369  C  CA    . ILE A 1 47  ? -16.074 -3.928  5.680   1    19.01 ? 46  ILE A CA    1 
ATOM   370  C  C     . ILE A 1 47  ? -17.121 -2.909  6.126   1    19.93 ? 46  ILE A C     1 
ATOM   371  O  O     . ILE A 1 47  ? -17.726 -2.245  5.272   1    20    ? 46  ILE A O     1 
ATOM   372  C  CB    . ILE A 1 47  ? -14.942 -3.221  4.905   1    19.42 ? 46  ILE A CB    1 
ATOM   373  C  CG1   . ILE A 1 47  ? -13.894 -4.240  4.417   1    20.01 ? 46  ILE A CG1   1 
ATOM   374  C  CG2   . ILE A 1 47  ? -14.293 -2.158  5.801   1    20.25 ? 46  ILE A CG2   1 
ATOM   375  C  CD1   . ILE A 1 47  ? -12.944 -3.689  3.343   1    21.2  ? 46  ILE A CD1   1 
ATOM   376  N  N     . ASP A 1 48  ? -17.373 -2.823  7.441   1    20.12 ? 47  ASP A N     1 
ATOM   377  C  CA    . ASP A 1 48  ? -18.380 -1.923  8.011   1    20.46 ? 47  ASP A CA    1 
ATOM   378  C  C     . ASP A 1 48  ? -19.764 -2.093  7.342   1    20.01 ? 47  ASP A C     1 
ATOM   379  O  O     . ASP A 1 48  ? -20.413 -1.120  6.975   1    20.68 ? 47  ASP A O     1 
ATOM   380  C  CB    . ASP A 1 48  ? -17.935 -0.453  7.955   1    22.17 ? 47  ASP A CB    1 
ATOM   381  C  CG    . ASP A 1 48  ? -16.528 -0.231  8.446   1    25.72 ? 47  ASP A CG    1 
ATOM   382  O  OD1   . ASP A 1 48  ? -16.185 -0.770  9.509   1    26.25 ? 47  ASP A OD1   1 
ATOM   383  O  OD2   . ASP A 1 48  ? -15.768 0.470   7.755   1    28.01 ? 47  ASP A OD2   1 
ATOM   384  N  N     . GLY A 1 49  ? -20.149 -3.337  7.103   1    18.79 ? 48  GLY A N     1 
ATOM   385  C  CA    . GLY A 1 49  ? -21.451 -3.657  6.532   1    18.18 ? 48  GLY A CA    1 
ATOM   386  C  C     . GLY A 1 49  ? -21.538 -3.613  5.028   1    18.6  ? 48  GLY A C     1 
ATOM   387  O  O     . GLY A 1 49  ? -22.548 -4.021  4.462   1    19.2  ? 48  GLY A O     1 
ATOM   388  N  N     . GLU A 1 50  ? -20.498 -3.112  4.352   1    17.32 ? 49  GLU A N     1 
ATOM   389  C  CA    . GLU A 1 50  ? -20.519 -2.997  2.900   1    16.85 ? 49  GLU A CA    1 
ATOM   390  C  C     . GLU A 1 50  ? -19.827 -4.171  2.264   1    17.02 ? 49  GLU A C     1 
ATOM   391  O  O     . GLU A 1 50  ? -18.689 -4.473  2.648   1    18.46 ? 49  GLU A O     1 
ATOM   392  C  CB    . GLU A 1 50  ? -19.819 -1.679  2.488   1    18.42 ? 49  GLU A CB    1 
ATOM   393  C  CG    . GLU A 1 50  ? -19.802 -1.418  1.003   1    18.72 ? 49  GLU A CG    1 
ATOM   394  C  CD    . GLU A 1 50  ? -19.091 -0.135  0.607   1    22.52 ? 49  GLU A CD    1 
ATOM   395  O  OE1   . GLU A 1 50  ? -17.990 0.132   1.137   1    21.31 ? 49  GLU A OE1   1 
ATOM   396  O  OE2   . GLU A 1 50  ? -19.637 0.600   -0.243  1    26.56 ? 49  GLU A OE2   1 
ATOM   397  N  N     . THR A 1 51  ? -20.463 -4.806  1.257   1    16.8  ? 50  THR A N     1 
ATOM   398  C  CA    . THR A 1 51  ? -19.777 -5.894  0.550   1    17.39 ? 50  THR A CA    1 
ATOM   399  C  C     . THR A 1 51  ? -18.855 -5.253  -0.469  1    18.25 ? 50  THR A C     1 
ATOM   400  O  O     . THR A 1 51  ? -19.320 -4.585  -1.383  1    18.51 ? 50  THR A O     1 
ATOM   401  C  CB    . THR A 1 51  ? -20.758 -6.840  -0.115  1    18.82 ? 50  THR A CB    1 
ATOM   402  O  OG1   . THR A 1 51  ? -21.722 -7.275  0.864   1    19.2  ? 50  THR A OG1   1 
ATOM   403  C  CG2   . THR A 1 51  ? -20.061 -8.029  -0.719  1    19.72 ? 50  THR A CG2   1 
ATOM   404  N  N     . CYS A 1 52  ? -17.546 -5.420  -0.287  1    17.47 ? 51  CYS A N     1 
ATOM   405  C  CA    . CYS A 1 52  ? -16.528 -4.801  -1.148  1    17.82 ? 51  CYS A CA    1 
ATOM   406  C  C     . CYS A 1 52  ? -15.872 -5.789  -2.046  1    18.91 ? 51  CYS A C     1 
ATOM   407  O  O     . CYS A 1 52  ? -15.605 -6.924  -1.644  1    19.73 ? 51  CYS A O     1 
ATOM   408  C  CB    . CYS A 1 52  ? -15.479 -4.104  -0.287  1    17.69 ? 51  CYS A CB    1 
ATOM   409  S  SG    . CYS A 1 52  ? -16.158 -2.928  0.891   1    20.02 ? 51  CYS A SG    1 
ATOM   410  N  N     . LEU A 1 53  ? -15.553 -5.343  -3.256  1    18.28 ? 52  LEU A N     1 
ATOM   411  C  CA    . LEU A 1 53  ? -14.755 -6.144  -4.160  1    19.5  ? 52  LEU A CA    1 
ATOM   412  C  C     . LEU A 1 53  ? -13.465 -5.351  -4.254  1    19.1  ? 52  LEU A C     1 
ATOM   413  O  O     . LEU A 1 53  ? -13.484 -4.238  -4.783  1    19.87 ? 52  LEU A O     1 
ATOM   414  C  CB    . LEU A 1 53  ? -15.413 -6.276  -5.522  1    21.37 ? 52  LEU A CB    1 
ATOM   415  C  CG    . LEU A 1 53  ? -14.600 -7.087  -6.520  1    25.44 ? 52  LEU A CG    1 
ATOM   416  C  CD1   . LEU A 1 53  ? -14.521 -8.540  -6.098  1    26.81 ? 52  LEU A CD1   1 
ATOM   417  C  CD2   . LEU A 1 53  ? -15.196 -6.977  -7.906  1    27.07 ? 52  LEU A CD2   1 
ATOM   418  N  N     . LEU A 1 54  ? -12.385 -5.845  -3.640  1    18.41 ? 53  LEU A N     1 
ATOM   419  C  CA    . LEU A 1 54  ? -11.117 -5.122  -3.676  1    19.13 ? 53  LEU A CA    1 
ATOM   420  C  C     . LEU A 1 54  ? -10.322 -5.635  -4.843  1    19.86 ? 53  LEU A C     1 
ATOM   421  O  O     . LEU A 1 54  ? -10.115 -6.832  -4.947  1    21.51 ? 53  LEU A O     1 
ATOM   422  C  CB    . LEU A 1 54  ? -10.322 -5.338  -2.383  1    19.59 ? 53  LEU A CB    1 
ATOM   423  C  CG    . LEU A 1 54  ? -11.063 -5.073  -1.068  1    20.88 ? 53  LEU A CG    1 
ATOM   424  C  CD1   . LEU A 1 54  ? -10.105 -5.176  0.118   1    21.3  ? 53  LEU A CD1   1 
ATOM   425  C  CD2   . LEU A 1 54  ? -11.731 -3.698  -1.051  1    21.35 ? 53  LEU A CD2   1 
ATOM   426  N  N     . ASP A 1 55  ? -9.912  -4.745  -5.742  1    18.75 ? 54  ASP A N     1 
ATOM   427  C  CA    . ASP A 1 55  ? -9.089  -5.098  -6.893  1    19.4  ? 54  ASP A CA    1 
ATOM   428  C  C     . ASP A 1 55  ? -7.765  -4.465  -6.535  1    18.45 ? 54  ASP A C     1 
ATOM   429  O  O     . ASP A 1 55  ? -7.695  -3.248  -6.457  1    19.23 ? 54  ASP A O     1 
ATOM   430  C  CB    . ASP A 1 55  ? -9.674  -4.450  -8.150  1    23.7  ? 54  ASP A CB    1 
ATOM   431  C  CG    . ASP A 1 55  ? -8.863  -4.714  -9.396  1    36.04 ? 54  ASP A CG    1 
ATOM   432  O  OD1   . ASP A 1 55  ? -9.209  -5.650  -10.137 1    39.02 ? 54  ASP A OD1   1 
ATOM   433  O  OD2   . ASP A 1 55  ? -7.886  -3.970  -9.640  1    41.65 ? 54  ASP A OD2   1 
ATOM   434  N  N     . ILE A 1 56  ? -6.748  -5.264  -6.237  1    16.93 ? 55  ILE A N     1 
ATOM   435  C  CA    . ILE A 1 56  ? -5.488  -4.741  -5.710  1    17.08 ? 55  ILE A CA    1 
ATOM   436  C  C     . ILE A 1 56  ? -4.365  -4.946  -6.697  1    16.57 ? 55  ILE A C     1 
ATOM   437  O  O     . ILE A 1 56  ? -4.040  -6.081  -7.014  1    17.33 ? 55  ILE A O     1 
ATOM   438  C  CB    . ILE A 1 56  ? -5.158  -5.457  -4.379  1    17.95 ? 55  ILE A CB    1 
ATOM   439  C  CG1   . ILE A 1 56  ? -6.347  -5.300  -3.384  1    19.39 ? 55  ILE A CG1   1 
ATOM   440  C  CG2   . ILE A 1 56  ? -3.833  -4.909  -3.769  1    19.12 ? 55  ILE A CG2   1 
ATOM   441  C  CD1   . ILE A 1 56  ? -6.180  -6.140  -2.145  1    21.28 ? 55  ILE A CD1   1 
ATOM   442  N  N     . LEU A 1 57  ? -3.718  -3.862  -7.089  1    15.36 ? 56  LEU A N     1 
ATOM   443  C  CA    . LEU A 1 57  ? -2.590  -3.937  -8.010  1    15.49 ? 56  LEU A CA    1 
ATOM   444  C  C     . LEU A 1 57  ? -1.316  -3.972  -7.191  1    15.38 ? 56  LEU A C     1 
ATOM   445  O  O     . LEU A 1 57  ? -1.075  -3.060  -6.410  1    15.81 ? 56  LEU A O     1 
ATOM   446  C  CB    . LEU A 1 57  ? -2.562  -2.710  -8.925  1    16.15 ? 56  LEU A CB    1 
ATOM   447  C  CG    . LEU A 1 57  ? -1.318  -2.623  -9.860  1    16.74 ? 56  LEU A CG    1 
ATOM   448  C  CD1   . LEU A 1 57  ? -1.227  -3.828  -10.787 1    18.1  ? 56  LEU A CD1   1 
ATOM   449  C  CD2   . LEU A 1 57  ? -1.340  -1.343  -10.676 1    17.61 ? 56  LEU A CD2   1 
ATOM   450  N  N     . ASP A 1 58  ? -0.543  -5.042  -7.335  1    15.14 ? 57  ASP A N     1 
ATOM   451  C  CA    . ASP A 1 58  ? 0.709   -5.216  -6.611  1    15.14 ? 57  ASP A CA    1 
ATOM   452  C  C     . ASP A 1 58  ? 1.800   -4.838  -7.625  1    16    ? 57  ASP A C     1 
ATOM   453  O  O     . ASP A 1 58  ? 2.057   -5.618  -8.542  1    15.8  ? 57  ASP A O     1 
ATOM   454  C  CB    . ASP A 1 58  ? 0.825   -6.695  -6.226  1    16.29 ? 57  ASP A CB    1 
ATOM   455  C  CG    . ASP A 1 58  ? 2.139   -7.089  -5.641  1    17.9  ? 57  ASP A CG    1 
ATOM   456  O  OD1   . ASP A 1 58  ? 2.835   -6.196  -5.087  1    18.44 ? 57  ASP A OD1   1 
ATOM   457  O  OD2   . ASP A 1 58  ? 2.472   -8.299  -5.714  1    18.95 ? 57  ASP A OD2   1 
ATOM   458  N  N     . THR A 1 59  ? 2.362   -3.631  -7.516  1    15.89 ? 58  THR A N     1 
ATOM   459  C  CA    . THR A 1 59  ? 3.329   -3.172  -8.512  1    15.54 ? 58  THR A CA    1 
ATOM   460  C  C     . THR A 1 59  ? 4.670   -3.903  -8.446  1    16.01 ? 58  THR A C     1 
ATOM   461  O  O     . THR A 1 59  ? 5.103   -4.354  -7.393  1    15.66 ? 58  THR A O     1 
ATOM   462  C  CB    . THR A 1 59  ? 3.515   -1.669  -8.458  1    16.57 ? 58  THR A CB    1 
ATOM   463  O  OG1   . THR A 1 59  ? 4.102   -1.321  -7.197  1    17.1  ? 58  THR A OG1   1 
ATOM   464  C  CG2   . THR A 1 59  ? 2.207   -0.908  -8.667  1    16.79 ? 58  THR A CG2   1 
ATOM   465  N  N     . ALA A 1 60  ? 5.329   -3.989  -9.591  1    16.25 ? 59  ALA A N     1 
ATOM   466  C  CA    . ALA A 1 60  ? 6.641   -4.585  -9.713  1    16.79 ? 59  ALA A CA    1 
ATOM   467  C  C     . ALA A 1 60  ? 7.228   -4.131  -11.066 1    18.36 ? 59  ALA A C     1 
ATOM   468  O  O     . ALA A 1 60  ? 6.517   -3.529  -11.881 1    19.11 ? 59  ALA A O     1 
ATOM   469  C  CB    . ALA A 1 60  ? 6.522   -6.133  -9.650  1    16.54 ? 59  ALA A CB    1 
ATOM   470  N  N     . GLY A 1 61  ? 8.497   -4.449  -11.312 1    18.11 ? 60  GLY A N     1 
ATOM   471  C  CA    . GLY A 1 61  ? 9.096   -4.190  -12.600 1    18.76 ? 60  GLY A CA    1 
ATOM   472  C  C     . GLY A 1 61  ? 9.731   -2.846  -12.766 1    18.78 ? 60  GLY A C     1 
ATOM   473  O  O     . GLY A 1 61  ? 10.146  -2.212  -11.804 1    18.27 ? 60  GLY A O     1 
ATOM   474  N  N     . GLN A 1 62  ? 9.787   -2.411  -14.020 1    19.07 ? 61  GLN A N     1 
ATOM   475  C  CA    . GLN A 1 62  ? 10.482  -1.222  -14.420 1    20.04 ? 61  GLN A CA    1 
ATOM   476  C  C     . GLN A 1 62  ? 9.814   0.066   -14.008 1    19.43 ? 61  GLN A C     1 
ATOM   477  O  O     . GLN A 1 62  ? 8.590   0.170   -14.041 1    20.45 ? 61  GLN A O     1 
ATOM   478  C  CB    . GLN A 1 62  ? 10.671  -1.247  -15.959 1    23.81 ? 61  GLN A CB    1 
ATOM   479  C  CG    . GLN A 1 62  ? 11.536  -0.109  -16.503 1    32.02 ? 61  GLN A CG    1 
ATOM   480  C  CD    . GLN A 1 62  ? 11.574  -0.027  -18.012 1    42.14 ? 61  GLN A CD    1 
ATOM   481  O  OE1   . GLN A 1 62  ? 11.078  -0.904  -18.728 1    45.51 ? 61  GLN A OE1   1 
ATOM   482  N  NE2   . GLN A 1 62  ? 12.169  1.039   -18.534 1    44.79 ? 61  GLN A NE2   1 
ATOM   483  N  N     . GLU A 1 63  ? 10.629  1.052   -13.653 1    18.32 ? 62  GLU A N     1 
ATOM   484  C  CA    . GLU A 1 63  ? 10.185  2.398   -13.369 1    17.62 ? 62  GLU A CA    1 
ATOM   485  C  C     . GLU A 1 63  ? 10.061  3.103   -14.710 1    19.21 ? 62  GLU A C     1 
ATOM   486  O  O     . GLU A 1 63  ? 11.055  3.179   -15.454 1    21.03 ? 62  GLU A O     1 
ATOM   487  C  CB    . GLU A 1 63  ? 11.270  3.116   -12.566 1    18.08 ? 62  GLU A CB    1 
ATOM   488  C  CG    . GLU A 1 63  ? 10.905  4.540   -12.217 1    20.26 ? 62  GLU A CG    1 
ATOM   489  C  CD    . GLU A 1 63  ? 11.931  5.265   -11.371 1    22    ? 62  GLU A CD    1 
ATOM   490  O  OE1   . GLU A 1 63  ? 13.067  4.756   -11.252 1    26    ? 62  GLU A OE1   1 
ATOM   491  O  OE2   . GLU A 1 63  ? 11.606  6.356   -10.857 1    21.62 ? 62  GLU A OE2   1 
ATOM   492  N  N     . GLU A 1 64  ? 8.879   3.634   -15.010 1    18.28 ? 63  GLU A N     1 
ATOM   493  C  CA    . GLU A 1 64  ? 8.730   4.372   -16.262 1    18.85 ? 63  GLU A CA    1 
ATOM   494  C  C     . GLU A 1 64  ? 7.600   5.389   -16.166 1    18.51 ? 63  GLU A C     1 
ATOM   495  O  O     . GLU A 1 64  ? 6.676   5.256   -15.346 1    18.36 ? 63  GLU A O     1 
ATOM   496  C  CB    . GLU A 1 64  ? 8.639   3.426   -17.447 1    23.07 ? 63  GLU A CB    1 
ATOM   497  C  CG    . GLU A 1 64  ? 7.552   2.405   -17.280 1    26.64 ? 63  GLU A CG    1 
ATOM   498  C  CD    . GLU A 1 64  ? 6.383   2.663   -18.197 1    31.92 ? 63  GLU A CD    1 
ATOM   499  O  OE1   . GLU A 1 64  ? 6.217   3.824   -18.635 1    33.37 ? 63  GLU A OE1   1 
ATOM   500  O  OE2   . GLU A 1 64  ? 5.627   1.704   -18.473 1    31.46 ? 63  GLU A OE2   1 
ATOM   501  N  N     . TYR A 1 65  ? 7.724   6.463   -16.945 1    17.22 ? 64  TYR A N     1 
ATOM   502  C  CA    . TYR A 1 65  ? 6.809   7.577   -16.838 1    17.49 ? 64  TYR A CA    1 
ATOM   503  C  C     . TYR A 1 65  ? 6.152   7.912   -18.154 1    19.87 ? 64  TYR A C     1 
ATOM   504  O  O     . TYR A 1 65  ? 5.922   9.076   -18.464 1    21.69 ? 64  TYR A O     1 
ATOM   505  C  CB    . TYR A 1 65  ? 7.519   8.788   -16.197 1    17.21 ? 64  TYR A CB    1 
ATOM   506  C  CG    . TYR A 1 65  ? 7.968   8.428   -14.798 1    17.37 ? 64  TYR A CG    1 
ATOM   507  C  CD1   . TYR A 1 65  ? 7.056   8.355   -13.755 1    18.29 ? 64  TYR A CD1   1 
ATOM   508  C  CD2   . TYR A 1 65  ? 9.285   8.079   -14.536 1    17.68 ? 64  TYR A CD2   1 
ATOM   509  C  CE1   . TYR A 1 65  ? 7.447   7.960   -12.481 1    18.46 ? 64  TYR A CE1   1 
ATOM   510  C  CE2   . TYR A 1 65  ? 9.685   7.669   -13.270 1    19.1  ? 64  TYR A CE2   1 
ATOM   511  C  CZ    . TYR A 1 65  ? 8.764   7.619   -12.244 1    18.85 ? 64  TYR A CZ    1 
ATOM   512  O  OH    . TYR A 1 65  ? 9.168   7.180   -11.005 1    19.39 ? 64  TYR A OH    1 
ATOM   513  N  N     . SER A 1 66  ? 5.766   6.873   -18.881 1    19.55 ? 65  SER A N     1 
ATOM   514  C  CA    . SER A 1 66  ? 5.046   7.061   -20.137 1    19.11 ? 65  SER A CA    1 
ATOM   515  C  C     . SER A 1 66  ? 3.614   7.539   -19.876 1    18.48 ? 65  SER A C     1 
ATOM   516  O  O     . SER A 1 66  ? 3.067   7.381   -18.779 1    18.35 ? 65  SER A O     1 
ATOM   517  C  CB    . SER A 1 66  ? 4.996   5.739   -20.880 1    20.34 ? 65  SER A CB    1 
ATOM   518  O  OG    . SER A 1 66  ? 4.296   4.774   -20.102 1    19.61 ? 65  SER A OG    1 
ATOM   519  N  N     . ALA A 1 67  ? 2.945   8.052   -20.919 1    17.21 ? 66  ALA A N     1 
ATOM   520  C  CA    . ALA A 1 67  ? 1.536   8.436   -20.813 1    17.54 ? 66  ALA A CA    1 
ATOM   521  C  C     . ALA A 1 67  ? 0.697   7.197   -20.415 1    17.67 ? 66  ALA A C     1 
ATOM   522  O  O     . ALA A 1 67  ? -0.198  7.304   -19.585 1    19.05 ? 66  ALA A O     1 
ATOM   523  C  CB    . ALA A 1 67  ? 1.041   8.972   -22.148 1    18.54 ? 66  ALA A CB    1 
ATOM   524  N  N     . MET A 1 68  ? 1.050   6.016   -20.957 1    16.6  ? 67  MET A N     1 
ATOM   525  C  CA    . MET A 1 68  ? 0.326   4.796   -20.635 1    16.28 ? 67  MET A CA    1 
ATOM   526  C  C     . MET A 1 68  ? 0.466   4.426   -19.159 1    16.16 ? 67  MET A C     1 
ATOM   527  O  O     . MET A 1 68  ? -0.533  4.087   -18.518 1    17.42 ? 67  MET A O     1 
ATOM   528  C  CB    . MET A 1 68  ? 0.800   3.646   -21.524 1    17.22 ? 67  MET A CB    1 
ATOM   529  C  CG    . MET A 1 68  ? 0.194   2.326   -21.133 1    19.01 ? 67  MET A CG    1 
ATOM   530  S  SD    . MET A 1 68  ? 0.670   1.005   -22.240 1    20.21 ? 67  MET A SD    1 
ATOM   531  C  CE    . MET A 1 68  ? 2.427   1.012   -22.034 1    18.51 ? 67  MET A CE    1 
ATOM   532  N  N     . ARG A 1 69  ? 1.706   4.442   -18.636 1    15.77 ? 68  ARG A N     1 
ATOM   533  C  CA    . ARG A 1 69  ? 1.902   4.069   -17.226 1    15.51 ? 68  ARG A CA    1 
ATOM   534  C  C     . ARG A 1 69  ? 1.190   5.029   -16.310 1    16.13 ? 68  ARG A C     1 
ATOM   535  O  O     . ARG A 1 69  ? 0.535   4.595   -15.372 1    16.02 ? 68  ARG A O     1 
ATOM   536  C  CB    . ARG A 1 69  ? 3.386   3.992   -16.904 1    15.48 ? 68  ARG A CB    1 
ATOM   537  C  CG    . ARG A 1 69  ? 3.686   3.378   -15.530 1    16.38 ? 68  ARG A CG    1 
ATOM   538  C  CD    . ARG A 1 69  ? 3.168   1.950   -15.403 1    17.13 ? 68  ARG A CD    1 
ATOM   539  N  NE    . ARG A 1 69  ? 3.787   1.233   -14.289 1    16.46 ? 68  ARG A NE    1 
ATOM   540  C  CZ    . ARG A 1 69  ? 3.357   0.065   -13.818 1    17.48 ? 68  ARG A CZ    1 
ATOM   541  N  NH1   . ARG A 1 69  ? 2.290   -0.527  -14.349 1    16    ? 68  ARG A NH1   1 
ATOM   542  N  NH2   . ARG A 1 69  ? 3.996   -0.527  -12.812 1    18.03 ? 68  ARG A NH2   1 
ATOM   543  N  N     . ASP A 1 70  ? 1.242   6.330   -16.623 1    16.07 ? 69  ASP A N     1 
ATOM   544  C  CA    . ASP A 1 70  ? 0.532   7.327   -15.814 1    16.21 ? 69  ASP A CA    1 
ATOM   545  C  C     . ASP A 1 70  ? -0.983  7.090   -15.846 1    17.16 ? 69  ASP A C     1 
ATOM   546  O  O     . ASP A 1 70  ? -1.640  7.145   -14.812 1    17.01 ? 69  ASP A O     1 
ATOM   547  C  CB    . ASP A 1 70  ? 0.816   8.739   -16.343 1    16.5  ? 69  ASP A CB    1 
ATOM   548  C  CG    . ASP A 1 70  ? 2.170   9.313   -15.977 1    18.44 ? 69  ASP A CG    1 
ATOM   549  O  OD1   . ASP A 1 70  ? 2.921   8.654   -15.201 1    18.62 ? 69  ASP A OD1   1 
ATOM   550  O  OD2   . ASP A 1 70  ? 2.480   10.425  -16.451 1    20.13 ? 69  ASP A OD2   1 
ATOM   551  N  N     . GLN A 1 71  ? -1.543  6.843   -17.031 1    17.1  ? 70  GLN A N     1 
ATOM   552  C  CA    . GLN A 1 71  ? -2.979  6.623   -17.175 1    18.8  ? 70  GLN A CA    1 
ATOM   553  C  C     . GLN A 1 71  ? -3.417  5.388   -16.366 1    18.45 ? 70  GLN A C     1 
ATOM   554  O  O     . GLN A 1 71  ? -4.479  5.387   -15.745 1    19.52 ? 70  GLN A O     1 
ATOM   555  C  CB    . GLN A 1 71  ? -3.306  6.454   -18.682 1    21.56 ? 70  GLN A CB    1 
ATOM   556  C  CG    . GLN A 1 71  ? -4.671  5.837   -18.977 1    29.43 ? 70  GLN A CG    1 
ATOM   557  C  CD    . GLN A 1 71  ? -4.610  4.411   -19.469 1    35.09 ? 70  GLN A CD    1 
ATOM   558  O  OE1   . GLN A 1 71  ? -3.599  3.679   -19.310 1    34.3  ? 70  GLN A OE1   1 
ATOM   559  N  NE2   . GLN A 1 71  ? -5.694  3.988   -20.100 1    38.1  ? 70  GLN A NE2   1 
ATOM   560  N  N     . TYR A 1 72  ? -2.592  4.336   -16.388 1    17.01 ? 71  TYR A N     1 
ATOM   561  C  CA    . TYR A 1 72  ? -2.875  3.093   -15.695 1    17.01 ? 71  TYR A CA    1 
ATOM   562  C  C     . TYR A 1 72  ? -2.843  3.290   -14.184 1    17.07 ? 71  TYR A C     1 
ATOM   563  O  O     . TYR A 1 72  ? -3.757  2.857   -13.481 1    17.55 ? 71  TYR A O     1 
ATOM   564  C  CB    . TYR A 1 72  ? -1.828  2.063   -16.124 1    16.83 ? 71  TYR A CB    1 
ATOM   565  C  CG    . TYR A 1 72  ? -2.064  0.672   -15.585 1    17.75 ? 71  TYR A CG    1 
ATOM   566  C  CD1   . TYR A 1 72  ? -3.164  -0.069  -15.983 1    19.06 ? 71  TYR A CD1   1 
ATOM   567  C  CD2   . TYR A 1 72  ? -1.174  0.089   -14.699 1    18.74 ? 71  TYR A CD2   1 
ATOM   568  C  CE1   . TYR A 1 72  ? -3.330  -1.387  -15.575 1    20.23 ? 71  TYR A CE1   1 
ATOM   569  C  CE2   . TYR A 1 72  ? -1.334  -1.223  -14.281 1    19.58 ? 71  TYR A CE2   1 
ATOM   570  C  CZ    . TYR A 1 72  ? -2.437  -1.944  -14.692 1    20.29 ? 71  TYR A CZ    1 
ATOM   571  O  OH    . TYR A 1 72  ? -2.631  -3.233  -14.244 1    21.29 ? 71  TYR A OH    1 
ATOM   572  N  N     . MET A 1 73  ? -1.793  3.959   -13.679 1    16.28 ? 72  MET A N     1 
ATOM   573  C  CA    . MET A 1 73  ? -1.680  4.182   -12.234 1    15.79 ? 72  MET A CA    1 
ATOM   574  C  C     . MET A 1 73  ? -2.763  5.116   -11.717 1    16.62 ? 72  MET A C     1 
ATOM   575  O  O     . MET A 1 73  ? -3.242  4.920   -10.598 1    17.43 ? 72  MET A O     1 
ATOM   576  C  CB    . MET A 1 73  ? -0.297  4.719   -11.877 1    15.2  ? 72  MET A CB    1 
ATOM   577  C  CG    . MET A 1 73  ? 0.830   3.734   -12.228 1    16.31 ? 72  MET A CG    1 
ATOM   578  S  SD    . MET A 1 73  ? 0.687   2.161   -11.337 1    18.71 ? 72  MET A SD    1 
ATOM   579  C  CE    . MET A 1 73  ? 1.009   2.687   -9.693  1    19.47 ? 72  MET A CE    1 
ATOM   580  N  N     . ARG A 1 74  ? -3.196  6.084   -12.551 1    16.4  ? 73  ARG A N     1 
ATOM   581  C  CA    . ARG A 1 74  ? -4.241  7.071   -12.247 1    17.84 ? 73  ARG A CA    1 
ATOM   582  C  C     . ARG A 1 74  ? -5.595  6.378   -11.967 1    18.03 ? 73  ARG A C     1 
ATOM   583  O  O     . ARG A 1 74  ? -6.448  6.973   -11.310 1    18.4  ? 73  ARG A O     1 
ATOM   584  C  CB    . ARG A 1 74  ? -4.396  8.017   -13.461 1    20.44 ? 73  ARG A CB    1 
ATOM   585  C  CG    . ARG A 1 74  ? -5.381  9.184   -13.360 1    26.55 ? 73  ARG A CG    1 
ATOM   586  C  CD    . ARG A 1 74  ? -5.284  10.015  -14.636 1    30.01 ? 73  ARG A CD    1 
ATOM   587  N  NE    . ARG A 1 74  ? -3.989  10.700  -14.704 1    34.85 ? 73  ARG A NE    1 
ATOM   588  C  CZ    . ARG A 1 74  ? -3.170  10.715  -15.752 1    37.96 ? 73  ARG A CZ    1 
ATOM   589  N  NH1   . ARG A 1 74  ? -3.499  10.084  -16.872 1    36.5  ? 73  ARG A NH1   1 
ATOM   590  N  NH2   . ARG A 1 74  ? -2.018  11.371  -15.689 1    37.86 ? 73  ARG A NH2   1 
ATOM   591  N  N     . THR A 1 75  ? -5.815  5.154   -12.501 1    18.35 ? 74  THR A N     1 
ATOM   592  C  CA    . THR A 1 75  ? -7.060  4.427   -12.225 1    19.09 ? 74  THR A CA    1 
ATOM   593  C  C     . THR A 1 75  ? -7.165  3.968   -10.761 1    18.9  ? 74  THR A C     1 
ATOM   594  O  O     . THR A 1 75  ? -8.265  3.648   -10.302 1    19.09 ? 74  THR A O     1 
ATOM   595  C  CB    . THR A 1 75  ? -7.253  3.259   -13.186 1    21.68 ? 74  THR A CB    1 
ATOM   596  O  OG1   . THR A 1 75  ? -6.315  2.218   -12.888 1    24.22 ? 74  THR A OG1   1 
ATOM   597  C  CG2   . THR A 1 75  ? -7.164  3.688   -14.646 1    22.3  ? 74  THR A CG2   1 
ATOM   598  N  N     . GLY A 1 76  ? -6.044  3.941   -10.037 1    17.74 ? 75  GLY A N     1 
ATOM   599  C  CA    . GLY A 1 76  ? -6.067  3.584   -8.627  1    17.84 ? 75  GLY A CA    1 
ATOM   600  C  C     . GLY A 1 76  ? -6.859  4.606   -7.844  1    17.29 ? 75  GLY A C     1 
ATOM   601  O  O     . GLY A 1 76  ? -6.713  5.813   -8.067  1    17.6  ? 75  GLY A O     1 
ATOM   602  N  N     . GLU A 1 77  ? -7.725  4.139   -6.939  1    16.3  ? 76  GLU A N     1 
ATOM   603  C  CA    . GLU A 1 77  ? -8.533  5.034   -6.105  1    16.55 ? 76  GLU A CA    1 
ATOM   604  C  C     . GLU A 1 77  ? -7.856  5.317   -4.758  1    17.07 ? 76  GLU A C     1 
ATOM   605  O  O     . GLU A 1 77  ? -8.142  6.317   -4.134  1    17.96 ? 76  GLU A O     1 
ATOM   606  C  CB    . GLU A 1 77  ? -9.896  4.400   -5.859  1    17.95 ? 76  GLU A CB    1 
ATOM   607  C  CG    . GLU A 1 77  ? -10.766 4.342   -7.102  1    20.92 ? 76  GLU A CG    1 
ATOM   608  C  CD    . GLU A 1 77  ? -12.066 3.676   -6.714  1    26.56 ? 76  GLU A CD    1 
ATOM   609  O  OE1   . GLU A 1 77  ? -12.053 2.438   -6.554  1    23.07 ? 76  GLU A OE1   1 
ATOM   610  O  OE2   . GLU A 1 77  ? -13.068 4.389   -6.472  1    33.3  ? 76  GLU A OE2   1 
ATOM   611  N  N     . GLY A 1 78  ? -6.998  4.416   -4.313  1    15.57 ? 77  GLY A N     1 
ATOM   612  C  CA    . GLY A 1 78  ? -6.281  4.565   -3.053  1    15.6  ? 77  GLY A CA    1 
ATOM   613  C  C     . GLY A 1 78  ? -4.975  3.819   -3.152  1    15.65 ? 77  GLY A C     1 
ATOM   614  O  O     . GLY A 1 78  ? -4.891  2.808   -3.856  1    15.9  ? 77  GLY A O     1 
ATOM   615  N  N     . PHE A 1 79  ? -3.973  4.294   -2.420  1    16    ? 78  PHE A N     1 
ATOM   616  C  CA    . PHE A 1 79  ? -2.631  3.764   -2.504  1    15.99 ? 78  PHE A CA    1 
ATOM   617  C  C     . PHE A 1 79  ? -2.046  3.409   -1.161  1    16.46 ? 78  PHE A C     1 
ATOM   618  O  O     . PHE A 1 79  ? -2.097  4.206   -0.228  1    16.43 ? 78  PHE A O     1 
ATOM   619  C  CB    . PHE A 1 79  ? -1.710  4.824   -3.163  1    16.05 ? 78  PHE A CB    1 
ATOM   620  C  CG    . PHE A 1 79  ? -2.093  5.123   -4.598  1    16.38 ? 78  PHE A CG    1 
ATOM   621  C  CD1   . PHE A 1 79  ? -3.136  5.976   -4.887  1    17.18 ? 78  PHE A CD1   1 
ATOM   622  C  CD2   . PHE A 1 79  ? -1.419  4.530   -5.650  1    17.65 ? 78  PHE A CD2   1 
ATOM   623  C  CE1   . PHE A 1 79  ? -3.541  6.187   -6.199  1    18.28 ? 78  PHE A CE1   1 
ATOM   624  C  CE2   . PHE A 1 79  ? -1.799  4.778   -6.968  1    18.36 ? 78  PHE A CE2   1 
ATOM   625  C  CZ    . PHE A 1 79  ? -2.875  5.584   -7.227  1    18.12 ? 78  PHE A CZ    1 
ATOM   626  N  N     . LEU A 1 80  ? -1.442  2.227   -1.082  1    16.26 ? 79  LEU A N     1 
ATOM   627  C  CA    . LEU A 1 80  ? -0.650  1.867   0.080   1    17.47 ? 79  LEU A CA    1 
ATOM   628  C  C     . LEU A 1 80  ? 0.779   2.201   -0.320  1    17.88 ? 79  LEU A C     1 
ATOM   629  O  O     . LEU A 1 80  ? 1.271   1.662   -1.322  1    17.52 ? 79  LEU A O     1 
ATOM   630  C  CB    . LEU A 1 80  ? -0.710  0.380   0.374   1    18.38 ? 79  LEU A CB    1 
ATOM   631  C  CG    . LEU A 1 80  ? -1.929  -0.220  1.011   1    19.79 ? 79  LEU A CG    1 
ATOM   632  C  CD1   . LEU A 1 80  ? -1.600  -1.628  1.485   1    21.01 ? 79  LEU A CD1   1 
ATOM   633  C  CD2   . LEU A 1 80  ? -2.398  0.603   2.225   1    18.5  ? 79  LEU A CD2   1 
ATOM   634  N  N     . CYS A 1 81  ? 1.445   3.061   0.437   1    17.01 ? 80  CYS A N     1 
ATOM   635  C  CA    . CYS A 1 81  ? 2.844   3.434   0.184   1    16.93 ? 80  CYS A CA    1 
ATOM   636  C  C     . CYS A 1 81  ? 3.648   2.696   1.209   1    16.12 ? 80  CYS A C     1 
ATOM   637  O  O     . CYS A 1 81  ? 3.590   3.014   2.396   1    16.9  ? 80  CYS A O     1 
ATOM   638  C  CB    . CYS A 1 81  ? 3.036   4.936   0.304   1    17.94 ? 80  CYS A CB    1 
ATOM   639  S  SG    . CYS A 1 81  ? 2.260   5.877   -1.040  1    21.97 ? 80  CYS A SG    1 
ATOM   640  N  N     . VAL A 1 82  ? 4.351   1.684   0.765   1    15.17 ? 81  VAL A N     1 
ATOM   641  C  CA    . VAL A 1 82  ? 5.041   0.738   1.662   1    14.78 ? 81  VAL A CA    1 
ATOM   642  C  C     . VAL A 1 82  ? 6.516   0.931   1.717   1    15.71 ? 81  VAL A C     1 
ATOM   643  O  O     . VAL A 1 82  ? 7.165   1.052   0.677   1    16.12 ? 81  VAL A O     1 
ATOM   644  C  CB    . VAL A 1 82  ? 4.744   -0.728  1.239   1    15.52 ? 81  VAL A CB    1 
ATOM   645  C  CG1   . VAL A 1 82  ? 5.297   -1.710  2.271   1    15.5  ? 81  VAL A CG1   1 
ATOM   646  C  CG2   . VAL A 1 82  ? 3.249   -0.964  1.049   1    14.7  ? 81  VAL A CG2   1 
ATOM   647  N  N     . PHE A 1 83  ? 7.078   0.960   2.934   1    15.51 ? 82  PHE A N     1 
ATOM   648  C  CA    . PHE A 1 83  ? 8.524   0.903   3.123   1    16.05 ? 82  PHE A CA    1 
ATOM   649  C  C     . PHE A 1 83  ? 8.785   -0.249  4.101   1    16.38 ? 82  PHE A C     1 
ATOM   650  O  O     . PHE A 1 83  ? 7.834   -0.781  4.710   1    16.03 ? 82  PHE A O     1 
ATOM   651  C  CB    . PHE A 1 83  ? 9.119   2.225   3.646   1    15.84 ? 82  PHE A CB    1 
ATOM   652  C  CG    . PHE A 1 83  ? 8.718   2.572   5.056   1    16.84 ? 82  PHE A CG    1 
ATOM   653  C  CD1   . PHE A 1 83  ? 7.570   3.300   5.301   1    17.93 ? 82  PHE A CD1   1 
ATOM   654  C  CD2   . PHE A 1 83  ? 9.533   2.241   6.126   1    17.2  ? 82  PHE A CD2   1 
ATOM   655  C  CE1   . PHE A 1 83  ? 7.198   3.630   6.596   1    18.54 ? 82  PHE A CE1   1 
ATOM   656  C  CE2   . PHE A 1 83  ? 9.154   2.564   7.434   1    18    ? 82  PHE A CE2   1 
ATOM   657  C  CZ    . PHE A 1 83  ? 8.004   3.267   7.657   1    17.77 ? 82  PHE A CZ    1 
ATOM   658  N  N     . ALA A 1 84  ? 10.050  -0.658  4.240   1    15.97 ? 83  ALA A N     1 
ATOM   659  C  CA    . ALA A 1 84  ? 10.389  -1.692  5.217   1    17.37 ? 83  ALA A CA    1 
ATOM   660  C  C     . ALA A 1 84  ? 11.104  -1.015  6.371   1    18.99 ? 83  ALA A C     1 
ATOM   661  O  O     . ALA A 1 84  ? 11.974  -0.154  6.155   1    18.95 ? 83  ALA A O     1 
ATOM   662  C  CB    . ALA A 1 84  ? 11.265  -2.759  4.590   1    18.54 ? 83  ALA A CB    1 
ATOM   663  N  N     . ILE A 1 85  ? 10.738  -1.381  7.612   1    18.92 ? 84  ILE A N     1 
ATOM   664  C  CA    . ILE A 1 85  ? 11.331  -0.719  8.786   1    21.17 ? 84  ILE A CA    1 
ATOM   665  C  C     . ILE A 1 85  ? 12.835  -0.969  8.972   1    22.44 ? 84  ILE A C     1 
ATOM   666  O  O     . ILE A 1 85  ? 13.446  -0.304  9.816   1    23.84 ? 84  ILE A O     1 
ATOM   667  C  CB    . ILE A 1 85  ? 10.571  -1.013  10.089  1    22.38 ? 84  ILE A CB    1 
ATOM   668  C  CG1   . ILE A 1 85  ? 10.685  -2.493  10.477  1    24.59 ? 84  ILE A CG1   1 
ATOM   669  C  CG2   . ILE A 1 85  ? 9.121   -0.528  9.995   1    22.91 ? 84  ILE A CG2   1 
ATOM   670  C  CD1   . ILE A 1 85  ? 10.592  -2.698  11.929  1    27.15 ? 84  ILE A CD1   1 
ATOM   671  N  N     . ASN A 1 86  ? 13.415  -1.895  8.218   1    21.81 ? 85  ASN A N     1 
ATOM   672  C  CA    . ASN A 1 86  ? 14.853  -2.176  8.280   1    22.61 ? 85  ASN A CA    1 
ATOM   673  C  C     . ASN A 1 86  ? 15.586  -1.666  7.013   1    23.29 ? 85  ASN A C     1 
ATOM   674  O  O     . ASN A 1 86  ? 16.708  -2.097  6.745   1    24.35 ? 85  ASN A O     1 
ATOM   675  C  CB    . ASN A 1 86  ? 15.076  -3.681  8.463   1    22.8  ? 85  ASN A CB    1 
ATOM   676  C  CG    . ASN A 1 86  ? 14.685  -4.494  7.262   1    24.52 ? 85  ASN A CG    1 
ATOM   677  O  OD1   . ASN A 1 86  ? 13.847  -4.079  6.450   1    23.97 ? 85  ASN A OD1   1 
ATOM   678  N  ND2   . ASN A 1 86  ? 15.314  -5.642  7.075   1    26.42 ? 85  ASN A ND2   1 
ATOM   679  N  N     . ASN A 1 87  ? 14.938  -0.792  6.211   1    22.63 ? 86  ASN A N     1 
ATOM   680  C  CA    . ASN A 1 87  ? 15.537  -0.294  4.986   1    22.85 ? 86  ASN A CA    1 
ATOM   681  C  C     . ASN A 1 87  ? 15.266  1.205   4.921   1    22.46 ? 86  ASN A C     1 
ATOM   682  O  O     . ASN A 1 87  ? 14.193  1.629   4.476   1    21.98 ? 86  ASN A O     1 
ATOM   683  C  CB    . ASN A 1 87  ? 14.955  -1.046  3.785   1    23.7  ? 86  ASN A CB    1 
ATOM   684  C  CG    . ASN A 1 87  ? 15.470  -0.613  2.429   1    27.61 ? 86  ASN A CG    1 
ATOM   685  O  OD1   . ASN A 1 87  ? 15.931  0.500   2.237   1    26.35 ? 86  ASN A OD1   1 
ATOM   686  N  ND2   . ASN A 1 87  ? 15.312  -1.465  1.427   1    31.52 ? 86  ASN A ND2   1 
ATOM   687  N  N     . THR A 1 88  ? 16.237  2.015   5.384   1    21.35 ? 87  THR A N     1 
ATOM   688  C  CA    A THR A 1 88  ? 16.101  3.465   5.402   0.5  21.21 ? 87  THR A CA    1 
ATOM   689  C  CA    B THR A 1 88  ? 16.055  3.470   5.387   0.5  21.35 ? 87  THR A CA    1 
ATOM   690  C  C     . THR A 1 88  ? 15.825  4.041   4.006   1    20.95 ? 87  THR A C     1 
ATOM   691  O  O     . THR A 1 88  ? 15.039  4.964   3.880   1    20.96 ? 87  THR A O     1 
ATOM   692  C  CB    A THR A 1 88  ? 17.333  4.083   6.073   0.5  22.72 ? 87  THR A CB    1 
ATOM   693  C  CB    B THR A 1 88  ? 17.214  4.192   6.057   0.5  23.25 ? 87  THR A CB    1 
ATOM   694  O  OG1   A THR A 1 88  ? 17.510  3.457   7.349   0.5  23.89 ? 87  THR A OG1   1 
ATOM   695  O  OG1   B THR A 1 88  ? 18.432  3.711   5.488   0.5  24.82 ? 87  THR A OG1   1 
ATOM   696  C  CG2   A THR A 1 88  ? 17.209  5.582   6.241   0.5  23.06 ? 87  THR A CG2   1 
ATOM   697  C  CG2   B THR A 1 88  ? 17.181  4.049   7.579   0.5  23.61 ? 87  THR A CG2   1 
ATOM   698  N  N     . LYS A 1 89  ? 16.494  3.504   2.973   1    20.62 ? 88  LYS A N     1 
ATOM   699  C  CA    . LYS A 1 89  ? 16.317  3.973   1.593   1    20.51 ? 88  LYS A CA    1 
ATOM   700  C  C     . LYS A 1 89  ? 14.859  3.831   1.168   1    19.93 ? 88  LYS A C     1 
ATOM   701  O  O     . LYS A 1 89  ? 14.297  4.764   0.593   1    20.63 ? 88  LYS A O     1 
ATOM   702  C  CB    . LYS A 1 89  ? 17.235  3.189   0.632   1    21.9  ? 88  LYS A CB    1 
ATOM   703  C  CG    . LYS A 1 89  ? 17.151  3.604   -0.840  1    26.06 ? 88  LYS A CG    1 
ATOM   704  C  CD    . LYS A 1 89  ? 17.375  5.112   -1.053  1    28.74 ? 88  LYS A CD    1 
ATOM   705  C  CE    . LYS A 1 89  ? 17.689  5.490   -2.483  1    30.63 ? 88  LYS A CE    1 
ATOM   706  N  NZ    . LYS A 1 89  ? 16.601  5.110   -3.439  1    31.51 ? 88  LYS A NZ    1 
ATOM   707  N  N     . SER A 1 90  ? 14.217  2.711   1.523   1    18.59 ? 89  SER A N     1 
ATOM   708  C  CA    . SER A 1 90  ? 12.810  2.505   1.148   1    17.96 ? 89  SER A CA    1 
ATOM   709  C  C     . SER A 1 90  ? 11.912  3.580   1.791   1    17.64 ? 89  SER A C     1 
ATOM   710  O  O     . SER A 1 90  ? 10.934  4.022   1.199   1    17.73 ? 89  SER A O     1 
ATOM   711  C  CB    . SER A 1 90  ? 12.365  1.085   1.501   1    18.4  ? 89  SER A CB    1 
ATOM   712  O  OG    . SER A 1 90  ? 12.196  0.895   2.902   1    18.62 ? 89  SER A OG    1 
ATOM   713  N  N     . PHE A 1 91  ? 12.240  3.998   3.014   1    17    ? 90  PHE A N     1 
ATOM   714  C  CA    . PHE A 1 91  ? 11.504  5.054   3.694   1    17.15 ? 90  PHE A CA    1 
ATOM   715  C  C     . PHE A 1 91  ? 11.796  6.421   3.013   1    18.05 ? 90  PHE A C     1 
ATOM   716  O  O     . PHE A 1 91  ? 10.886  7.218   2.825   1    18.08 ? 90  PHE A O     1 
ATOM   717  C  CB    . PHE A 1 91  ? 11.933  5.101   5.173   1    17.08 ? 90  PHE A CB    1 
ATOM   718  C  CG    . PHE A 1 91  ? 11.276  6.224   5.939   1    18.36 ? 90  PHE A CG    1 
ATOM   719  C  CD1   . PHE A 1 91  ? 9.907   6.239   6.142   1    18.85 ? 90  PHE A CD1   1 
ATOM   720  C  CD2   . PHE A 1 91  ? 12.018  7.298   6.400   1    19.32 ? 90  PHE A CD2   1 
ATOM   721  C  CE1   . PHE A 1 91  ? 9.293   7.292   6.806   1    19.79 ? 90  PHE A CE1   1 
ATOM   722  C  CE2   . PHE A 1 91  ? 11.402  8.355   7.067   1    20.38 ? 90  PHE A CE2   1 
ATOM   723  C  CZ    . PHE A 1 91  ? 10.043  8.350   7.265   1    20.22 ? 90  PHE A CZ    1 
ATOM   724  N  N     . GLU A 1 92  ? 13.063  6.686   2.683   1    18.51 ? 91  GLU A N     1 
ATOM   725  C  CA    . GLU A 1 92  ? 13.442  7.923   2.009   1    18.83 ? 91  GLU A CA    1 
ATOM   726  C  C     . GLU A 1 92  ? 12.773  8.055   0.651   1    18.39 ? 91  GLU A C     1 
ATOM   727  O  O     . GLU A 1 92  ? 12.524  9.180   0.215   1    19.31 ? 91  GLU A O     1 
ATOM   728  C  CB    . GLU A 1 92  ? 14.966  8.006   1.868   1    20.58 ? 91  GLU A CB    1 
ATOM   729  C  CG    . GLU A 1 92  ? 15.631  8.150   3.228   1    25.93 ? 91  GLU A CG    1 
ATOM   730  C  CD    . GLU A 1 92  ? 17.132  7.979   3.219   1    34.32 ? 91  GLU A CD    1 
ATOM   731  O  OE1   . GLU A 1 92  ? 17.766  8.380   4.220   1    39.32 ? 91  GLU A OE1   1 
ATOM   732  O  OE2   . GLU A 1 92  ? 17.676  7.438   2.230   1    37.42 ? 91  GLU A OE2   1 
ATOM   733  N  N     . ASP A 1 93  ? 12.454  6.922   -0.001  1    17.07 ? 92  ASP A N     1 
ATOM   734  C  CA    . ASP A 1 93  ? 11.773  6.925   -1.307  1    16.54 ? 92  ASP A CA    1 
ATOM   735  C  C     . ASP A 1 93  ? 10.285  7.297   -1.198  1    17.06 ? 92  ASP A C     1 
ATOM   736  O  O     . ASP A 1 93  ? 9.653   7.539   -2.231  1    17.23 ? 92  ASP A O     1 
ATOM   737  C  CB    . ASP A 1 93  ? 11.857  5.534   -1.950  1    16.22 ? 92  ASP A CB    1 
ATOM   738  C  CG    . ASP A 1 93  ? 13.211  5.161   -2.527  1    20.89 ? 92  ASP A CG    1 
ATOM   739  O  OD1   . ASP A 1 93  ? 14.105  6.043   -2.568  1    21.41 ? 92  ASP A OD1   1 
ATOM   740  O  OD2   . ASP A 1 93  ? 13.385  3.989   -2.906  1    22.48 ? 92  ASP A OD2   1 
ATOM   741  N  N     . ILE A 1 94  ? 9.694   7.313   0.018   1    16.41 ? 93  ILE A N     1 
ATOM   742  C  CA    . ILE A 1 94  ? 8.256   7.558   0.158   1    16.58 ? 93  ILE A CA    1 
ATOM   743  C  C     . ILE A 1 94  ? 7.827   8.896   -0.423  1    16.45 ? 93  ILE A C     1 
ATOM   744  O  O     . ILE A 1 94  ? 6.816   8.958   -1.121  1    16.95 ? 93  ILE A O     1 
ATOM   745  C  CB    . ILE A 1 94  ? 7.806   7.385   1.636   1    16.78 ? 93  ILE A CB    1 
ATOM   746  C  CG1   . ILE A 1 94  ? 7.910   5.897   2.065   1    17.5  ? 93  ILE A CG1   1 
ATOM   747  C  CG2   . ILE A 1 94  ? 6.402   7.952   1.872   1    18.03 ? 93  ILE A CG2   1 
ATOM   748  C  CD1   . ILE A 1 94  ? 6.948   4.953   1.364   1    17.72 ? 93  ILE A CD1   1 
ATOM   749  N  N     . HIS A 1 95  ? 8.599   9.966   -0.211  1    16.55 ? 94  HIS A N     1 
ATOM   750  C  CA    . HIS A 1 95  ? 8.276   11.282  -0.790  1    16.33 ? 94  HIS A CA    1 
ATOM   751  C  C     . HIS A 1 95  ? 8.073   11.161  -2.322  1    15.83 ? 94  HIS A C     1 
ATOM   752  O  O     . HIS A 1 95  ? 7.092   11.641  -2.863  1    16.24 ? 94  HIS A O     1 
ATOM   753  C  CB    . HIS A 1 95  ? 9.427   12.269  -0.491  1    17.9  ? 94  HIS A CB    1 
ATOM   754  C  CG    . HIS A 1 95  ? 9.355   13.547  -1.286  1    19.79 ? 94  HIS A CG    1 
ATOM   755  N  ND1   . HIS A 1 95  ? 8.569   14.600  -0.876  1    22.57 ? 94  HIS A ND1   1 
ATOM   756  C  CD2   . HIS A 1 95  ? 9.964   13.885  -2.448  1    21.05 ? 94  HIS A CD2   1 
ATOM   757  C  CE1   . HIS A 1 95  ? 8.726   15.545  -1.792  1    22.97 ? 94  HIS A CE1   1 
ATOM   758  N  NE2   . HIS A 1 95  ? 9.562   15.159  -2.754  1    22.04 ? 94  HIS A NE2   1 
ATOM   759  N  N     . HIS A 1 96  ? 8.966   10.421  -2.967  1    14.87 ? 95  HIS A N     1 
ATOM   760  C  CA    . HIS A 1 96  ? 8.874   10.195  -4.410  1    14.59 ? 95  HIS A CA    1 
ATOM   761  C  C     . HIS A 1 96  ? 7.576   9.505   -4.796  1    15.25 ? 95  HIS A C     1 
ATOM   762  O  O     . HIS A 1 96  ? 6.893   9.945   -5.730  1    16.36 ? 95  HIS A O     1 
ATOM   763  C  CB    . HIS A 1 96  ? 10.098  9.377   -4.876  1    14.88 ? 95  HIS A CB    1 
ATOM   764  C  CG    . HIS A 1 96  ? 9.878   8.650   -6.170  1    15.39 ? 95  HIS A CG    1 
ATOM   765  N  ND1   . HIS A 1 96  ? 9.830   9.332   -7.369  1    17.39 ? 95  HIS A ND1   1 
ATOM   766  C  CD2   . HIS A 1 96  ? 9.701   7.326   -6.407  1    16.61 ? 95  HIS A CD2   1 
ATOM   767  C  CE1   . HIS A 1 96  ? 9.616   8.412   -8.304  1    17.48 ? 95  HIS A CE1   1 
ATOM   768  N  NE2   . HIS A 1 96  ? 9.531   7.191   -7.778  1    16.96 ? 95  HIS A NE2   1 
ATOM   769  N  N     . TYR A 1 97  ? 7.237   8.410   -4.095  1    15.28 ? 96  TYR A N     1 
ATOM   770  C  CA    . TYR A 1 97  ? 6.014   7.669   -4.421  1    15.84 ? 96  TYR A CA    1 
ATOM   771  C  C     . TYR A 1 97  ? 4.792   8.541   -4.223  1    16.15 ? 96  TYR A C     1 
ATOM   772  O  O     . TYR A 1 97  ? 3.937   8.597   -5.108  1    16.86 ? 96  TYR A O     1 
ATOM   773  C  CB    . TYR A 1 97  ? 5.927   6.371   -3.600  1    15.71 ? 96  TYR A CB    1 
ATOM   774  C  CG    . TYR A 1 97  ? 6.863   5.315   -4.147  1    15.86 ? 96  TYR A CG    1 
ATOM   775  C  CD1   . TYR A 1 97  ? 6.538   4.590   -5.284  1    15.32 ? 96  TYR A CD1   1 
ATOM   776  C  CD2   . TYR A 1 97  ? 8.085   5.054   -3.538  1    16.11 ? 96  TYR A CD2   1 
ATOM   777  C  CE1   . TYR A 1 97  ? 7.402   3.638   -5.801  1    15.79 ? 96  TYR A CE1   1 
ATOM   778  C  CE2   . TYR A 1 97  ? 8.974   4.122   -4.067  1    16.68 ? 96  TYR A CE2   1 
ATOM   779  C  CZ    . TYR A 1 97  ? 8.640   3.437   -5.217  1    16.55 ? 96  TYR A CZ    1 
ATOM   780  O  OH    . TYR A 1 97  ? 9.486   2.483   -5.730  1    17.7  ? 96  TYR A OH    1 
ATOM   781  N  N     . ARG A 1 98  ? 4.738   9.277   -3.109  1    15.61 ? 97  ARG A N     1 
ATOM   782  C  CA    . ARG A 1 98  ? 3.621   10.180  -2.867  1    16.93 ? 97  ARG A CA    1 
ATOM   783  C  C     . ARG A 1 98  ? 3.501   11.253  -3.939  1    17.23 ? 97  ARG A C     1 
ATOM   784  O  O     . ARG A 1 98  ? 2.391   11.519  -4.418  1    17.22 ? 97  ARG A O     1 
ATOM   785  C  CB    . ARG A 1 98  ? 3.750   10.835  -1.498  1    19.33 ? 97  ARG A CB    1 
ATOM   786  C  CG    . ARG A 1 98  ? 2.579   11.768  -1.246  1    21.73 ? 97  ARG A CG    1 
ATOM   787  C  CD    . ARG A 1 98  ? 2.456   12.145  0.182   1    24.73 ? 97  ARG A CD    1 
ATOM   788  N  NE    . ARG A 1 98  ? 1.622   13.330  0.332   1    27.37 ? 97  ARG A NE    1 
ATOM   789  C  CZ    . ARG A 1 98  ? 0.309   13.312  0.532   1    31.43 ? 97  ARG A CZ    1 
ATOM   790  N  NH1   . ARG A 1 98  ? -0.342  12.158  0.618   1    32.14 ? 97  ARG A NH1   1 
ATOM   791  N  NH2   . ARG A 1 98  ? -0.362  14.448  0.662   1    32.07 ? 97  ARG A NH2   1 
ATOM   792  N  N     . GLU A 1 99  ? 4.652   11.819  -4.368  1    16.51 ? 98  GLU A N     1 
ATOM   793  C  CA    . GLU A 1 99  ? 4.613   12.858  -5.383  1    16.97 ? 98  GLU A CA    1 
ATOM   794  C  C     . GLU A 1 99  ? 4.111   12.323  -6.726  1    17.15 ? 98  GLU A C     1 
ATOM   795  O  O     . GLU A 1 99  ? 3.393   13.026  -7.426  1    17.99 ? 98  GLU A O     1 
ATOM   796  C  CB    . GLU A 1 99  ? 5.993   13.528  -5.525  1    17.94 ? 98  GLU A CB    1 
ATOM   797  C  CG    . GLU A 1 99  ? 6.332   14.428  -4.346  1    22.33 ? 98  GLU A CG    1 
ATOM   798  C  CD    . GLU A 1 99  ? 5.350   15.558  -4.092  1    28.29 ? 98  GLU A CD    1 
ATOM   799  O  OE1   . GLU A 1 99  ? 4.858   16.159  -5.074  1    29    ? 98  GLU A OE1   1 
ATOM   800  O  OE2   . GLU A 1 99  ? 5.078   15.848  -2.904  1    31.07 ? 98  GLU A OE2   1 
ATOM   801  N  N     . GLN A 1 100 ? 4.465   11.087  -7.073  1    16.08 ? 99  GLN A N     1 
ATOM   802  C  CA    . GLN A 1 100 ? 3.982   10.516  -8.335  1    15.26 ? 99  GLN A CA    1 
ATOM   803  C  C     . GLN A 1 100 ? 2.495   10.283  -8.293  1    15.39 ? 99  GLN A C     1 
ATOM   804  O  O     . GLN A 1 100 ? 1.811   10.516  -9.287  1    16.61 ? 99  GLN A O     1 
ATOM   805  C  CB    . GLN A 1 100 ? 4.738   9.230   -8.706  1    15.64 ? 99  GLN A CB    1 
ATOM   806  C  CG    . GLN A 1 100 ? 6.235   9.464   -8.963  1    17.37 ? 99  GLN A CG    1 
ATOM   807  C  CD    . GLN A 1 100 ? 6.472   10.583  -9.956  1    19.22 ? 99  GLN A CD    1 
ATOM   808  O  OE1   . GLN A 1 100 ? 5.866   10.617  -11.024 1    19.5  ? 99  GLN A OE1   1 
ATOM   809  N  NE2   . GLN A 1 100 ? 7.306   11.551  -9.585  1    21.22 ? 99  GLN A NE2   1 
ATOM   810  N  N     . ILE A 1 101 ? 1.979   9.863   -7.138  1    15.09 ? 100 ILE A N     1 
ATOM   811  C  CA    . ILE A 1 101 ? 0.537   9.671   -6.989  1    15.52 ? 100 ILE A CA    1 
ATOM   812  C  C     . ILE A 1 101 ? -0.189  11.020  -7.106  1    17.27 ? 100 ILE A C     1 
ATOM   813  O  O     . ILE A 1 101 ? -1.138  11.145  -7.886  1    18.74 ? 100 ILE A O     1 
ATOM   814  C  CB    . ILE A 1 101 ? 0.273   9.013   -5.631  1    15.45 ? 100 ILE A CB    1 
ATOM   815  C  CG1   . ILE A 1 101 ? 0.831   7.596   -5.637  1    16.76 ? 100 ILE A CG1   1 
ATOM   816  C  CG2   . ILE A 1 101 ? -1.222  9.013   -5.320  1    16.04 ? 100 ILE A CG2   1 
ATOM   817  C  CD1   . ILE A 1 101 ? 0.986   7.037   -4.255  1    17.52 ? 100 ILE A CD1   1 
ATOM   818  N  N     . LYS A 1 102 ? 0.286   12.049  -6.380  0.94 17.49 ? 101 LYS A N     1 
ATOM   819  C  CA    . LYS A 1 102 ? -0.328  13.380  -6.458  0.94 17.51 ? 101 LYS A CA    1 
ATOM   820  C  C     . LYS A 1 102 ? -0.273  13.932  -7.879  0.94 18.23 ? 101 LYS A C     1 
ATOM   821  O  O     . LYS A 1 102 ? -1.247  14.520  -8.353  0.94 19.26 ? 101 LYS A O     1 
ATOM   822  C  CB    . LYS A 1 102 ? 0.390   14.350  -5.519  0.94 18.67 ? 101 LYS A CB    1 
ATOM   823  C  CG    . LYS A 1 102 ? 0.142   14.043  -4.054  0.94 22.44 ? 101 LYS A CG    1 
ATOM   824  C  CD    . LYS A 1 102 ? 1.079   14.871  -3.156  0.94 27.68 ? 101 LYS A CD    1 
ATOM   825  C  CE    . LYS A 1 102 ? 1.142   16.349  -3.485  0.94 32.28 ? 101 LYS A CE    1 
ATOM   826  N  NZ    . LYS A 1 102 ? 2.165   17.051  -2.651  0.94 35.18 ? 101 LYS A NZ    1 
ATOM   827  N  N     . ARG A 1 103 ? 0.832   13.665  -8.590  1    17.37 ? 102 ARG A N     1 
ATOM   828  C  CA    . ARG A 1 103 ? 0.973   14.148  -9.949  1    17.37 ? 102 ARG A CA    1 
ATOM   829  C  C     . ARG A 1 103 ? -0.047  13.538  -10.900 1    18.23 ? 102 ARG A C     1 
ATOM   830  O  O     . ARG A 1 103 ? -0.716  14.287  -11.639 1    19.73 ? 102 ARG A O     1 
ATOM   831  C  CB    . ARG A 1 103 ? 2.401   13.924  -10.469 1    17.69 ? 102 ARG A CB    1 
ATOM   832  C  CG    . ARG A 1 103 ? 2.603   14.442  -11.888 1    17.4  ? 102 ARG A CG    1 
ATOM   833  C  CD    . ARG A 1 103 ? 4.011   14.141  -12.391 1    17.38 ? 102 ARG A CD    1 
ATOM   834  N  NE    . ARG A 1 103 ? 4.290   12.706  -12.436 1    16.69 ? 102 ARG A NE    1 
ATOM   835  C  CZ    . ARG A 1 103 ? 3.915   11.895  -13.419 1    19.1  ? 102 ARG A CZ    1 
ATOM   836  N  NH1   . ARG A 1 103 ? 3.204   12.363  -14.442 1    19.09 ? 102 ARG A NH1   1 
ATOM   837  N  NH2   . ARG A 1 103 ? 4.220   10.603  -13.371 1    19.26 ? 102 ARG A NH2   1 
ATOM   838  N  N     . VAL A 1 104 ? -0.161  12.187  -10.936 1    17.99 ? 103 VAL A N     1 
ATOM   839  C  CA    . VAL A 1 104 ? -1.076  11.585  -11.908 1    18.24 ? 103 VAL A CA    1 
ATOM   840  C  C     . VAL A 1 104 ? -2.530  11.752  -11.501 1    19.33 ? 103 VAL A C     1 
ATOM   841  O  O     . VAL A 1 104 ? -3.385  11.807  -12.379 1    20.95 ? 103 VAL A O     1 
ATOM   842  C  CB    . VAL A 1 104 ? -0.741  10.132  -12.285 1    18.78 ? 103 VAL A CB    1 
ATOM   843  C  CG1   . VAL A 1 104 ? 0.670   10.042  -12.862 1    19.37 ? 103 VAL A CG1   1 
ATOM   844  C  CG2   . VAL A 1 104 ? -0.921  9.189   -11.090 1    19.14 ? 103 VAL A CG2   1 
ATOM   845  N  N     . LYS A 1 105 ? -2.830  11.823  -10.194 1    19.89 ? 104 LYS A N     1 
ATOM   846  C  CA    . LYS A 1 105 ? -4.223  12.041  -9.764  1    21.33 ? 104 LYS A CA    1 
ATOM   847  C  C     . LYS A 1 105 ? -4.605  13.530  -9.807  1    24.9  ? 104 LYS A C     1 
ATOM   848  O  O     . LYS A 1 105 ? -5.777  13.845  -9.635  1    26.33 ? 104 LYS A O     1 
ATOM   849  C  CB    . LYS A 1 105 ? -4.433  11.508  -8.335  1    20.93 ? 104 LYS A CB    1 
ATOM   850  C  CG    . LYS A 1 105 ? -4.184  10.004  -8.187  1    22.16 ? 104 LYS A CG    1 
ATOM   851  C  CD    . LYS A 1 105 ? -5.184  9.155   -8.955  1    23.3  ? 104 LYS A CD    1 
ATOM   852  C  CE    . LYS A 1 105 ? -6.525  9.086   -8.257  1    23.1  ? 104 LYS A CE    1 
ATOM   853  N  NZ    . LYS A 1 105 ? -7.507  8.292   -9.045  1    22.41 ? 104 LYS A NZ    1 
ATOM   854  N  N     . ASP A 1 106 ? -3.616  14.436  -9.976  1    25.85 ? 105 ASP A N     1 
ATOM   855  C  CA    . ASP A 1 106 ? -3.773  15.892  -10.019 1    27.8  ? 105 ASP A CA    1 
ATOM   856  C  C     . ASP A 1 106 ? -4.508  16.362  -8.774  1    29.52 ? 105 ASP A C     1 
ATOM   857  O  O     . ASP A 1 106 ? -5.512  17.075  -8.864  1    30.7  ? 105 ASP A O     1 
ATOM   858  C  CB    . ASP A 1 106 ? -4.489  16.324  -11.312 1    29.88 ? 105 ASP A CB    1 
ATOM   859  C  CG    . ASP A 1 106 ? -4.411  17.815  -11.578 1    37.1  ? 105 ASP A CG    1 
ATOM   860  O  OD1   . ASP A 1 106 ? -3.493  18.470  -11.029 1    38.2  ? 105 ASP A OD1   1 
ATOM   861  O  OD2   . ASP A 1 106 ? -5.272  18.329  -12.323 1    40.71 ? 105 ASP A OD2   1 
ATOM   862  N  N     . SER A 1 107 ? -4.043  15.912  -7.612  1    29.32 ? 106 SER A N     1 
ATOM   863  C  CA    . SER A 1 107 ? -4.714  16.217  -6.364  1    30.24 ? 106 SER A CA    1 
ATOM   864  C  C     . SER A 1 107 ? -3.774  16.127  -5.193  1    30.62 ? 106 SER A C     1 
ATOM   865  O  O     . SER A 1 107 ? -2.898  15.264  -5.151  1    30.55 ? 106 SER A O     1 
ATOM   866  C  CB    . SER A 1 107 ? -5.872  15.236  -6.156  1    31.52 ? 106 SER A CB    1 
ATOM   867  O  OG    . SER A 1 107 ? -6.494  15.386  -4.889  1    34.68 ? 106 SER A OG    1 
ATOM   868  N  N     . GLU A 1 108 ? -3.991  17.000  -4.214  1    31.39 ? 107 GLU A N     1 
ATOM   869  C  CA    . GLU A 1 108 ? -3.282  16.970  -2.934  1    32.49 ? 107 GLU A CA    1 
ATOM   870  C  C     . GLU A 1 108 ? -4.027  16.069  -1.912  1    32.88 ? 107 GLU A C     1 
ATOM   871  O  O     . GLU A 1 108 ? -3.534  15.885  -0.804  1    34.08 ? 107 GLU A O     1 
ATOM   872  C  CB    . GLU A 1 108 ? -3.182  18.393  -2.353  1    35.62 ? 107 GLU A CB    1 
ATOM   873  C  CG    . GLU A 1 108 ? -1.967  19.174  -2.827  1    43.16 ? 107 GLU A CG    1 
ATOM   874  C  CD    . GLU A 1 108 ? -1.998  19.537  -4.296  1    53.14 ? 107 GLU A CD    1 
ATOM   875  O  OE1   . GLU A 1 108 ? -0.928  19.494  -4.944  1    56.1  ? 107 GLU A OE1   1 
ATOM   876  O  OE2   . GLU A 1 108 ? -3.100  19.847  -4.805  1    56.14 ? 107 GLU A OE2   1 
ATOM   877  N  N     . ASP A 1 109 ? -5.210  15.532  -2.260  1    31.86 ? 108 ASP A N     1 
ATOM   878  C  CA    . ASP A 1 109 ? -6.030  14.727  -1.354  1    32.01 ? 108 ASP A CA    1 
ATOM   879  C  C     . ASP A 1 109 ? -6.365  13.376  -1.984  1    30.52 ? 108 ASP A C     1 
ATOM   880  O  O     . ASP A 1 109 ? -7.493  13.147  -2.437  1    32.76 ? 108 ASP A O     1 
ATOM   881  C  CB    . ASP A 1 109 ? -7.320  15.493  -1.018  1    35.2  ? 108 ASP A CB    1 
ATOM   882  C  CG    . ASP A 1 109 ? -8.200  14.811  0.005   1    43.71 ? 108 ASP A CG    1 
ATOM   883  O  OD1   . ASP A 1 109 ? -7.654  14.094  0.872   1    45.12 ? 108 ASP A OD1   1 
ATOM   884  O  OD2   . ASP A 1 109 ? -9.439  14.993  -0.064  1    47.01 ? 108 ASP A OD2   1 
ATOM   885  N  N     . VAL A 1 110 ? -5.374  12.507  -2.062  1    26.43 ? 109 VAL A N     1 
ATOM   886  C  CA    . VAL A 1 110 ? -5.592  11.180  -2.623  1    23.04 ? 109 VAL A CA    1 
ATOM   887  C  C     . VAL A 1 110 ? -5.630  10.214  -1.466  1    20.21 ? 109 VAL A C     1 
ATOM   888  O  O     . VAL A 1 110 ? -4.718  10.242  -0.640  1    19.82 ? 109 VAL A O     1 
ATOM   889  C  CB    . VAL A 1 110 ? -4.438  10.789  -3.579  1    23.07 ? 109 VAL A CB    1 
ATOM   890  C  CG1   . VAL A 1 110 ? -4.639  9.378   -4.122  1    22.7  ? 109 VAL A CG1   1 
ATOM   891  C  CG2   . VAL A 1 110 ? -4.293  11.798  -4.715  1    23.39 ? 109 VAL A CG2   1 
ATOM   892  N  N     . PRO A 1 111 ? -6.604  9.287   -1.416  1    19.23 ? 110 PRO A N     1 
ATOM   893  C  CA    . PRO A 1 111 ? -6.604  8.289   -0.336  1    18.8  ? 110 PRO A CA    1 
ATOM   894  C  C     . PRO A 1 111 ? -5.309  7.480   -0.347  1    17.83 ? 110 PRO A C     1 
ATOM   895  O  O     . PRO A 1 111 ? -4.895  6.930   -1.378  1    16.81 ? 110 PRO A O     1 
ATOM   896  C  CB    . PRO A 1 111 ? -7.790  7.408   -0.692  1    19.35 ? 110 PRO A CB    1 
ATOM   897  C  CG    . PRO A 1 111 ? -8.730  8.332   -1.391  1    19.81 ? 110 PRO A CG    1 
ATOM   898  C  CD    . PRO A 1 111 ? -7.791  9.131   -2.276  1    18.75 ? 110 PRO A CD    1 
ATOM   899  N  N     . MET A 1 112 ? -4.651  7.468   0.791   1    17.65 ? 111 MET A N     1 
ATOM   900  C  CA    . MET A 1 112 ? -3.337  6.890   0.905   1    17.97 ? 111 MET A CA    1 
ATOM   901  C  C     . MET A 1 112 ? -3.061  6.481   2.332   1    17.16 ? 111 MET A C     1 
ATOM   902  O  O     . MET A 1 112 ? -3.529  7.127   3.273   1    17.7  ? 111 MET A O     1 
ATOM   903  C  CB    . MET A 1 112 ? -2.350  8.007   0.499   1    20.2  ? 111 MET A CB    1 
ATOM   904  C  CG    . MET A 1 112 ? -0.996  7.558   0.134   1    24.22 ? 111 MET A CG    1 
ATOM   905  S  SD    . MET A 1 112 ? -0.003  8.997   -0.377  1    26.4  ? 111 MET A SD    1 
ATOM   906  C  CE    . MET A 1 112 ? -0.806  9.518   -1.715  1    23.54 ? 111 MET A CE    1 
ATOM   907  N  N     . VAL A 1 113 ? -2.298  5.403   2.501   1    15.92 ? 112 VAL A N     1 
ATOM   908  C  CA    . VAL A 1 113 ? -1.871  4.953   3.825   1    16.19 ? 112 VAL A CA    1 
ATOM   909  C  C     . VAL A 1 113 ? -0.373  4.660   3.770   1    16.64 ? 112 VAL A C     1 
ATOM   910  O  O     . VAL A 1 113 ? 0.082   4.022   2.813   1    16.81 ? 112 VAL A O     1 
ATOM   911  C  CB    . VAL A 1 113 ? -2.684  3.713   4.316   1    16.63 ? 112 VAL A CB    1 
ATOM   912  C  CG1   . VAL A 1 113 ? -2.095  3.113   5.602   1    18.23 ? 112 VAL A CG1   1 
ATOM   913  C  CG2   . VAL A 1 113 ? -4.174  4.052   4.492   1    17.17 ? 112 VAL A CG2   1 
ATOM   914  N  N     . LEU A 1 114 ? 0.391   5.144   4.755   1    16    ? 113 LEU A N     1 
ATOM   915  C  CA    . LEU A 1 114 ? 1.824   4.866   4.841   1    16.71 ? 113 LEU A CA    1 
ATOM   916  C  C     . LEU A 1 114 ? 1.968   3.574   5.627   1    17.32 ? 113 LEU A C     1 
ATOM   917  O  O     . LEU A 1 114 ? 1.442   3.472   6.740   1    18.63 ? 113 LEU A O     1 
ATOM   918  C  CB    . LEU A 1 114 ? 2.557   6.018   5.567   1    17.23 ? 113 LEU A CB    1 
ATOM   919  C  CG    . LEU A 1 114 ? 4.038   5.788   5.717   1    18.35 ? 113 LEU A CG    1 
ATOM   920  C  CD1   . LEU A 1 114 ? 4.722   5.703   4.335   1    17.26 ? 113 LEU A CD1   1 
ATOM   921  C  CD2   . LEU A 1 114 ? 4.681   6.875   6.567   1    19.79 ? 113 LEU A CD2   1 
ATOM   922  N  N     . VAL A 1 115 ? 2.672   2.583   5.071   1    16.37 ? 114 VAL A N     1 
ATOM   923  C  CA    . VAL A 1 115 ? 2.821   1.285   5.698   1    16.85 ? 114 VAL A CA    1 
ATOM   924  C  C     . VAL A 1 115 ? 4.283   1.004   5.962   1    17.47 ? 114 VAL A C     1 
ATOM   925  O  O     . VAL A 1 115 ? 5.079   1.029   5.037   1    17.56 ? 114 VAL A O     1 
ATOM   926  C  CB    . VAL A 1 115 ? 2.210   0.177   4.797   1    18.18 ? 114 VAL A CB    1 
ATOM   927  C  CG1   . VAL A 1 115 ? 2.507   -1.219  5.355   1    19.1  ? 114 VAL A CG1   1 
ATOM   928  C  CG2   . VAL A 1 115 ? 0.708   0.395   4.628   1    18.65 ? 114 VAL A CG2   1 
ATOM   929  N  N     . GLY A 1 116 ? 4.610   0.757   7.217   1    16.5  ? 115 GLY A N     1 
ATOM   930  C  CA    . GLY A 1 116 ? 5.951   0.364   7.634   1    16.92 ? 115 GLY A CA    1 
ATOM   931  C  C     . GLY A 1 116 ? 5.958   -1.136  7.856   1    17.12 ? 115 GLY A C     1 
ATOM   932  O  O     . GLY A 1 116 ? 5.459   -1.610  8.881   1    17.3  ? 115 GLY A O     1 
ATOM   933  N  N     . ASN A 1 117 ? 6.411   -1.915  6.867   1    16.2  ? 116 ASN A N     1 
ATOM   934  C  CA    . ASN A 1 117 ? 6.375   -3.375  6.944   1    15.84 ? 116 ASN A CA    1 
ATOM   935  C  C     . ASN A 1 117 ? 7.613   -4.048  7.572   1    17.59 ? 116 ASN A C     1 
ATOM   936  O  O     . ASN A 1 117 ? 8.662   -3.417  7.702   1    17.99 ? 116 ASN A O     1 
ATOM   937  C  CB    . ASN A 1 117 ? 6.122   -3.946  5.527   1    15.54 ? 116 ASN A CB    1 
ATOM   938  C  CG    . ASN A 1 117 ? 5.766   -5.408  5.517   1    16.31 ? 116 ASN A CG    1 
ATOM   939  O  OD1   . ASN A 1 117 ? 4.972   -5.896  6.351   1    16.79 ? 116 ASN A OD1   1 
ATOM   940  N  ND2   . ASN A 1 117 ? 6.379   -6.159  4.620   1    16.08 ? 116 ASN A ND2   1 
ATOM   941  N  N     . LYS A 1 118 ? 7.469   -5.345  7.916   1    18.61 ? 117 LYS A N     1 
ATOM   942  C  CA    . LYS A 1 118 ? 8.499   -6.216  8.499   1    19.02 ? 117 LYS A CA    1 
ATOM   943  C  C     . LYS A 1 118 ? 8.715   -5.881  9.964   1    20.54 ? 117 LYS A C     1 
ATOM   944  O  O     . LYS A 1 118 ? 9.841   -5.984  10.454  1    21.33 ? 117 LYS A O     1 
ATOM   945  C  CB    . LYS A 1 118 ? 9.833   -6.173  7.723   1    18.89 ? 117 LYS A CB    1 
ATOM   946  C  CG    . LYS A 1 118 ? 9.690   -6.355  6.201   1    18.66 ? 117 LYS A CG    1 
ATOM   947  C  CD    . LYS A 1 118 ? 11.046  -6.697  5.570   1    18.76 ? 117 LYS A CD    1 
ATOM   948  C  CE    . LYS A 1 118 ? 10.870  -6.858  4.073   1    18.96 ? 117 LYS A CE    1 
ATOM   949  N  NZ    . LYS A 1 118 ? 12.155  -7.190  3.410   1    18.75 ? 117 LYS A NZ    1 
ATOM   950  N  N     . CYS A 1 119 ? 7.644   -5.490  10.681  1    20.55 ? 118 CYS A N     1 
ATOM   951  C  CA    A CYS A 1 119 ? 7.779   -5.126  12.095  0.5  21.09 ? 118 CYS A CA    1 
ATOM   952  C  CA    B CYS A 1 119 ? 7.784   -5.150  12.098  0.5  21.41 ? 118 CYS A CA    1 
ATOM   953  C  C     . CYS A 1 119 ? 8.064   -6.332  13.003  1    22.12 ? 118 CYS A C     1 
ATOM   954  O  O     . CYS A 1 119 ? 8.321   -6.147  14.196  1    22.97 ? 118 CYS A O     1 
ATOM   955  C  CB    A CYS A 1 119 ? 6.600   -4.288  12.593  0.5  21.39 ? 118 CYS A CB    1 
ATOM   956  C  CB    B CYS A 1 119 ? 6.589   -4.346  12.574  0.5  22.51 ? 118 CYS A CB    1 
ATOM   957  S  SG    A CYS A 1 119 ? 5.021   -5.167  12.659  0.5  22.89 ? 118 CYS A SG    1 
ATOM   958  S  SG    B CYS A 1 119 ? 6.537   -2.708  11.837  0.5  26.73 ? 118 CYS A SG    1 
ATOM   959  N  N     . ASP A 1 120 ? 8.082   -7.539  12.447  1    22.67 ? 119 ASP A N     1 
ATOM   960  C  CA    . ASP A 1 120 ? 8.463   -8.737  13.197  1    22.98 ? 119 ASP A CA    1 
ATOM   961  C  C     . ASP A 1 120 ? 10.018  -8.782  13.344  1    25.27 ? 119 ASP A C     1 
ATOM   962  O  O     . ASP A 1 120 ? 10.529  -9.511  14.197  1    25.85 ? 119 ASP A O     1 
ATOM   963  C  CB    . ASP A 1 120 ? 8.020   -9.994  12.434  1    22.86 ? 119 ASP A CB    1 
ATOM   964  C  CG    . ASP A 1 120 ? 8.568   -10.043 11.017  1    24.16 ? 119 ASP A CG    1 
ATOM   965  O  OD1   . ASP A 1 120 ? 8.037   -9.324  10.159  1    23.86 ? 119 ASP A OD1   1 
ATOM   966  O  OD2   . ASP A 1 120 ? 9.538   -10.797 10.775  1    23.17 ? 119 ASP A OD2   1 
ATOM   967  N  N     . LEU A 1 121 ? 10.773  -8.075  12.482  1    25.8  ? 120 LEU A N     1 
ATOM   968  C  CA    . LEU A 1 121 ? 12.234  -8.113  12.519  1    27.85 ? 120 LEU A CA    1 
ATOM   969  C  C     . LEU A 1 121 ? 12.815  -7.314  13.663  1    31.5  ? 120 LEU A C     1 
ATOM   970  O  O     . LEU A 1 121 ? 12.292  -6.259  14.026  1    31.8  ? 120 LEU A O     1 
ATOM   971  C  CB    . LEU A 1 121 ? 12.808  -7.575  11.208  1    27.21 ? 120 LEU A CB    1 
ATOM   972  C  CG    . LEU A 1 121 ? 12.599  -8.428  9.976   1    28.4  ? 120 LEU A CG    1 
ATOM   973  C  CD1   . LEU A 1 121 ? 13.125  -7.718  8.745   1    29.39 ? 120 LEU A CD1   1 
ATOM   974  C  CD2   . LEU A 1 121 ? 13.258  -9.794  10.119  1    28.35 ? 120 LEU A CD2   1 
ATOM   975  N  N     . PRO A 1 122 ? 13.952  -7.774  14.213  1    33.71 ? 121 PRO A N     1 
ATOM   976  C  CA    . PRO A 1 122 ? 14.602  -6.996  15.273  1    35.54 ? 121 PRO A CA    1 
ATOM   977  C  C     . PRO A 1 122 ? 15.595  -5.951  14.723  1    37.35 ? 121 PRO A C     1 
ATOM   978  O  O     . PRO A 1 122 ? 16.156  -5.191  15.500  1    38.55 ? 121 PRO A O     1 
ATOM   979  C  CB    . PRO A 1 122 ? 15.334  -8.080  16.067  1    36.29 ? 121 PRO A CB    1 
ATOM   980  C  CG    . PRO A 1 122 ? 15.744  -9.080  15.012  1    36.47 ? 121 PRO A CG    1 
ATOM   981  C  CD    . PRO A 1 122 ? 14.715  -8.999  13.893  1    33.94 ? 121 PRO A CD    1 
ATOM   982  N  N     . SER A 1 123 ? 15.832  -5.904  13.402  1    37.69 ? 122 SER A N     1 
ATOM   983  C  CA    . SER A 1 123 ? 16.829  -5.005  12.817  1    38.65 ? 122 SER A CA    1 
ATOM   984  C  C     . SER A 1 123 ? 16.291  -3.620  12.390  1    38.34 ? 122 SER A C     1 
ATOM   985  O  O     . SER A 1 123 ? 16.694  -3.106  11.347  1    38.82 ? 122 SER A O     1 
ATOM   986  C  CB    . SER A 1 123 ? 17.517  -5.701  11.645  1    40.85 ? 122 SER A CB    1 
ATOM   987  O  OG    . SER A 1 123 ? 16.566  -6.088  10.663  1    43.95 ? 122 SER A OG    1 
ATOM   988  N  N     . ARG A 1 124 ? 15.443  -2.987  13.222  1    36.93 ? 123 ARG A N     1 
ATOM   989  C  CA    . ARG A 1 124 ? 14.843  -1.692  12.888  1    35.91 ? 123 ARG A CA    1 
ATOM   990  C  C     . ARG A 1 124 ? 15.840  -0.535  12.682  1    34.07 ? 123 ARG A C     1 
ATOM   991  O  O     . ARG A 1 124 ? 16.655  -0.245  13.556  1    34.07 ? 123 ARG A O     1 
ATOM   992  C  CB    . ARG A 1 124 ? 13.788  -1.309  13.942  1    37.47 ? 123 ARG A CB    1 
ATOM   993  C  CG    . ARG A 1 124 ? 13.180  0.067   13.755  1    40.49 ? 123 ARG A CG    1 
ATOM   994  C  CD    . ARG A 1 124 ? 12.242  0.412   14.880  1    43.07 ? 123 ARG A CD    1 
ATOM   995  N  NE    . ARG A 1 124 ? 11.040  -0.416  14.861  1    46.01 ? 123 ARG A NE    1 
ATOM   996  C  CZ    . ARG A 1 124 ? 9.900   -0.076  14.266  1    48.28 ? 123 ARG A CZ    1 
ATOM   997  N  NH1   . ARG A 1 124 ? 9.797   1.080   13.619  1    47.6  ? 123 ARG A NH1   1 
ATOM   998  N  NH2   . ARG A 1 124 ? 8.850   -0.880  14.326  1    47.73 ? 123 ARG A NH2   1 
ATOM   999  N  N     . THR A 1 125 ? 15.742  0.140   11.519  1    32.13 ? 124 THR A N     1 
ATOM   1000 C  CA    . THR A 1 125 ? 16.546  1.312   11.168  1    31.08 ? 124 THR A CA    1 
ATOM   1001 C  C     . THR A 1 125 ? 15.677  2.569   10.990  1    30.46 ? 124 THR A C     1 
ATOM   1002 O  O     . THR A 1 125 ? 16.210  3.677   11.014  1    30.28 ? 124 THR A O     1 
ATOM   1003 C  CB    . THR A 1 125 ? 17.403  1.045   9.934   1    32.14 ? 124 THR A CB    1 
ATOM   1004 O  OG1   . THR A 1 125 ? 16.545  0.900   8.799   1    32.61 ? 124 THR A OG1   1 
ATOM   1005 C  CG2   . THR A 1 125 ? 18.306  -0.172  10.085  1    32.69 ? 124 THR A CG2   1 
ATOM   1006 N  N     . VAL A 1 126 ? 14.344  2.417   10.782  1    29.76 ? 125 VAL A N     1 
ATOM   1007 C  CA    . VAL A 1 126 ? 13.452  3.572   10.664  1    30.31 ? 125 VAL A CA    1 
ATOM   1008 C  C     . VAL A 1 126 ? 12.625  3.655   11.928  1    32.74 ? 125 VAL A C     1 
ATOM   1009 O  O     . VAL A 1 126 ? 11.827  2.755   12.199  1    32.85 ? 125 VAL A O     1 
ATOM   1010 C  CB    . VAL A 1 126 ? 12.508  3.501   9.437   1    29.99 ? 125 VAL A CB    1 
ATOM   1011 C  CG1   . VAL A 1 126 ? 11.657  4.768   9.337   1    29.83 ? 125 VAL A CG1   1 
ATOM   1012 C  CG2   . VAL A 1 126 ? 13.297  3.274   8.161   1    30.17 ? 125 VAL A CG2   1 
ATOM   1013 N  N     . ASP A 1 127 ? 12.807  4.724   12.698  1    34.16 ? 126 ASP A N     1 
ATOM   1014 C  CA    . ASP A 1 127 ? 12.075  4.885   13.940  1    36.25 ? 126 ASP A CA    1 
ATOM   1015 C  C     . ASP A 1 127 ? 10.606  5.162   13.673  1    36.25 ? 126 ASP A C     1 
ATOM   1016 O  O     . ASP A 1 127 ? 10.263  5.851   12.706  1    36.36 ? 126 ASP A O     1 
ATOM   1017 C  CB    . ASP A 1 127 ? 12.717  5.956   14.853  1    40.09 ? 126 ASP A CB    1 
ATOM   1018 C  CG    . ASP A 1 127 ? 13.100  7.256   14.172  1    48.44 ? 126 ASP A CG    1 
ATOM   1019 O  OD1   . ASP A 1 127 ? 13.847  7.208   13.164  1    50.19 ? 126 ASP A OD1   1 
ATOM   1020 O  OD2   . ASP A 1 127 ? 12.683  8.329   14.666  1    51.89 ? 126 ASP A OD2   1 
ATOM   1021 N  N     . THR A 1 128 ? 9.735   4.596   14.513  1    35.56 ? 127 THR A N     1 
ATOM   1022 C  CA    . THR A 1 128 ? 8.291   4.762   14.411  1    35.18 ? 127 THR A CA    1 
ATOM   1023 C  C     . THR A 1 128 ? 7.906   6.230   14.470  1    33.26 ? 127 THR A C     1 
ATOM   1024 O  O     . THR A 1 128 ? 7.040   6.660   13.710  1    32.89 ? 127 THR A O     1 
ATOM   1025 C  CB    . THR A 1 128 ? 7.612   3.973   15.514  1    37.93 ? 127 THR A CB    1 
ATOM   1026 O  OG1   . THR A 1 128 ? 8.009   2.603   15.403  1    40.34 ? 127 THR A OG1   1 
ATOM   1027 C  CG2   . THR A 1 128 ? 6.119   4.094   15.476  1    38.51 ? 127 THR A CG2   1 
ATOM   1028 N  N     . LYS A 1 129 ? 8.576   7.008   15.336  1    31.46 ? 128 LYS A N     1 
ATOM   1029 C  CA    . LYS A 1 129 ? 8.273   8.425   15.438  1    30.49 ? 128 LYS A CA    1 
ATOM   1030 C  C     . LYS A 1 129 ? 8.557   9.192   14.141  1    29.12 ? 128 LYS A C     1 
ATOM   1031 O  O     . LYS A 1 129 ? 7.743   10.009  13.750  1    28.72 ? 128 LYS A O     1 
ATOM   1032 C  CB    . LYS A 1 129 ? 8.955   9.090   16.647  1    32.53 ? 128 LYS A CB    1 
ATOM   1033 C  CG    . LYS A 1 129 ? 8.188   10.328  17.061  1    36.09 ? 128 LYS A CG    1 
ATOM   1034 C  CD    . LYS A 1 129 ? 9.069   11.376  17.655  1    40.71 ? 128 LYS A CD    1 
ATOM   1035 C  CE    . LYS A 1 129 ? 8.310   12.665  17.789  1    42.71 ? 128 LYS A CE    1 
ATOM   1036 N  NZ    . LYS A 1 129 ? 8.800   13.681  16.827  1    42.78 ? 128 LYS A NZ    1 
ATOM   1037 N  N     . GLN A 1 130 ? 9.676   8.917   13.464  1    28.63 ? 129 GLN A N     1 
ATOM   1038 C  CA    . GLN A 1 130 ? 10.003  9.606   12.209  1    28.42 ? 129 GLN A CA    1 
ATOM   1039 C  C     . GLN A 1 130 ? 8.951   9.279   11.141  1    26.28 ? 129 GLN A C     1 
ATOM   1040 O  O     . GLN A 1 130 ? 8.476   10.167  10.439  1    25.86 ? 129 GLN A O     1 
ATOM   1041 C  CB    . GLN A 1 130 ? 11.403  9.189   11.719  1    31.87 ? 129 GLN A CB    1 
ATOM   1042 C  CG    . GLN A 1 130 ? 11.852  9.899   10.451  1    38.54 ? 129 GLN A CG    1 
ATOM   1043 C  CD    . GLN A 1 130 ? 13.245  10.468  10.583  1    46.32 ? 129 GLN A CD    1 
ATOM   1044 O  OE1   . GLN A 1 130 ? 13.641  10.977  11.642  1    49.83 ? 129 GLN A OE1   1 
ATOM   1045 N  NE2   . GLN A 1 130 ? 14.016  10.409  9.502   1    46.6  ? 129 GLN A NE2   1 
ATOM   1046 N  N     . ALA A 1 131 ? 8.556   8.016   11.069  1    25.5  ? 130 ALA A N     1 
ATOM   1047 C  CA    . ALA A 1 131 ? 7.563   7.572   10.101  1    24.65 ? 130 ALA A CA    1 
ATOM   1048 C  C     . ALA A 1 131 ? 6.191   8.172   10.373  1    23.16 ? 130 ALA A C     1 
ATOM   1049 O  O     . ALA A 1 131 ? 5.564   8.705   9.450   1    23.12 ? 130 ALA A O     1 
ATOM   1050 C  CB    . ALA A 1 131 ? 7.495   6.063   10.097  1    24.69 ? 130 ALA A CB    1 
ATOM   1051 N  N     . GLN A 1 132 ? 5.754   8.196   11.658  1    22.78 ? 131 GLN A N     1 
ATOM   1052 C  CA    . GLN A 1 132 ? 4.453   8.776   11.966  1    22.67 ? 131 GLN A CA    1 
ATOM   1053 C  C     . GLN A 1 132 ? 4.470   10.293  11.760  1    22.21 ? 131 GLN A C     1 
ATOM   1054 O  O     . GLN A 1 132 ? 3.471   10.840  11.316  1    22.49 ? 131 GLN A O     1 
ATOM   1055 C  CB    . GLN A 1 132 ? 3.941   8.343   13.346  1    24.8  ? 131 GLN A CB    1 
ATOM   1056 C  CG    . GLN A 1 132 ? 4.771   8.898   14.464  1    27.97 ? 131 GLN A CG    1 
ATOM   1057 C  CD    . GLN A 1 132 ? 4.397   8.323   15.801  1    29.31 ? 131 GLN A CD    1 
ATOM   1058 O  OE1   . GLN A 1 132 ? 4.783   7.202   16.179  1    32.75 ? 131 GLN A OE1   1 
ATOM   1059 N  NE2   . GLN A 1 132 ? 3.675   9.095   16.553  1    24.14 ? 131 GLN A NE2   1 
ATOM   1060 N  N     . ASP A 1 133 ? 5.623   10.966  11.981  1    22.75 ? 132 ASP A N     1 
ATOM   1061 C  CA    . ASP A 1 133 ? 5.716   12.404  11.722  1    23.03 ? 132 ASP A CA    1 
ATOM   1062 C  C     . ASP A 1 133 ? 5.567   12.690  10.214  1    22.62 ? 132 ASP A C     1 
ATOM   1063 O  O     . ASP A 1 133 ? 4.950   13.682  9.847   1    23.52 ? 132 ASP A O     1 
ATOM   1064 C  CB    . ASP A 1 133 ? 7.032   12.979  12.257  1    25.04 ? 132 ASP A CB    1 
ATOM   1065 C  CG    . ASP A 1 133 ? 7.089   13.087  13.771  1    29.6  ? 132 ASP A CG    1 
ATOM   1066 O  OD1   . ASP A 1 133 ? 6.021   13.006  14.414  1    30.02 ? 132 ASP A OD1   1 
ATOM   1067 O  OD2   . ASP A 1 133 ? 8.200   13.232  14.306  1    32.61 ? 132 ASP A OD2   1 
ATOM   1068 N  N     . LEU A 1 134 ? 6.088   11.805  9.363   1    21.99 ? 133 LEU A N     1 
ATOM   1069 C  CA    . LEU A 1 134 ? 5.952   11.982  7.916   1    21.48 ? 133 LEU A CA    1 
ATOM   1070 C  C     . LEU A 1 134 ? 4.487   11.810  7.526   1    21.38 ? 133 LEU A C     1 
ATOM   1071 O  O     . LEU A 1 134 ? 3.926   12.645  6.820   1    21.99 ? 133 LEU A O     1 
ATOM   1072 C  CB    . LEU A 1 134 ? 6.817   10.970  7.179   1    21.65 ? 133 LEU A CB    1 
ATOM   1073 C  CG    . LEU A 1 134 ? 6.817   11.156  5.661   1    23.49 ? 133 LEU A CG    1 
ATOM   1074 C  CD1   . LEU A 1 134 ? 7.558   12.439  5.286   1    24.75 ? 133 LEU A CD1   1 
ATOM   1075 C  CD2   . LEU A 1 134 ? 7.452   9.961   4.976   1    23.8  ? 133 LEU A CD2   1 
ATOM   1076 N  N     . ALA A 1 135 ? 3.830   10.757  8.043   1    20.42 ? 134 ALA A N     1 
ATOM   1077 C  CA    . ALA A 1 135 ? 2.406   10.531  7.757   1    20.18 ? 134 ALA A CA    1 
ATOM   1078 C  C     . ALA A 1 135 ? 1.553   11.717  8.240   1    20.61 ? 134 ALA A C     1 
ATOM   1079 O  O     . ALA A 1 135 ? 0.661   12.164  7.534   1    20.64 ? 134 ALA A O     1 
ATOM   1080 C  CB    . ALA A 1 135 ? 1.939   9.246   8.422   1    20.17 ? 134 ALA A CB    1 
ATOM   1081 N  N     . ARG A 1 136 ? 1.876   12.261  9.408   1    20.36 ? 135 ARG A N     1 
ATOM   1082 C  CA    . ARG A 1 136 ? 1.189   13.430  9.942   1    21.4  ? 135 ARG A CA    1 
ATOM   1083 C  C     . ARG A 1 136 ? 1.375   14.666  9.035   1    22.41 ? 135 ARG A C     1 
ATOM   1084 O  O     . ARG A 1 136 ? 0.408   15.370  8.784   1    22.96 ? 135 ARG A O     1 
ATOM   1085 C  CB    . ARG A 1 136 ? 1.683   13.724  11.362  1    21.76 ? 135 ARG A CB    1 
ATOM   1086 C  CG    . ARG A 1 136 ? 1.175   12.686  12.352  1    23.72 ? 135 ARG A CG    1 
ATOM   1087 C  CD    . ARG A 1 136 ? 1.718   12.889  13.753  1    25.54 ? 135 ARG A CD    1 
ATOM   1088 N  NE    . ARG A 1 136 ? 1.336   11.768  14.612  1    25.1  ? 135 ARG A NE    1 
ATOM   1089 C  CZ    . ARG A 1 136 ? 1.154   11.857  15.927  1    25.71 ? 135 ARG A CZ    1 
ATOM   1090 N  NH1   . ARG A 1 136 ? 0.812   10.785  16.626  1    25.47 ? 135 ARG A NH1   1 
ATOM   1091 N  NH2   . ARG A 1 136 ? 1.290   13.023  16.546  1    23.84 ? 135 ARG A NH2   1 
ATOM   1092 N  N     . SER A 1 137 ? 2.586   14.868  8.491   1    22.65 ? 136 SER A N     1 
ATOM   1093 C  CA    . SER A 1 137 ? 2.816   15.990  7.561   1    23.68 ? 136 SER A CA    1 
ATOM   1094 C  C     . SER A 1 137 ? 1.989   15.800  6.276   1    23.7  ? 136 SER A C     1 
ATOM   1095 O  O     . SER A 1 137 ? 1.507   16.775  5.698   1    25.2  ? 136 SER A O     1 
ATOM   1096 C  CB    . SER A 1 137 ? 4.296   16.140  7.235   1    26.11 ? 136 SER A CB    1 
ATOM   1097 O  OG    . SER A 1 137 ? 4.769   15.098  6.395   1    29.47 ? 136 SER A OG    1 
ATOM   1098 N  N     . TYR A 1 138 ? 1.750   14.544  5.867   1    22.51 ? 137 TYR A N     1 
ATOM   1099 C  CA    . TYR A 1 138 ? 0.925   14.265  4.689   1    22.22 ? 137 TYR A CA    1 
ATOM   1100 C  C     . TYR A 1 138 ? -0.589  14.235  4.968   1    22.49 ? 137 TYR A C     1 
ATOM   1101 O  O     . TYR A 1 138 ? -1.389  14.179  4.035   1    22.64 ? 137 TYR A O     1 
ATOM   1102 C  CB    . TYR A 1 138 ? 1.295   12.899  4.121   1    21.66 ? 137 TYR A CB    1 
ATOM   1103 C  CG    . TYR A 1 138 ? 2.709   12.754  3.608   1    21.75 ? 137 TYR A CG    1 
ATOM   1104 C  CD1   . TYR A 1 138 ? 3.455   13.865  3.231   1    22.92 ? 137 TYR A CD1   1 
ATOM   1105 C  CD2   . TYR A 1 138 ? 3.278   11.503  3.438   1    21.97 ? 137 TYR A CD2   1 
ATOM   1106 C  CE1   . TYR A 1 138 ? 4.734   13.731  2.705   1    23.5  ? 137 TYR A CE1   1 
ATOM   1107 C  CE2   . TYR A 1 138 ? 4.546   11.353  2.896   1    22.81 ? 137 TYR A CE2   1 
ATOM   1108 C  CZ    . TYR A 1 138 ? 5.269   12.469  2.522   1    24.13 ? 137 TYR A CZ    1 
ATOM   1109 O  OH    . TYR A 1 138 ? 6.537   12.317  2.023   1    25.62 ? 137 TYR A OH    1 
ATOM   1110 N  N     . GLY A 1 139 ? -0.969  14.166  6.239   1    21.72 ? 138 GLY A N     1 
ATOM   1111 C  CA    . GLY A 1 139 ? -2.367  14.057  6.627   1    22.27 ? 138 GLY A CA    1 
ATOM   1112 C  C     . GLY A 1 139 ? -2.939  12.677  6.349   1    21.91 ? 138 GLY A C     1 
ATOM   1113 O  O     . GLY A 1 139 ? -4.124  12.545  6.018   1    23.08 ? 138 GLY A O     1 
ATOM   1114 N  N     . ILE A 1 140 ? -2.087  11.630  6.436   1    20.18 ? 139 ILE A N     1 
ATOM   1115 C  CA    . ILE A 1 140 ? -2.565  10.269  6.156   1    19.7  ? 139 ILE A CA    1 
ATOM   1116 C  C     . ILE A 1 140 ? -2.271  9.323   7.305   1    19.32 ? 139 ILE A C     1 
ATOM   1117 O  O     . ILE A 1 140 ? -1.371  9.586   8.102   1    20.07 ? 139 ILE A O     1 
ATOM   1118 C  CB    . ILE A 1 140 ? -1.956  9.706   4.832   1    19.26 ? 139 ILE A CB    1 
ATOM   1119 C  CG1   . ILE A 1 140 ? -0.441  9.450   4.981   1    19.63 ? 139 ILE A CG1   1 
ATOM   1120 C  CG2   . ILE A 1 140 ? -2.266  10.629  3.643   1    20.25 ? 139 ILE A CG2   1 
ATOM   1121 C  CD1   . ILE A 1 140 ? 0.282   8.884   3.724   1    20.96 ? 139 ILE A CD1   1 
ATOM   1122 N  N     . PRO A 1 141 ? -2.939  8.160   7.351   1    18.58 ? 140 PRO A N     1 
ATOM   1123 C  CA    . PRO A 1 141 ? -2.645  7.200   8.421   1    18.66 ? 140 PRO A CA    1 
ATOM   1124 C  C     . PRO A 1 141 ? -1.299  6.506   8.254   1    19.41 ? 140 PRO A C     1 
ATOM   1125 O  O     . PRO A 1 141 ? -0.779  6.393   7.143   1    19.51 ? 140 PRO A O     1 
ATOM   1126 C  CB    . PRO A 1 141 ? -3.793  6.180   8.318   1    19.26 ? 140 PRO A CB    1 
ATOM   1127 C  CG    . PRO A 1 141 ? -4.846  6.854   7.502   1    19.57 ? 140 PRO A CG    1 
ATOM   1128 C  CD    . PRO A 1 141 ? -4.101  7.733   6.554   1    17.94 ? 140 PRO A CD    1 
ATOM   1129 N  N     . PHE A 1 142 ? -0.729  6.055   9.360   1    19.39 ? 141 PHE A N     1 
ATOM   1130 C  CA    . PHE A 1 142 ? 0.514   5.298   9.361   1    20.43 ? 141 PHE A CA    1 
ATOM   1131 C  C     . PHE A 1 142 ? 0.231   3.999   10.088  1    21.54 ? 141 PHE A C     1 
ATOM   1132 O  O     . PHE A 1 142 ? -0.173  4.021   11.262  1    22.34 ? 141 PHE A O     1 
ATOM   1133 C  CB    . PHE A 1 142 ? 1.660   6.048   10.058  1    20.68 ? 141 PHE A CB    1 
ATOM   1134 C  CG    . PHE A 1 142 ? 2.886   5.195   10.296  1    21.51 ? 141 PHE A CG    1 
ATOM   1135 C  CD1   . PHE A 1 142 ? 3.497   4.520   9.250   1    21.72 ? 141 PHE A CD1   1 
ATOM   1136 C  CD2   . PHE A 1 142 ? 3.399   5.030   11.572  1    22.87 ? 141 PHE A CD2   1 
ATOM   1137 C  CE1   . PHE A 1 142 ? 4.593   3.695   9.481   1    22.25 ? 141 PHE A CE1   1 
ATOM   1138 C  CE2   . PHE A 1 142 ? 4.516   4.233   11.793  1    23.51 ? 141 PHE A CE2   1 
ATOM   1139 C  CZ    . PHE A 1 142 ? 5.109   3.578   10.751  1    22.76 ? 141 PHE A CZ    1 
ATOM   1140 N  N     . ILE A 1 143 ? 0.453   2.875   9.421   1    20.57 ? 142 ILE A N     1 
ATOM   1141 C  CA    . ILE A 1 143 ? 0.236   1.576   10.038  1    21.13 ? 142 ILE A CA    1 
ATOM   1142 C  C     . ILE A 1 143 ? 1.462   0.705   9.889   1    20.99 ? 142 ILE A C     1 
ATOM   1143 O  O     . ILE A 1 143 ? 1.991   0.564   8.798   1    20.73 ? 142 ILE A O     1 
ATOM   1144 C  CB    . ILE A 1 143 ? -1.025  0.904   9.437   1    22.99 ? 142 ILE A CB    1 
ATOM   1145 C  CG1   . ILE A 1 143 ? -2.265  1.791   9.710   1    25.51 ? 142 ILE A CG1   1 
ATOM   1146 C  CG2   . ILE A 1 143 ? -1.209  -0.524  9.994   1    23.32 ? 142 ILE A CG2   1 
ATOM   1147 C  CD1   . ILE A 1 143 ? -3.524  1.323   9.196   1    27.9  ? 142 ILE A CD1   1 
ATOM   1148 N  N     . GLU A 1 144 ? 1.932   0.138   10.988  1    20.09 ? 143 GLU A N     1 
ATOM   1149 C  CA    . GLU A 1 144 ? 3.049   -0.793  10.972  1    20.67 ? 143 GLU A CA    1 
ATOM   1150 C  C     . GLU A 1 144 ? 2.489   -2.212  10.776  1    20.09 ? 143 GLU A C     1 
ATOM   1151 O  O     . GLU A 1 144 ? 1.449   -2.573  11.335  1    21.06 ? 143 GLU A O     1 
ATOM   1152 C  CB    . GLU A 1 144 ? 3.843   -0.658  12.269  1    23.78 ? 143 GLU A CB    1 
ATOM   1153 C  CG    . GLU A 1 144 ? 4.755   0.557   12.224  1    30.62 ? 143 GLU A CG    1 
ATOM   1154 C  CD    . GLU A 1 144 ? 5.909   0.577   13.207  1    40.88 ? 143 GLU A CD    1 
ATOM   1155 O  OE1   . GLU A 1 144 ? 6.011   -0.370  14.017  1    42.51 ? 143 GLU A OE1   1 
ATOM   1156 O  OE2   . GLU A 1 144 ? 6.721   1.530   13.163  1    43.88 ? 143 GLU A OE2   1 
ATOM   1157 N  N     . THR A 1 145 ? 3.125   -2.988  9.887   1    18.45 ? 144 THR A N     1 
ATOM   1158 C  CA    . THR A 1 145 ? 2.641   -4.311  9.555   1    18.04 ? 144 THR A CA    1 
ATOM   1159 C  C     . THR A 1 145 ? 3.744   -5.354  9.567   1    18.19 ? 144 THR A C     1 
ATOM   1160 O  O     . THR A 1 145 ? 4.929   -5.029  9.513   1    18.58 ? 144 THR A O     1 
ATOM   1161 C  CB    . THR A 1 145 ? 2.042   -4.264  8.120   1    18.6  ? 144 THR A CB    1 
ATOM   1162 O  OG1   . THR A 1 145 ? 3.099   -3.978  7.197   1    18.33 ? 144 THR A OG1   1 
ATOM   1163 C  CG2   . THR A 1 145 ? 0.869   -3.276  7.978   1    18.56 ? 144 THR A CG2   1 
ATOM   1164 N  N     . SER A 1 146 ? 3.346   -6.615  9.594   1    18.8  ? 145 SER A N     1 
ATOM   1165 C  CA    . SER A 1 146 ? 4.216   -7.715  9.315   1    18.85 ? 145 SER A CA    1 
ATOM   1166 C  C     . SER A 1 146 ? 3.427   -8.642  8.431   1    19.48 ? 145 SER A C     1 
ATOM   1167 O  O     . SER A 1 146 ? 2.463   -9.264  8.884   1    19.61 ? 145 SER A O     1 
ATOM   1168 C  CB    . SER A 1 146 ? 4.695   -8.437  10.571  1    19.06 ? 145 SER A CB    1 
ATOM   1169 O  OG    . SER A 1 146 ? 5.326   -9.649  10.173  1    20.03 ? 145 SER A OG    1 
ATOM   1170 N  N     . ALA A 1 147 ? 3.820   -8.752  7.149   1    18.19 ? 146 ALA A N     1 
ATOM   1171 C  CA    . ALA A 1 147 ? 3.194   -9.749  6.280   1    17.93 ? 146 ALA A CA    1 
ATOM   1172 C  C     . ALA A 1 147 ? 3.545   -11.168 6.793   1    19.24 ? 146 ALA A C     1 
ATOM   1173 O  O     . ALA A 1 147 ? 2.801   -12.104 6.520   1    20.07 ? 146 ALA A O     1 
ATOM   1174 C  CB    . ALA A 1 147 ? 3.700   -9.594  4.857   1    17.09 ? 146 ALA A CB    1 
ATOM   1175 N  N     . LYS A 1 148 ? 4.672   -11.324 7.523   0.99 19.24 ? 147 LYS A N     1 
ATOM   1176 C  CA    . LYS A 1 148 ? 5.070   -12.637 8.032   0.99 20.31 ? 147 LYS A CA    1 
ATOM   1177 C  C     . LYS A 1 148 ? 4.125   -13.142 9.144   0.99 22.15 ? 147 LYS A C     1 
ATOM   1178 O  O     . LYS A 1 148 ? 3.681   -14.289 9.074   0.99 23.13 ? 147 LYS A O     1 
ATOM   1179 C  CB    . LYS A 1 148 ? 6.535   -12.586 8.508   0.99 20.83 ? 147 LYS A CB    1 
ATOM   1180 C  CG    . LYS A 1 148 ? 7.046   -13.924 9.041   0.99 23.72 ? 147 LYS A CG    1 
ATOM   1181 C  CD    . LYS A 1 148 ? 8.541   -13.845 9.254   0.99 27.8  ? 147 LYS A CD    1 
ATOM   1182 C  CE    . LYS A 1 148 ? 9.147   -15.160 9.691   0.99 30.75 ? 147 LYS A CE    1 
ATOM   1183 N  NZ    . LYS A 1 148 ? 10.618  -15.023 9.860   0.99 34.14 ? 147 LYS A NZ    1 
ATOM   1184 N  N     . THR A 1 149 ? 3.774   -12.297 10.116  1    22.54 ? 148 THR A N     1 
ATOM   1185 C  CA    . THR A 1 149 ? 2.873   -12.712 11.210  1    23.4  ? 148 THR A CA    1 
ATOM   1186 C  C     . THR A 1 149 ? 1.404   -12.356 10.949  1    24.53 ? 148 THR A C     1 
ATOM   1187 O  O     . THR A 1 149 ? 0.551   -12.762 11.740  1    25.41 ? 148 THR A O     1 
ATOM   1188 C  CB    . THR A 1 149 ? 3.286   -12.024 12.510  1    24.2  ? 148 THR A CB    1 
ATOM   1189 O  OG1   . THR A 1 149 ? 3.038   -10.613 12.402  1    25.28 ? 148 THR A OG1   1 
ATOM   1190 C  CG2   . THR A 1 149 ? 4.739   -12.280 12.876  1    24.64 ? 148 THR A CG2   1 
ATOM   1191 N  N     . ARG A 1 150 ? 1.127   -11.482 9.952   1    24.08 ? 149 ARG A N     1 
ATOM   1192 C  CA    . ARG A 1 150 ? -0.214  -10.953 9.659   1    24.82 ? 149 ARG A CA    1 
ATOM   1193 C  C     . ARG A 1 150 ? -0.540  -9.687  10.458  1    23.66 ? 149 ARG A C     1 
ATOM   1194 O  O     . ARG A 1 150 ? -1.569  -9.075  10.191  1    23.96 ? 149 ARG A O     1 
ATOM   1195 C  CB    . ARG A 1 150 ? -1.327  -11.981 9.914   1    28.72 ? 149 ARG A CB    1 
ATOM   1196 C  CG    . ARG A 1 150 ? -1.686  -12.789 8.725   1    35.5  ? 149 ARG A CG    1 
ATOM   1197 C  CD    . ARG A 1 150 ? -3.008  -13.520 8.864   1    39.8  ? 149 ARG A CD    1 
ATOM   1198 N  NE    . ARG A 1 150 ? -4.139  -12.597 8.843   1    43.56 ? 149 ARG A NE    1 
ATOM   1199 C  CZ    . ARG A 1 150 ? -4.694  -12.104 7.739   1    44.41 ? 149 ARG A CZ    1 
ATOM   1200 N  NH1   . ARG A 1 150 ? -4.236  -12.455 6.545   1    42.45 ? 149 ARG A NH1   1 
ATOM   1201 N  NH2   . ARG A 1 150 ? -5.718  -11.272 7.822   1    43.14 ? 149 ARG A NH2   1 
ATOM   1202 N  N     . GLN A 1 151 ? 0.307   -9.273  11.417  1    22.33 ? 150 GLN A N     1 
ATOM   1203 C  CA    . GLN A 1 151 ? 0.067   -8.073  12.227  1    22.1  ? 150 GLN A CA    1 
ATOM   1204 C  C     . GLN A 1 151 ? -0.160  -6.837  11.348  1    21.74 ? 150 GLN A C     1 
ATOM   1205 O  O     . GLN A 1 151 ? 0.638   -6.572  10.455  1    20.83 ? 150 GLN A O     1 
ATOM   1206 C  CB    . GLN A 1 151 ? 1.245   -7.810  13.207  1    25    ? 150 GLN A CB    1 
ATOM   1207 C  CG    . GLN A 1 151 ? 1.170   -6.446  13.935  1    31.3  ? 150 GLN A CG    1 
ATOM   1208 C  CD    . GLN A 1 151 ? 2.287   -6.090  14.914  1    39.33 ? 150 GLN A CD    1 
ATOM   1209 O  OE1   . GLN A 1 151 ? 2.354   -4.954  15.419  1    41.48 ? 150 GLN A OE1   1 
ATOM   1210 N  NE2   . GLN A 1 151 ? 3.174   -7.024  15.231  1    40.34 ? 150 GLN A NE2   1 
ATOM   1211 N  N     . GLY A 1 152 ? -1.277  -6.149  11.569  1    21.31 ? 151 GLY A N     1 
ATOM   1212 C  CA    . GLY A 1 152 ? -1.628  -4.919  10.867  1    20.38 ? 151 GLY A CA    1 
ATOM   1213 C  C     . GLY A 1 152 ? -2.054  -5.022  9.410   1    20.02 ? 151 GLY A C     1 
ATOM   1214 O  O     . GLY A 1 152 ? -2.424  -4.001  8.822   1    20.49 ? 151 GLY A O     1 
ATOM   1215 N  N     . VAL A 1 153 ? -2.015  -6.213  8.813   1    20    ? 152 VAL A N     1 
ATOM   1216 C  CA    . VAL A 1 153 ? -2.344  -6.357  7.383   1    20.25 ? 152 VAL A CA    1 
ATOM   1217 C  C     . VAL A 1 153 ? -3.773  -5.929  7.069   1    20.32 ? 152 VAL A C     1 
ATOM   1218 O  O     . VAL A 1 153 ? -3.991  -5.098  6.187   1    19.67 ? 152 VAL A O     1 
ATOM   1219 C  CB    . VAL A 1 153 ? -2.028  -7.751  6.822   1    22.17 ? 152 VAL A CB    1 
ATOM   1220 C  CG1   . VAL A 1 153 ? -2.482  -7.877  5.369   1    23.29 ? 152 VAL A CG1   1 
ATOM   1221 C  CG2   . VAL A 1 153 ? -0.539  -8.070  6.958   1    23.3  ? 152 VAL A CG2   1 
ATOM   1222 N  N     . ASP A 1 154 ? -4.772  -6.487  7.789   1    20.31 ? 153 ASP A N     1 
ATOM   1223 C  CA    . ASP A 1 154 ? -6.165  -6.082  7.564   1    20.96 ? 153 ASP A CA    1 
ATOM   1224 C  C     . ASP A 1 154 ? -6.350  -4.614  7.866   1    21.34 ? 153 ASP A C     1 
ATOM   1225 O  O     . ASP A 1 154 ? -6.955  -3.908  7.080   1    22.89 ? 153 ASP A O     1 
ATOM   1226 C  CB    . ASP A 1 154 ? -7.122  -6.907  8.433   1    22.65 ? 153 ASP A CB    1 
ATOM   1227 C  CG    . ASP A 1 154 ? -7.305  -8.312  7.930   1    28.22 ? 153 ASP A CG    1 
ATOM   1228 O  OD1   . ASP A 1 154 ? -7.158  -8.528  6.715   1    28.61 ? 153 ASP A OD1   1 
ATOM   1229 O  OD2   . ASP A 1 154 ? -7.600  -9.201  8.755   1    31.82 ? 153 ASP A OD2   1 
ATOM   1230 N  N     . ASP A 1 155 ? -5.752  -4.130  8.945   1    20.97 ? 154 ASP A N     1 
ATOM   1231 C  CA    . ASP A 1 155 ? -5.853  -2.728  9.321   1    20.99 ? 154 ASP A CA    1 
ATOM   1232 C  C     . ASP A 1 155 ? -5.350  -1.798  8.219   1    20.48 ? 154 ASP A C     1 
ATOM   1233 O  O     . ASP A 1 155 ? -6.023  -0.826  7.925   1    21.18 ? 154 ASP A O     1 
ATOM   1234 C  CB    . ASP A 1 155 ? -5.058  -2.468  10.595  1    23.75 ? 154 ASP A CB    1 
ATOM   1235 C  CG    . ASP A 1 155 ? -5.465  -1.252  11.386  1    32.72 ? 154 ASP A CG    1 
ATOM   1236 O  OD1   . ASP A 1 155 ? -6.359  -0.502  10.919  1    35.04 ? 154 ASP A OD1   1 
ATOM   1237 O  OD2   . ASP A 1 155 ? -4.913  -1.055  12.479  1    36.76 ? 154 ASP A OD2   1 
ATOM   1238 N  N     . ALA A 1 156 ? -4.207  -2.115  7.583   1    18.91 ? 155 ALA A N     1 
ATOM   1239 C  CA    . ALA A 1 156 ? -3.669  -1.259  6.528   1    18.08 ? 155 ALA A CA    1 
ATOM   1240 C  C     . ALA A 1 156 ? -4.598  -1.204  5.317   1    17.9  ? 155 ALA A C     1 
ATOM   1241 O  O     . ALA A 1 156 ? -4.952  -0.101  4.891   1    17.67 ? 155 ALA A O     1 
ATOM   1242 C  CB    . ALA A 1 156 ? -2.273  -1.733  6.104   1    18.74 ? 155 ALA A CB    1 
ATOM   1243 N  N     . PHE A 1 157 ? -5.052  -2.365  4.802   1    17.08 ? 156 PHE A N     1 
ATOM   1244 C  CA    . PHE A 1 157 ? -5.933  -2.359  3.629   1    16.8  ? 156 PHE A CA    1 
ATOM   1245 C  C     . PHE A 1 157 ? -7.327  -1.811  3.913   1    17.02 ? 156 PHE A C     1 
ATOM   1246 O  O     . PHE A 1 157 ? -7.885  -1.071  3.098   1    16.82 ? 156 PHE A O     1 
ATOM   1247 C  CB    . PHE A 1 157 ? -6.051  -3.766  3.030   1    17.04 ? 156 PHE A CB    1 
ATOM   1248 C  CG    . PHE A 1 157 ? -4.836  -4.203  2.253   1    17.14 ? 156 PHE A CG    1 
ATOM   1249 C  CD1   . PHE A 1 157 ? -4.691  -3.856  0.923   1    18.11 ? 156 PHE A CD1   1 
ATOM   1250 C  CD2   . PHE A 1 157 ? -3.840  -4.940  2.854   1    18.05 ? 156 PHE A CD2   1 
ATOM   1251 C  CE1   . PHE A 1 157 ? -3.576  -4.272  0.199   1    19.09 ? 156 PHE A CE1   1 
ATOM   1252 C  CE2   . PHE A 1 157 ? -2.724  -5.365  2.127   1    18.8  ? 156 PHE A CE2   1 
ATOM   1253 C  CZ    . PHE A 1 157 ? -2.591  -5.007  0.811   1    18.93 ? 156 PHE A CZ    1 
ATOM   1254 N  N     . TYR A 1 158 ? -7.914  -2.179  5.068   1    17.32 ? 157 TYR A N     1 
ATOM   1255 C  CA    . TYR A 1 158 ? -9.272  -1.733  5.401   1    18.42 ? 157 TYR A CA    1 
ATOM   1256 C  C     . TYR A 1 158 ? -9.286  -0.243  5.785   1    17.5  ? 157 TYR A C     1 
ATOM   1257 O  O     . TYR A 1 158 ? -10.248 0.454   5.457   1    17.23 ? 157 TYR A O     1 
ATOM   1258 C  CB    . TYR A 1 158 ? -9.931  -2.680  6.451   1    20.55 ? 157 TYR A CB    1 
ATOM   1259 C  CG    . TYR A 1 158 ? -10.022 -4.136  5.976   1    23.24 ? 157 TYR A CG    1 
ATOM   1260 C  CD1   . TYR A 1 158 ? -9.809  -4.472  4.644   1    25    ? 157 TYR A CD1   1 
ATOM   1261 C  CD2   . TYR A 1 158 ? -10.197 -5.175  6.878   1    26.32 ? 157 TYR A CD2   1 
ATOM   1262 C  CE1   . TYR A 1 158 ? -9.818  -5.791  4.214   1    26.76 ? 157 TYR A CE1   1 
ATOM   1263 C  CE2   . TYR A 1 158 ? -10.245 -6.503  6.452   1    27.53 ? 157 TYR A CE2   1 
ATOM   1264 C  CZ    . TYR A 1 158 ? -10.039 -6.807  5.119   1    27.87 ? 157 TYR A CZ    1 
ATOM   1265 O  OH    . TYR A 1 158 ? -10.034 -8.111  4.664   1    29.86 ? 157 TYR A OH    1 
ATOM   1266 N  N     . THR A 1 159 ? -8.163  0.278   6.358   1    17.36 ? 158 THR A N     1 
ATOM   1267 C  CA    . THR A 1 159 ? -8.062  1.718   6.598   1    17.72 ? 158 THR A CA    1 
ATOM   1268 C  C     . THR A 1 159 ? -8.053  2.457   5.248   1    17.84 ? 158 THR A C     1 
ATOM   1269 O  O     . THR A 1 159 ? -8.730  3.460   5.096   1    17.92 ? 158 THR A O     1 
ATOM   1270 C  CB    . THR A 1 159 ? -6.836  2.075   7.447   1    18.8  ? 158 THR A CB    1 
ATOM   1271 O  OG1   . THR A 1 159 ? -7.007  1.487   8.758   1    19.19 ? 158 THR A OG1   1 
ATOM   1272 C  CG2   . THR A 1 159 ? -6.655  3.591   7.608   1    19.61 ? 158 THR A CG2   1 
ATOM   1273 N  N     . LEU A 1 160 ? -7.327  1.917   4.261   1    17.21 ? 159 LEU A N     1 
ATOM   1274 C  CA    . LEU A 1 160 ? -7.299  2.523   2.926   1    17.05 ? 159 LEU A CA    1 
ATOM   1275 C  C     . LEU A 1 160 ? -8.688  2.514   2.296   1    16.84 ? 159 LEU A C     1 
ATOM   1276 O  O     . LEU A 1 160 ? -9.108  3.528   1.710   1    17.19 ? 159 LEU A O     1 
ATOM   1277 C  CB    . LEU A 1 160 ? -6.290  1.800   2.013   1    16.89 ? 159 LEU A CB    1 
ATOM   1278 C  CG    . LEU A 1 160 ? -6.179  2.398   0.613   1    18.32 ? 159 LEU A CG    1 
ATOM   1279 C  CD1   . LEU A 1 160 ? -5.690  3.861   0.677   1    18.46 ? 159 LEU A CD1   1 
ATOM   1280 C  CD2   . LEU A 1 160 ? -5.219  1.601   -0.237  1    18.61 ? 159 LEU A CD2   1 
ATOM   1281 N  N     . VAL A 1 161 ? -9.429  1.404   2.427   1    17.18 ? 160 VAL A N     1 
ATOM   1282 C  CA    . VAL A 1 161 ? -10.806 1.349   1.885   1    17.63 ? 160 VAL A CA    1 
ATOM   1283 C  C     . VAL A 1 161 ? -11.676 2.435   2.545   1    17.58 ? 160 VAL A C     1 
ATOM   1284 O  O     . VAL A 1 161 ? -12.421 3.137   1.858   1    18.22 ? 160 VAL A O     1 
ATOM   1285 C  CB    . VAL A 1 161 ? -11.440 -0.057  2.086   1    18.09 ? 160 VAL A CB    1 
ATOM   1286 C  CG1   . VAL A 1 161 ? -12.948 -0.050  1.769   1    19.05 ? 160 VAL A CG1   1 
ATOM   1287 C  CG2   . VAL A 1 161 ? -10.734 -1.105  1.237   1    18.91 ? 160 VAL A CG2   1 
ATOM   1288 N  N     . ARG A 1 162 ? -11.540 2.597   3.874   1    17.82 ? 161 ARG A N     1 
ATOM   1289 C  CA    . ARG A 1 162 ? -12.314 3.604   4.585   1    18.29 ? 161 ARG A CA    1 
ATOM   1290 C  C     . ARG A 1 162 ? -11.917 5.012   4.147   1    19.71 ? 161 ARG A C     1 
ATOM   1291 O  O     . ARG A 1 162 ? -12.783 5.883   4.083   1    20.88 ? 161 ARG A O     1 
ATOM   1292 C  CB    . ARG A 1 162 ? -12.164 3.437   6.095   1    19.17 ? 161 ARG A CB    1 
ATOM   1293 C  CG    . ARG A 1 162 ? -12.882 2.193   6.576   1    20.61 ? 161 ARG A CG    1 
ATOM   1294 C  CD    . ARG A 1 162 ? -12.403 1.805   7.954   1    23.5  ? 161 ARG A CD    1 
ATOM   1295 N  NE    . ARG A 1 162 ? -13.104 0.615   8.423   1    24.89 ? 161 ARG A NE    1 
ATOM   1296 C  CZ    . ARG A 1 162 ? -12.527 -0.391  9.068   1    26.79 ? 161 ARG A CZ    1 
ATOM   1297 N  NH1   . ARG A 1 162 ? -11.223 -0.357  9.340   1    25.97 ? 161 ARG A NH1   1 
ATOM   1298 N  NH2   . ARG A 1 162 ? -13.243 -1.436  9.452   1    27.17 ? 161 ARG A NH2   1 
ATOM   1299 N  N     . GLU A 1 163 ? -10.623 5.241   3.804   1    18.9  ? 162 GLU A N     1 
ATOM   1300 C  CA    . GLU A 1 163 ? -10.197 6.563   3.322   1    19.19 ? 162 GLU A CA    1 
ATOM   1301 C  C     . GLU A 1 163 ? -10.816 6.851   1.949   1    20.3  ? 162 GLU A C     1 
ATOM   1302 O  O     . GLU A 1 163 ? -11.213 7.985   1.699   1    21.57 ? 162 GLU A O     1 
ATOM   1303 C  CB    . GLU A 1 163 ? -8.669  6.649   3.205   1    19.99 ? 162 GLU A CB    1 
ATOM   1304 C  CG    . GLU A 1 163 ? -7.918  6.611   4.527   1    24.22 ? 162 GLU A CG    1 
ATOM   1305 C  CD    . GLU A 1 163 ? -8.075  7.853   5.376   1    32.81 ? 162 GLU A CD    1 
ATOM   1306 O  OE1   . GLU A 1 163 ? -7.551  8.922   4.984   1    33.25 ? 162 GLU A OE1   1 
ATOM   1307 O  OE2   . GLU A 1 163 ? -8.712  7.752   6.446   1    37.18 ? 162 GLU A OE2   1 
ATOM   1308 N  N     . ILE A 1 164 ? -10.915 5.832   1.076   1    19.12 ? 163 ILE A N     1 
ATOM   1309 C  CA    . ILE A 1 164 ? -11.517 6.030   -0.250  1    19.64 ? 163 ILE A CA    1 
ATOM   1310 C  C     . ILE A 1 164 ? -13.005 6.300   -0.084  1    21.81 ? 163 ILE A C     1 
ATOM   1311 O  O     . ILE A 1 164 ? -13.542 7.217   -0.705  1    21.84 ? 163 ILE A O     1 
ATOM   1312 C  CB    . ILE A 1 164 ? -11.306 4.790   -1.145  1    19.66 ? 163 ILE A CB    1 
ATOM   1313 C  CG1   . ILE A 1 164 ? -9.814  4.514   -1.398  1    20.11 ? 163 ILE A CG1   1 
ATOM   1314 C  CG2   . ILE A 1 164 ? -12.076 4.928   -2.462  1    19.82 ? 163 ILE A CG2   1 
ATOM   1315 C  CD1   . ILE A 1 164 ? -9.584  3.161   -1.979  1    20.24 ? 163 ILE A CD1   1 
ATOM   1316 N  N     . ARG A 1 165 ? -13.670 5.521   0.776   1    22.58 ? 164 ARG A N     1 
ATOM   1317 C  CA    . ARG A 1 165 ? -15.096 5.668   1.027   1    24.72 ? 164 ARG A CA    1 
ATOM   1318 C  C     . ARG A 1 165 ? -15.414 7.066   1.550   1    27.7  ? 164 ARG A C     1 
ATOM   1319 O  O     . ARG A 1 165 ? -16.354 7.690   1.075   1    28.3  ? 164 ARG A O     1 
ATOM   1320 C  CB    . ARG A 1 165 ? -15.538 4.606   2.044   1    24.81 ? 164 ARG A CB    1 
ATOM   1321 C  CG    . ARG A 1 165 ? -17.035 4.565   2.286   1    28.8  ? 164 ARG A CG    1 
ATOM   1322 C  CD    . ARG A 1 165 ? -17.305 3.708   3.507   1    30.47 ? 164 ARG A CD    1 
ATOM   1323 N  NE    . ARG A 1 165 ? -17.183 2.280   3.210   1    32.3  ? 164 ARG A NE    1 
ATOM   1324 C  CZ    . ARG A 1 165 ? -16.820 1.359   4.097   1    30.91 ? 164 ARG A CZ    1 
ATOM   1325 N  NH1   . ARG A 1 165 ? -16.465 1.715   5.333   1    28.89 ? 164 ARG A NH1   1 
ATOM   1326 N  NH2   . ARG A 1 165 ? -16.787 0.077   3.754   1    26.39 ? 164 ARG A NH2   1 
ATOM   1327 N  N     . LYS A 1 166 ? -14.581 7.582   2.466   1    29.47 ? 165 LYS A N     1 
ATOM   1328 C  CA    . LYS A 1 166 ? -14.722 8.914   3.045   1    31.87 ? 165 LYS A CA    1 
ATOM   1329 C  C     . LYS A 1 166 ? -14.578 9.993   1.973   1    33.57 ? 165 LYS A C     1 
ATOM   1330 O  O     . LYS A 1 166 ? -15.335 10.965  1.967   1    34.19 ? 165 LYS A O     1 
ATOM   1331 C  CB    . LYS A 1 166 ? -13.646 9.106   4.122   1    35.08 ? 165 LYS A CB    1 
ATOM   1332 C  CG    . LYS A 1 166 ? -13.872 10.270  5.063   1    41.08 ? 165 LYS A CG    1 
ATOM   1333 C  CD    . LYS A 1 166 ? -12.772 10.322  6.125   1    46.1  ? 165 LYS A CD    1 
ATOM   1334 C  CE    . LYS A 1 166 ? -12.718 9.061   6.963   1    50.82 ? 165 LYS A CE    1 
ATOM   1335 N  NZ    . LYS A 1 166 ? -11.342 8.495   7.022   1    53.76 ? 165 LYS A NZ    1 
ATOM   1336 N  N     . HIS A 1 167 ? -13.629 9.801   1.047   1    33.54 ? 166 HIS A N     1 
ATOM   1337 C  CA    . HIS A 1 167 ? -13.355 10.719  -0.058  1    34.87 ? 166 HIS A CA    1 
ATOM   1338 C  C     . HIS A 1 167 ? -14.534 10.767  -1.035  1    36.31 ? 166 HIS A C     1 
ATOM   1339 O  O     . HIS A 1 167 ? -14.846 11.833  -1.572  1    36.63 ? 166 HIS A O     1 
ATOM   1340 C  CB    . HIS A 1 167 ? -12.060 10.286  -0.778  1    35.86 ? 166 HIS A CB    1 
ATOM   1341 C  CG    . HIS A 1 167 ? -11.634 11.181  -1.902  1    39.09 ? 166 HIS A CG    1 
ATOM   1342 N  ND1   . HIS A 1 167 ? -10.672 12.161  -1.721  1    41.15 ? 166 HIS A ND1   1 
ATOM   1343 C  CD2   . HIS A 1 167 ? -12.017 11.183  -3.200  1    40.77 ? 166 HIS A CD2   1 
ATOM   1344 C  CE1   . HIS A 1 167 ? -10.529 12.747  -2.897  1    41.56 ? 166 HIS A CE1   1 
ATOM   1345 N  NE2   . HIS A 1 167 ? -11.321 12.195  -3.817  1    41.93 ? 166 HIS A NE2   1 
ATOM   1346 N  N     . LYS A 1 168 ? -15.182 9.619   -1.276  1    36.55 ? 167 LYS A N     1 
ATOM   1347 C  CA    . LYS A 1 168 ? -16.336 9.549   -2.177  1    37.83 ? 167 LYS A CA    1 
ATOM   1348 C  C     . LYS A 1 168 ? -17.596 10.155  -1.560  1    39.58 ? 167 LYS A C     1 
ATOM   1349 O  O     . LYS A 1 168 ? -18.456 10.652  -2.288  1    39.78 ? 167 LYS A O     1 
ATOM   1350 C  CB    . LYS A 1 168 ? -16.624 8.094   -2.568  1    38.61 ? 167 LYS A CB    1 
ATOM   1351 C  CG    . LYS A 1 168 ? -15.582 7.527   -3.512  1    41.28 ? 167 LYS A CG    1 
ATOM   1352 C  CD    . LYS A 1 168 ? -15.738 6.027   -3.681  1    44.49 ? 167 LYS A CD    1 
ATOM   1353 C  CE    . LYS A 1 168 ? -17.048 5.652   -4.335  1    47.68 ? 167 LYS A CE    1 
ATOM   1354 N  NZ    . LYS A 1 168 ? -17.335 4.199   -4.179  1    49.34 ? 167 LYS A NZ    1 
ATOM   1355 N  N     . GLU A 1 169 ? -17.721 10.095  -0.233  1    40.46 ? 168 GLU A N     1 
ATOM   1356 C  CA    . GLU A 1 169 ? -18.905 10.616  0.447   1    42.45 ? 168 GLU A CA    1 
ATOM   1357 C  C     . GLU A 1 169 ? -18.811 12.108  0.823   1    45.07 ? 168 GLU A C     1 
ATOM   1358 O  O     . GLU A 1 169 ? -19.721 12.628  1.467   1    45.81 ? 168 GLU A O     1 
ATOM   1359 C  CB    . GLU A 1 169 ? -19.233 9.748   1.668   1    43.26 ? 168 GLU A CB    1 
ATOM   1360 C  CG    . GLU A 1 169 ? -19.541 8.313   1.279   1    45.45 ? 168 GLU A CG    1 
ATOM   1361 C  CD    . GLU A 1 169 ? -19.524 7.307   2.411   1    48.62 ? 168 GLU A CD    1 
ATOM   1362 O  OE1   . GLU A 1 169 ? -20.022 6.175   2.210   1    49.22 ? 168 GLU A OE1   1 
ATOM   1363 O  OE2   . GLU A 1 169 ? -19.023 7.655   3.504   1    49.53 ? 168 GLU A OE2   1 
ATOM   1364 N  N     . LYS A 1 170 ? -17.743 12.803  0.407   1    46.26 ? 169 LYS A N     1 
ATOM   1365 C  CA    . LYS A 1 170 ? -17.585 14.228  0.709   1    47.78 ? 169 LYS A CA    1 
ATOM   1366 C  C     . LYS A 1 170 ? -18.421 15.088  -0.240  1    48.77 ? 169 LYS A C     1 
ATOM   1367 O  O     . LYS A 1 170 ? -18.235 16.304  -0.297  1    49.33 ? 169 LYS A O     1 
ATOM   1368 C  CB    . LYS A 1 170 ? -16.105 14.639  0.632   1    50.01 ? 169 LYS A CB    1 
ATOM   1369 C  CG    . LYS A 1 170 ? -15.321 14.313  1.892   1    54.52 ? 169 LYS A CG    1 
ATOM   1370 C  CD    . LYS A 1 170 ? -13.821 14.407  1.657   1    59.33 ? 169 LYS A CD    1 
ATOM   1371 C  CE    . LYS A 1 170 ? -13.038 13.775  2.785   1    63.25 ? 169 LYS A CE    1 
ATOM   1372 N  NZ    . LYS A 1 170 ? -11.591 13.666  2.463   1    65.55 ? 169 LYS A NZ    1 
HETATM 1373 P  PB    . GDP B 2 .   ? 8.107   -6.774  -2.893  1    15.98 ? 201 GDP A PB    1 
HETATM 1374 O  O1B   . GDP B 2 .   ? 7.780   -5.424  -2.332  1    15.56 ? 201 GDP A O1B   1 
HETATM 1375 O  O2B   . GDP B 2 .   ? 9.338   -6.791  -3.777  1    16.39 ? 201 GDP A O2B   1 
HETATM 1376 O  O3B   . GDP B 2 .   ? 6.920   -7.443  -3.563  1    15.05 ? 201 GDP A O3B   1 
HETATM 1377 O  O3A   . GDP B 2 .   ? 8.373   -7.647  -1.585  1    15.71 ? 201 GDP A O3A   1 
HETATM 1378 P  PA    . GDP B 2 .   ? 8.212   -9.204  -1.299  1    16.54 ? 201 GDP A PA    1 
HETATM 1379 O  O1A   . GDP B 2 .   ? 6.834   -9.531  -0.897  1    16.84 ? 201 GDP A O1A   1 
HETATM 1380 O  O2A   . GDP B 2 .   ? 8.689   -9.953  -2.492  1    16.85 ? 201 GDP A O2A   1 
HETATM 1381 O  "O5'" . GDP B 2 .   ? 9.179   -9.390  -0.055  1    16.97 ? 201 GDP A "O5'" 1 
HETATM 1382 C  "C5'" . GDP B 2 .   ? 10.611  -9.208  -0.128  1    17    ? 201 GDP A "C5'" 1 
HETATM 1383 C  "C4'" . GDP B 2 .   ? 11.275  -10.167 0.831   1    17.17 ? 201 GDP A "C4'" 1 
HETATM 1384 O  "O4'" . GDP B 2 .   ? 10.917  -9.818  2.189   1    18.19 ? 201 GDP A "O4'" 1 
HETATM 1385 C  "C3'" . GDP B 2 .   ? 10.890  -11.639 0.673   1    17.96 ? 201 GDP A "C3'" 1 
HETATM 1386 O  "O3'" . GDP B 2 .   ? 11.965  -12.490 1.083   1    18.83 ? 201 GDP A "O3'" 1 
HETATM 1387 C  "C2'" . GDP B 2 .   ? 9.715   -11.768 1.637   1    18.48 ? 201 GDP A "C2'" 1 
HETATM 1388 O  "O2'" . GDP B 2 .   ? 9.424   -13.104 2.028   1    18.32 ? 201 GDP A "O2'" 1 
HETATM 1389 C  "C1'" . GDP B 2 .   ? 10.205  -10.895 2.786   1    18.13 ? 201 GDP A "C1'" 1 
HETATM 1390 N  N9    . GDP B 2 .   ? 9.118   -10.322 3.586   1    18.18 ? 201 GDP A N9    1 
HETATM 1391 C  C8    . GDP B 2 .   ? 7.991   -9.671  3.140   1    17.88 ? 201 GDP A C8    1 
HETATM 1392 N  N7    . GDP B 2 .   ? 7.253   -9.186  4.108   1    17.27 ? 201 GDP A N7    1 
HETATM 1393 C  C5    . GDP B 2 .   ? 7.937   -9.537  5.262   1    17.81 ? 201 GDP A C5    1 
HETATM 1394 C  C6    . GDP B 2 .   ? 7.651   -9.279  6.627   1    18.1  ? 201 GDP A C6    1 
HETATM 1395 O  O6    . GDP B 2 .   ? 6.694   -8.655  7.083   1    17.87 ? 201 GDP A O6    1 
HETATM 1396 N  N1    . GDP B 2 .   ? 8.619   -9.792  7.469   1    18.91 ? 201 GDP A N1    1 
HETATM 1397 C  C2    . GDP B 2 .   ? 9.739   -10.467 7.062   1    19.75 ? 201 GDP A C2    1 
HETATM 1398 N  N2    . GDP B 2 .   ? 10.590  -10.868 8.015   1    21.09 ? 201 GDP A N2    1 
HETATM 1399 N  N3    . GDP B 2 .   ? 10.015  -10.724 5.786   1    18.91 ? 201 GDP A N3    1 
HETATM 1400 C  C4    . GDP B 2 .   ? 9.084   -10.241 4.950   1    18.11 ? 201 GDP A C4    1 
HETATM 1401 MG MG    . MG  C 3 .   ? 6.523   -8.158  -5.434  1    15.91 2 202 MG  A MG    1 
HETATM 1402 C  C6    . VQT D 4 .   ? 3.744   5.025   -8.372  1    16.84 ? 203 VQT A C6    1 
HETATM 1403 C  C7    . VQT D 4 .   ? 2.570   5.783   -8.325  1    16.65 ? 203 VQT A C7    1 
HETATM 1404 C  C14   . VQT D 4 .   ? 6.967   2.062   -10.009 1    15.89 ? 203 VQT A C14   1 
HETATM 1405 C  C15   . VQT D 4 .   ? 8.147   2.653   -9.516  1    15.24 ? 203 VQT A C15   1 
HETATM 1406 C  C5    . VQT D 4 .   ? 4.484   4.903   -9.553  1    16.16 ? 203 VQT A C5    1 
HETATM 1407 C  C12   . VQT D 4 .   ? 5.705   4.097   -9.569  1    16.15 ? 203 VQT A C12   1 
HETATM 1408 C  C20   . VQT D 4 .   ? 8.095   3.988   -9.052  1    15.86 ? 203 VQT A C20   1 
HETATM 1409 C  C4    . VQT D 4 .   ? 4.038   5.581   -10.717 1    15.66 ? 203 VQT A C4    1 
HETATM 1410 C  C8    . VQT D 4 .   ? 2.130   6.455   -9.469  1    17.2  ? 203 VQT A C8    1 
HETATM 1411 C  C21   . VQT D 4 .   ? 6.884   4.685   -9.109  1    16.19 ? 203 VQT A C21   1 
HETATM 1412 C  C9    . VQT D 4 .   ? 2.876   6.362   -10.647 1    16.2  ? 203 VQT A C9    1 
HETATM 1413 C  C13   . VQT D 4 .   ? 5.777   2.781   -10.012 1    16.57 ? 203 VQT A C13   1 
HETATM 1414 C  C16   . VQT D 4 .   ? 9.400   2.022   -9.420  1    15.67 ? 203 VQT A C16   1 
HETATM 1415 C  C18   . VQT D 4 .   ? 10.343  3.952   -8.625  1    16.9  ? 203 VQT A C18   1 
HETATM 1416 C  C2    . VQT D 4 .   ? 3.956   6.322   -12.820 1    17.23 ? 203 VQT A C2    1 
HETATM 1417 C  C27   . VQT D 4 .   ? 15.613  4.743   -9.008  1    20.83 ? 203 VQT A C27   1 
HETATM 1418 C  C37   . VQT D 4 .   ? 9.814   -0.793  -7.139  1    15.98 ? 203 VQT A C37   1 
HETATM 1419 C  C38   . VQT D 4 .   ? 11.243  -0.369  -7.512  1    16.59 ? 203 VQT A C38   1 
HETATM 1420 C  C26   . VQT D 4 .   ? 15.078  4.404   -7.626  1    20.19 ? 203 VQT A C26   1 
HETATM 1421 C  C33   . VQT D 4 .   ? 13.315  5.755   -6.320  1    19.39 ? 203 VQT A C33   1 
HETATM 1422 C  C35   . VQT D 4 .   ? 8.635   -0.359  -9.377  1    15.1  ? 203 VQT A C35   1 
HETATM 1423 C  C40   . VQT D 4 .   ? 11.027  0.226   -9.989  1    15.53 ? 203 VQT A C40   1 
HETATM 1424 C  C28   . VQT D 4 .   ? 15.076  6.132   -9.295  1    20.7  ? 203 VQT A C28   1 
HETATM 1425 C  C30   . VQT D 4 .   ? 13.240  7.390   -8.053  1    19.54 ? 203 VQT A C30   1 
HETATM 1426 C  C36   . VQT D 4 .   ? 9.221   -1.406  -8.412  1    15.3  ? 203 VQT A C36   1 
HETATM 1427 C  C39   . VQT D 4 .   ? 11.460  -0.835  -8.952  1    16.29 ? 203 VQT A C39   1 
HETATM 1428 C  C31   . VQT D 4 .   ? 13.594  7.214   -6.594  1    20.03 ? 203 VQT A C31   1 
HETATM 1429 C  C25   . VQT D 4 .   ? 13.668  5.021   -7.615  1    19.15 ? 203 VQT A C25   1 
HETATM 1430 C  C24   . VQT D 4 .   ? 12.646  3.980   -8.001  1    18.56 ? 203 VQT A C24   1 
HETATM 1431 N  N19   . VQT D 4 .   ? 9.180   4.630   -8.586  1    15.8  ? 203 VQT A N19   1 
HETATM 1432 N  N3    . VQT D 4 .   ? 4.617   5.559   -11.979 1    16.43 ? 203 VQT A N3    1 
HETATM 1433 N  N17   . VQT D 4 .   ? 10.499  2.678   -8.999  1    16.36 ? 203 VQT A N17   1 
HETATM 1434 N  N34   . VQT D 4 .   ? 9.631   0.656   -9.768  1    15.28 ? 203 VQT A N34   1 
HETATM 1435 N  N1    . VQT D 4 .   ? 4.319   6.468   -14.115 1    17.11 ? 203 VQT A N1    1 
HETATM 1436 N  N41   . VQT D 4 .   ? 10.459  -1.962  -9.065  1    15.49 ? 203 VQT A N41   1 
HETATM 1437 N  N29   . VQT D 4 .   ? 13.667  6.092   -8.718  1    19.24 ? 203 VQT A N29   1 
HETATM 1438 O  O23   . VQT D 4 .   ? 11.409  4.685   -8.135  1    17.96 ? 203 VQT A O23   1 
HETATM 1439 F  F11   . VQT D 4 .   ? 1.029   7.223   -9.440  1    18.59 ? 203 VQT A F11   1 
HETATM 1440 F  F22   . VQT D 4 .   ? 6.858   5.950   -8.668  1    16.38 ? 203 VQT A F22   1 
HETATM 1441 F  F32   . VQT D 4 .   ? 14.924  7.492   -6.425  1    21.21 ? 203 VQT A F32   1 
HETATM 1442 S  S10   . VQT D 4 .   ? 2.572   7.113   -12.166 1    16.9  ? 203 VQT A S10   1 
HETATM 1443 CL CL42  . VQT D 4 .   ? 4.347   2.073   -10.624 1    18.15 ? 203 VQT A CL42  1 
HETATM 1444 O  O     . HOH E 5 .   ? 6.670   -1.836  15.903  1    52.75 ? 301 HOH A O     1 
HETATM 1445 O  O     . HOH E 5 .   ? 5.004   11.044  -17.208 1    24.54 ? 302 HOH A O     1 
HETATM 1446 O  O     . HOH E 5 .   ? 7.663   -18.637 -2.595  1    36.27 ? 303 HOH A O     1 
HETATM 1447 O  O     . HOH E 5 .   ? 10.821  -12.697 11.955  1    37.4  ? 304 HOH A O     1 
HETATM 1448 O  O     . HOH E 5 .   ? 3.891   15.702  -7.427  1    30.75 ? 305 HOH A O     1 
HETATM 1449 O  O     . HOH E 5 .   ? 10.772  -17.542 -5.153  1    29.88 ? 306 HOH A O     1 
HETATM 1450 O  O     . HOH E 5 .   ? -5.654  9.053   3.227   1    25.06 ? 307 HOH A O     1 
HETATM 1451 O  O     . HOH E 5 .   ? 8.289   -7.172  -6.125  1    16.11 ? 308 HOH A O     1 
HETATM 1452 O  O     . HOH E 5 .   ? -22.499 -2.222  -2.263  1    32.69 ? 309 HOH A O     1 
HETATM 1453 O  O     . HOH E 5 .   ? 8.833   -14.134 -13.743 1    27.34 ? 310 HOH A O     1 
HETATM 1454 O  O     . HOH E 5 .   ? -5.255  -19.552 1.136   1    53.47 ? 311 HOH A O     1 
HETATM 1455 O  O     . HOH E 5 .   ? 1.000   11.504  -18.323 1    29.79 ? 312 HOH A O     1 
HETATM 1456 O  O     . HOH E 5 .   ? 7.615   -9.914  -4.884  1    16.1  ? 313 HOH A O     1 
HETATM 1457 O  O     . HOH E 5 .   ? 0.103   -13.519 -10.020 1    29.22 ? 314 HOH A O     1 
HETATM 1458 O  O     . HOH E 5 .   ? 5.132   14.377  -0.726  1    38.33 ? 315 HOH A O     1 
HETATM 1459 O  O     . HOH E 5 .   ? 6.211   -0.744  -17.707 1    39.45 ? 316 HOH A O     1 
HETATM 1460 O  O     . HOH E 5 .   ? -10.278 10.305  2.531   1    35.98 ? 317 HOH A O     1 
HETATM 1461 O  O     . HOH E 5 .   ? 5.313   -6.558  -5.946  1    17.31 ? 318 HOH A O     1 
HETATM 1462 O  O     . HOH E 5 .   ? -0.233  -4.578  -14.408 1    18.58 ? 319 HOH A O     1 
HETATM 1463 O  O     . HOH E 5 .   ? -4.997  -4.404  -14.460 1    28.78 ? 320 HOH A O     1 
HETATM 1464 O  O     . HOH E 5 .   ? -0.622  16.924  -11.950 1    35.52 ? 321 HOH A O     1 
HETATM 1465 O  O     . HOH E 5 .   ? 15.013  1.889   -2.966  1    30.72 ? 322 HOH A O     1 
HETATM 1466 O  O     . HOH E 5 .   ? -2.403  -8.707  -14.536 1    38.36 ? 323 HOH A O     1 
HETATM 1467 O  O     . HOH E 5 .   ? 15.713  -2.334  -7.382  1    33.06 ? 324 HOH A O     1 
HETATM 1468 O  O     . HOH E 5 .   ? 10.518  -11.781 -3.113  1    21.07 ? 325 HOH A O     1 
HETATM 1469 O  O     . HOH E 5 .   ? 2.983   15.601  0.073   1    39.42 ? 326 HOH A O     1 
HETATM 1470 O  O     . HOH E 5 .   ? -3.269  12.116  0.572   1    30.56 ? 327 HOH A O     1 
HETATM 1471 O  O     . HOH E 5 .   ? -10.641 4.546   -11.120 1    33.13 ? 328 HOH A O     1 
HETATM 1472 O  O     . HOH E 5 .   ? -14.243 1.623   -8.418  1    41.24 ? 329 HOH A O     1 
HETATM 1473 O  O     . HOH E 5 .   ? -9.629  5.428   7.395   1    39.21 ? 330 HOH A O     1 
HETATM 1474 O  O     . HOH E 5 .   ? -4.527  -7.091  -14.129 1    34.72 ? 331 HOH A O     1 
HETATM 1475 O  O     . HOH E 5 .   ? 8.574   -4.327  -6.636  1    16.87 ? 332 HOH A O     1 
HETATM 1476 O  O     . HOH E 5 .   ? 7.458   -17.030 -11.048 1    23.17 ? 333 HOH A O     1 
HETATM 1477 O  O     . HOH E 5 .   ? 18.723  4.363   11.649  1    47.55 ? 334 HOH A O     1 
HETATM 1478 O  O     . HOH E 5 .   ? -15.065 2.799   -5.161  1    31.71 ? 335 HOH A O     1 
HETATM 1479 O  O     . HOH E 5 .   ? -23.345 -5.342  1.794   1    30.06 ? 336 HOH A O     1 
HETATM 1480 O  O     . HOH E 5 .   ? 4.577   -9.046  14.141  1    39.62 ? 337 HOH A O     1 
HETATM 1481 O  O     . HOH E 5 .   ? -9.995  8.104   -4.926  1    28.94 ? 338 HOH A O     1 
HETATM 1482 O  O     . HOH E 5 .   ? 2.137   -9.532  -8.086  1    19.38 ? 339 HOH A O     1 
HETATM 1483 O  O     . HOH E 5 .   ? 11.963  10.389  -2.126  1    20.71 ? 340 HOH A O     1 
HETATM 1484 O  O     . HOH E 5 .   ? 12.042  2.722   -4.877  1    21.4  ? 341 HOH A O     1 
HETATM 1485 O  O     . HOH E 5 .   ? -6.705  6.864   -16.167 1    25.47 ? 342 HOH A O     1 
HETATM 1486 O  O     . HOH E 5 .   ? 13.878  -5.004  3.908   1    25    ? 343 HOH A O     1 
HETATM 1487 O  O     . HOH E 5 .   ? -4.202  -8.503  9.931   1    23.94 ? 344 HOH A O     1 
HETATM 1488 O  O     . HOH E 5 .   ? 8.166   14.481  2.056   1    37.8  ? 345 HOH A O     1 
HETATM 1489 O  O     . HOH E 5 .   ? -1.353  9.724   -19.203 1    30.1  ? 346 HOH A O     1 
HETATM 1490 O  O     . HOH E 5 .   ? 19.036  2.051   3.422   1    40.91 ? 347 HOH A O     1 
HETATM 1491 O  O     . HOH E 5 .   ? -0.201  -2.294  13.479  1    34.32 ? 348 HOH A O     1 
HETATM 1492 O  O     . HOH E 5 .   ? 4.579   -16.861 9.113   1    38.14 ? 349 HOH A O     1 
HETATM 1493 O  O     . HOH E 5 .   ? 1.967   -13.482 1.935   1    20.8  ? 350 HOH A O     1 
HETATM 1494 O  O     . HOH E 5 .   ? 17.589  8.411   -0.320  1    32.65 ? 351 HOH A O     1 
HETATM 1495 O  O     . HOH E 5 .   ? 5.592   10.819  -20.540 1    41.51 ? 352 HOH A O     1 
HETATM 1496 O  O     . HOH E 5 .   ? 15.331  8.389   -1.896  1    34.7  ? 353 HOH A O     1 
HETATM 1497 O  O     . HOH E 5 .   ? 12.756  -4.209  -10.068 1    31.46 ? 354 HOH A O     1 
HETATM 1498 O  O     . HOH E 5 .   ? 17.873  5.731   -5.788  1    28.19 ? 355 HOH A O     1 
HETATM 1499 O  O     . HOH E 5 .   ? -0.108  -7.292  -14.508 1    32.06 ? 356 HOH A O     1 
HETATM 1500 O  O     . HOH E 5 .   ? 8.975   -7.244  -14.313 1    33.6  ? 357 HOH A O     1 
HETATM 1501 O  O     . HOH E 5 .   ? 9.441   2.169   -0.390  1    16.86 ? 358 HOH A O     1 
HETATM 1502 O  O     . HOH E 5 .   ? 4.739   15.900  11.462  1    36.05 ? 359 HOH A O     1 
HETATM 1503 O  O     . HOH E 5 .   ? 7.940   -11.313 -14.593 1    31.7  ? 360 HOH A O     1 
HETATM 1504 O  O     . HOH E 5 .   ? 6.346   -9.047  -7.298  1    17.34 ? 361 HOH A O     1 
HETATM 1505 O  O     . HOH E 5 .   ? 6.504   1.936   -13.651 1    19.6  ? 362 HOH A O     1 
HETATM 1506 O  O     . HOH E 5 .   ? -17.379 4.080   -1.417  1    35.81 ? 363 HOH A O     1 
HETATM 1507 O  O     . HOH E 5 .   ? 4.660   11.882  16.551  1    24.86 ? 364 HOH A O     1 
HETATM 1508 O  O     . HOH E 5 .   ? 13.398  -3.476  1.487   1    37.19 ? 365 HOH A O     1 
HETATM 1509 O  O     . HOH E 5 .   ? -6.515  -1.677  -8.868  1    33.4  ? 366 HOH A O     1 
HETATM 1510 O  O     . HOH E 5 .   ? -13.286 -12.432 2.616   1    26.33 ? 367 HOH A O     1 
HETATM 1511 O  O     . HOH E 5 .   ? 8.956   -3.606  15.176  1    48.28 ? 368 HOH A O     1 
HETATM 1512 O  O     . HOH E 5 .   ? -10.000 8.238   -7.777  1    27.12 ? 369 HOH A O     1 
HETATM 1513 O  O     . HOH E 5 .   ? 2.842   -16.496 -9.692  1    29.32 ? 370 HOH A O     1 
HETATM 1514 O  O     . HOH E 5 .   ? 10.368  -5.802  -9.612  1    25.58 ? 371 HOH A O     1 
HETATM 1515 O  O     . HOH E 5 .   ? 6.731   -0.739  -12.060 1    23.18 ? 372 HOH A O     1 
HETATM 1516 O  O     . HOH E 5 .   ? -9.511  2.122   9.877   1    23.67 ? 373 HOH A O     1 
HETATM 1517 O  O     . HOH E 5 .   ? -12.800 7.016   -5.488  1    33.4  ? 374 HOH A O     1 
HETATM 1518 O  O     . HOH E 5 .   ? -19.309 -5.542  8.664   1    28.07 ? 375 HOH A O     1 
HETATM 1519 O  O     . HOH E 5 .   ? 8.941   0.825   17.405  1    35.02 ? 376 HOH A O     1 
HETATM 1520 O  O     . HOH E 5 .   ? 6.281   0.412   -6.654  1    17.47 ? 377 HOH A O     1 
HETATM 1521 O  O     . HOH E 5 .   ? -8.420  11.363  0.967   1    43.03 ? 378 HOH A O     1 
HETATM 1522 O  O     . HOH E 5 .   ? 2.533   15.549  16.118  1    37.96 ? 379 HOH A O     1 
HETATM 1523 O  O     . HOH E 5 .   ? 7.247   -12.548 -0.759  1    19.09 ? 380 HOH A O     1 
HETATM 1524 O  O     . HOH E 5 .   ? -6.049  9.394   -17.946 1    48.68 ? 381 HOH A O     1 
HETATM 1525 O  O     . HOH E 5 .   ? -5.145  -11.049 -12.587 1    45.41 ? 382 HOH A O     1 
HETATM 1526 O  O     . HOH E 5 .   ? -15.785 -4.328  9.278   1    32.25 ? 383 HOH A O     1 
HETATM 1527 O  O     . HOH E 5 .   ? 14.322  2.190   -11.404 1    39.78 ? 384 HOH A O     1 
HETATM 1528 O  O     . HOH E 5 .   ? 10.099  6.655   -18.530 1    22.93 ? 385 HOH A O     1 
HETATM 1529 O  O     . HOH E 5 .   ? 13.865  -11.340 2.891   1    25.2  ? 386 HOH A O     1 
HETATM 1530 O  O     . HOH E 5 .   ? 13.216  -10.658 -2.116  1    23    ? 387 HOH A O     1 
HETATM 1531 O  O     . HOH E 5 .   ? 1.851   -9.258  16.451  1    49.67 ? 388 HOH A O     1 
HETATM 1532 O  O     . HOH E 5 .   ? 0.686   0.644   13.526  1    31.74 ? 389 HOH A O     1 
HETATM 1533 O  O     . HOH E 5 .   ? -13.902 -7.455  7.721   1    46.12 ? 390 HOH A O     1 
HETATM 1534 O  O     . HOH E 5 .   ? 11.388  -8.827  -3.787  1    20.89 ? 391 HOH A O     1 
HETATM 1535 O  O     . HOH E 5 .   ? -16.233 4.271   6.674   1    42.9  ? 392 HOH A O     1 
HETATM 1536 O  O     . HOH E 5 .   ? -8.032  12.620  -8.287  1    46.28 ? 393 HOH A O     1 
HETATM 1537 O  O     . HOH E 5 .   ? 15.624  0.085   -1.005  1    34.38 ? 394 HOH A O     1 
HETATM 1538 O  O     . HOH E 5 .   ? -1.914  14.032  -14.536 1    71.74 ? 395 HOH A O     1 
HETATM 1539 O  O     . HOH E 5 .   ? -4.453  -12.711 -9.944  1    36.66 ? 396 HOH A O     1 
HETATM 1540 O  O     . HOH E 5 .   ? 15.065  -7.857  5.208   1    41.07 ? 397 HOH A O     1 
HETATM 1541 O  O     . HOH E 5 .   ? 10.481  10.101  2.069   1    28.3  ? 398 HOH A O     1 
HETATM 1542 O  O     . HOH E 5 .   ? 12.860  -9.675  4.762   1    24.95 ? 399 HOH A O     1 
HETATM 1543 O  O     . HOH E 5 .   ? -22.746 -3.509  -0.026  1    21.91 ? 400 HOH A O     1 
HETATM 1544 O  O     . HOH E 5 .   ? 2.212   14.985  -15.270 1    26.7  ? 401 HOH A O     1 
HETATM 1545 O  O     . HOH E 5 .   ? 1.262   -18.247 6.932   1    37.28 ? 402 HOH A O     1 
HETATM 1546 O  O     . HOH E 5 .   ? -18.526 0.021   -7.363  1    32.49 ? 403 HOH A O     1 
HETATM 1547 O  O     . HOH E 5 .   ? 7.239   4.376   -12.536 1    17.9  ? 404 HOH A O     1 
HETATM 1548 O  O     . HOH E 5 .   ? -5.419  -10.872 10.842  1    47.05 ? 405 HOH A O     1 
HETATM 1549 O  O     . HOH E 5 .   ? -6.126  0.379   -10.610 1    42.71 ? 406 HOH A O     1 
HETATM 1550 O  O     . HOH E 5 .   ? -17.709 -7.740  8.259   1    37.18 ? 407 HOH A O     1 
HETATM 1551 O  O     . HOH E 5 .   ? 13.423  0.361   -13.066 1    27.92 ? 408 HOH A O     1 
HETATM 1552 O  O     . HOH E 5 .   ? 6.840   -16.911 -6.937  1    20.23 ? 409 HOH A O     1 
HETATM 1553 O  O     . HOH E 5 .   ? 5.138   -3.735  -14.476 1    36.99 ? 410 HOH A O     1 
HETATM 1554 O  O     . HOH E 5 .   ? 4.788   -8.789  -14.411 1    38.78 ? 411 HOH A O     1 
HETATM 1555 O  O     . HOH E 5 .   ? -4.782  -5.908  11.095  1    25.3  ? 412 HOH A O     1 
HETATM 1556 O  O     . HOH E 5 .   ? -7.161  10.499  7.454   1    50.71 ? 413 HOH A O     1 
HETATM 1557 O  O     . HOH E 5 .   ? -1.947  -16.863 8.568   1    91.87 ? 414 HOH A O     1 
HETATM 1558 O  O     . HOH E 5 .   ? -22.600 -0.212  5.199   1    29.71 ? 415 HOH A O     1 
HETATM 1559 O  O     . HOH E 5 .   ? 6.349   -19.457 1.912   1    35.27 ? 416 HOH A O     1 
HETATM 1560 O  O     . HOH E 5 .   ? 4.587   8.407   -23.396 1    25.61 ? 417 HOH A O     1 
HETATM 1561 O  O     . HOH E 5 .   ? -12.981 -13.416 -2.249  1    40.49 ? 418 HOH A O     1 
HETATM 1562 O  O     . HOH E 5 .   ? -9.301  14.581  -5.603  1    60.4  ? 419 HOH A O     1 
HETATM 1563 O  O     . HOH E 5 .   ? 2.733   5.648   -23.423 1    22.08 ? 420 HOH A O     1 
HETATM 1564 O  O     . HOH E 5 .   ? 8.624   -4.178  -16.161 1    38.07 ? 421 HOH A O     1 
HETATM 1565 O  O     . HOH E 5 .   ? -6.409  18.798  -4.017  1    57.59 ? 422 HOH A O     1 
HETATM 1566 O  O     . HOH E 5 .   ? 12.722  -12.864 7.240   1    32.81 ? 423 HOH A O     1 
HETATM 1567 O  O     . HOH E 5 .   ? 20.224  2.258   7.950   1    45.67 ? 424 HOH A O     1 
HETATM 1568 O  O     . HOH E 5 .   ? -3.185  -6.677  13.871  1    34.95 ? 425 HOH A O     1 
HETATM 1569 O  O     . HOH E 5 .   ? -8.070  10.455  -11.101 1    41.01 ? 426 HOH A O     1 
HETATM 1570 O  O     . HOH E 5 .   ? -4.116  13.965  2.690   1    51.63 ? 427 HOH A O     1 
HETATM 1571 O  O     . HOH E 5 .   ? 13.776  -0.204  -5.058  1    27.86 ? 428 HOH A O     1 
HETATM 1572 O  O     . HOH E 5 .   ? -15.447 3.168   9.179   1    49.67 ? 429 HOH A O     1 
HETATM 1573 O  O     . HOH E 5 .   ? 0.829   -16.069 8.652   1    43.23 ? 430 HOH A O     1 
HETATM 1574 O  O     . HOH E 5 .   ? 18.750  0.540   6.384   1    31.7  ? 431 HOH A O     1 
HETATM 1575 O  O     . HOH E 5 .   ? -7.227  -12.915 -7.618  1    38.91 ? 432 HOH A O     1 
HETATM 1576 O  O     . HOH E 5 .   ? 17.036  2.211   -4.596  1    42.99 ? 433 HOH A O     1 
HETATM 1577 O  O     . HOH E 5 .   ? 19.925  5.358   3.059   1    46.47 ? 434 HOH A O     1 
HETATM 1578 O  O     . HOH E 5 .   ? 13.566  -13.878 9.457   1    57.46 ? 435 HOH A O     1 
HETATM 1579 O  O     . HOH E 5 .   ? -17.240 2.399   -6.820  1    70.32 ? 436 HOH A O     1 
HETATM 1580 O  O     . HOH E 5 .   ? 11.049  -15.258 6.689   1    40.29 ? 437 HOH A O     1 
HETATM 1581 O  O     . HOH E 5 .   ? 3.972   14.163  18.054  1    26.73 ? 438 HOH A O     1 
HETATM 1582 O  O     . HOH E 5 .   ? -20.239 1.606   4.246   1    53.51 ? 439 HOH A O     1 
HETATM 1583 O  O     . HOH E 5 .   ? 8.004   11.661  -13.488 1    36.58 ? 440 HOH A O     1 
HETATM 1584 O  O     . HOH E 5 .   ? -0.221  -15.611 -5.711  1    50.82 ? 441 HOH A O     1 
HETATM 1585 O  O     . HOH E 5 .   ? -9.246  -11.354 6.478   1    43.53 ? 442 HOH A O     1 
HETATM 1586 O  O     . HOH E 5 .   ? 8.291   14.574  8.798   1    38.9  ? 443 HOH A O     1 
HETATM 1587 O  O     . HOH E 5 .   ? -7.926  11.678  -5.710  1    38.28 ? 444 HOH A O     1 
HETATM 1588 O  O     . HOH E 5 .   ? 15.885  8.899   -3.913  1    45.97 ? 445 HOH A O     1 
HETATM 1589 O  O     . HOH E 5 .   ? -21.211 -12.533 -5.150  1    91.95 ? 446 HOH A O     1 
HETATM 1590 O  O     . HOH E 5 .   ? 6.661   -5.829  -14.768 1    50.06 ? 447 HOH A O     1 
HETATM 1591 O  O     . HOH E 5 .   ? 3.357   17.403  1.807   1    55.87 ? 448 HOH A O     1 
# 
loop_
_pdbx_poly_seq_scheme.asym_id 
_pdbx_poly_seq_scheme.entity_id 
_pdbx_poly_seq_scheme.seq_id 
_pdbx_poly_seq_scheme.mon_id 
_pdbx_poly_seq_scheme.ndb_seq_num 
_pdbx_poly_seq_scheme.pdb_seq_num 
_pdbx_poly_seq_scheme.auth_seq_num 
_pdbx_poly_seq_scheme.pdb_mon_id 
_pdbx_poly_seq_scheme.auth_mon_id 
_pdbx_poly_seq_scheme.pdb_strand_id 
_pdbx_poly_seq_scheme.pdb_ins_code 
_pdbx_poly_seq_scheme.hetero 
A 1 1   GLY 1   0   0   GLY ALA A . n 
A 1 2   MET 2   1   1   MET MET A . n 
A 1 3   THR 3   2   2   THR THR A . n 
A 1 4   GLU 4   3   3   GLU GLU A . n 
A 1 5   TYR 5   4   4   TYR TYR A . n 
A 1 6   LYS 6   5   5   LYS LYS A . n 
A 1 7   LEU 7   6   6   LEU LEU A . n 
A 1 8   VAL 8   7   7   VAL VAL A . n 
A 1 9   VAL 9   8   8   VAL VAL A . n 
A 1 10  VAL 10  9   9   VAL VAL A . n 
A 1 11  GLY 11  10  10  GLY GLY A . n 
A 1 12  ALA 12  11  11  ALA ALA A . n 
A 1 13  ASP 13  12  12  ASP ASP A . n 
A 1 14  GLY 14  13  13  GLY GLY A . n 
A 1 15  VAL 15  14  14  VAL VAL A . n 
A 1 16  GLY 16  15  15  GLY GLY A . n 
A 1 17  LYS 17  16  16  LYS LYS A . n 
A 1 18  SER 18  17  17  SER SER A . n 
A 1 19  ALA 19  18  18  ALA ALA A . n 
A 1 20  LEU 20  19  19  LEU LEU A . n 
A 1 21  THR 21  20  20  THR THR A . n 
A 1 22  ILE 22  21  21  ILE ILE A . n 
A 1 23  GLN 23  22  22  GLN GLN A . n 
A 1 24  LEU 24  23  23  LEU LEU A . n 
A 1 25  ILE 25  24  24  ILE ILE A . n 
A 1 26  GLN 26  25  25  GLN GLN A . n 
A 1 27  ASN 27  26  26  ASN ASN A . n 
A 1 28  HIS 28  27  27  HIS HIS A . n 
A 1 29  PHE 29  28  28  PHE PHE A . n 
A 1 30  VAL 30  29  29  VAL VAL A . n 
A 1 31  ASP 31  30  30  ASP ASP A . n 
A 1 32  GLU 32  31  31  GLU GLU A . n 
A 1 33  TYR 33  32  32  TYR TYR A . n 
A 1 34  ASP 34  33  33  ASP ASP A . n 
A 1 35  PRO 35  34  34  PRO PRO A . n 
A 1 36  THR 36  35  35  THR THR A . n 
A 1 37  ILE 37  36  36  ILE ILE A . n 
A 1 38  GLU 38  37  37  GLU GLU A . n 
A 1 39  ASP 39  38  38  ASP ASP A . n 
A 1 40  SER 40  39  39  SER SER A . n 
A 1 41  TYR 41  40  40  TYR TYR A . n 
A 1 42  ARG 42  41  41  ARG ARG A . n 
A 1 43  LYS 43  42  42  LYS LYS A . n 
A 1 44  GLN 44  43  43  GLN GLN A . n 
A 1 45  VAL 45  44  44  VAL VAL A . n 
A 1 46  VAL 46  45  45  VAL VAL A . n 
A 1 47  ILE 47  46  46  ILE ILE A . n 
A 1 48  ASP 48  47  47  ASP ASP A . n 
A 1 49  GLY 49  48  48  GLY GLY A . n 
A 1 50  GLU 50  49  49  GLU GLU A . n 
A 1 51  THR 51  50  50  THR THR A . n 
A 1 52  CYS 52  51  51  CYS CYS A . n 
A 1 53  LEU 53  52  52  LEU LEU A . n 
A 1 54  LEU 54  53  53  LEU LEU A . n 
A 1 55  ASP 55  54  54  ASP ASP A . n 
A 1 56  ILE 56  55  55  ILE ILE A . n 
A 1 57  LEU 57  56  56  LEU LEU A . n 
A 1 58  ASP 58  57  57  ASP ASP A . n 
A 1 59  THR 59  58  58  THR THR A . n 
A 1 60  ALA 60  59  59  ALA ALA A . n 
A 1 61  GLY 61  60  60  GLY GLY A . n 
A 1 62  GLN 62  61  61  GLN GLN A . n 
A 1 63  GLU 63  62  62  GLU GLU A . n 
A 1 64  GLU 64  63  63  GLU GLU A . n 
A 1 65  TYR 65  64  64  TYR TYR A . n 
A 1 66  SER 66  65  65  SER SER A . n 
A 1 67  ALA 67  66  66  ALA ALA A . n 
A 1 68  MET 68  67  67  MET MET A . n 
A 1 69  ARG 69  68  68  ARG ARG A . n 
A 1 70  ASP 70  69  69  ASP ASP A . n 
A 1 71  GLN 71  70  70  GLN GLN A . n 
A 1 72  TYR 72  71  71  TYR TYR A . n 
A 1 73  MET 73  72  72  MET MET A . n 
A 1 74  ARG 74  73  73  ARG ARG A . n 
A 1 75  THR 75  74  74  THR THR A . n 
A 1 76  GLY 76  75  75  GLY GLY A . n 
A 1 77  GLU 77  76  76  GLU GLU A . n 
A 1 78  GLY 78  77  77  GLY GLY A . n 
A 1 79  PHE 79  78  78  PHE PHE A . n 
A 1 80  LEU 80  79  79  LEU LEU A . n 
A 1 81  CYS 81  80  80  CYS CYS A . n 
A 1 82  VAL 82  81  81  VAL VAL A . n 
A 1 83  PHE 83  82  82  PHE PHE A . n 
A 1 84  ALA 84  83  83  ALA ALA A . n 
A 1 85  ILE 85  84  84  ILE ILE A . n 
A 1 86  ASN 86  85  85  ASN ASN A . n 
A 1 87  ASN 87  86  86  ASN ASN A . n 
A 1 88  THR 88  87  87  THR THR A . n 
A 1 89  LYS 89  88  88  LYS LYS A . n 
A 1 90  SER 90  89  89  SER SER A . n 
A 1 91  PHE 91  90  90  PHE PHE A . n 
A 1 92  GLU 92  91  91  GLU GLU A . n 
A 1 93  ASP 93  92  92  ASP ASP A . n 
A 1 94  ILE 94  93  93  ILE ILE A . n 
A 1 95  HIS 95  94  94  HIS HIS A . n 
A 1 96  HIS 96  95  95  HIS HIS A . n 
A 1 97  TYR 97  96  96  TYR TYR A . n 
A 1 98  ARG 98  97  97  ARG ARG A . n 
A 1 99  GLU 99  98  98  GLU GLU A . n 
A 1 100 GLN 100 99  99  GLN GLN A . n 
A 1 101 ILE 101 100 100 ILE ILE A . n 
A 1 102 LYS 102 101 101 LYS LYS A . n 
A 1 103 ARG 103 102 102 ARG ARG A . n 
A 1 104 VAL 104 103 103 VAL VAL A . n 
A 1 105 LYS 105 104 104 LYS LYS A . n 
A 1 106 ASP 106 105 105 ASP ASP A . n 
A 1 107 SER 107 106 106 SER SER A . n 
A 1 108 GLU 108 107 107 GLU GLU A . n 
A 1 109 ASP 109 108 108 ASP ASP A . n 
A 1 110 VAL 110 109 109 VAL VAL A . n 
A 1 111 PRO 111 110 110 PRO PRO A . n 
A 1 112 MET 112 111 111 MET MET A . n 
A 1 113 VAL 113 112 112 VAL VAL A . n 
A 1 114 LEU 114 113 113 LEU LEU A . n 
A 1 115 VAL 115 114 114 VAL VAL A . n 
A 1 116 GLY 116 115 115 GLY GLY A . n 
A 1 117 ASN 117 116 116 ASN ASN A . n 
A 1 118 LYS 118 117 117 LYS LYS A . n 
A 1 119 CYS 119 118 118 CYS CYS A . n 
A 1 120 ASP 120 119 119 ASP ASP A . n 
A 1 121 LEU 121 120 120 LEU LEU A . n 
A 1 122 PRO 122 121 121 PRO PRO A . n 
A 1 123 SER 123 122 122 SER SER A . n 
A 1 124 ARG 124 123 123 ARG ARG A . n 
A 1 125 THR 125 124 124 THR THR A . n 
A 1 126 VAL 126 125 125 VAL VAL A . n 
A 1 127 ASP 127 126 126 ASP ASP A . n 
A 1 128 THR 128 127 127 THR THR A . n 
A 1 129 LYS 129 128 128 LYS LYS A . n 
A 1 130 GLN 130 129 129 GLN GLN A . n 
A 1 131 ALA 131 130 130 ALA ALA A . n 
A 1 132 GLN 132 131 131 GLN GLN A . n 
A 1 133 ASP 133 132 132 ASP ASP A . n 
A 1 134 LEU 134 133 133 LEU LEU A . n 
A 1 135 ALA 135 134 134 ALA ALA A . n 
A 1 136 ARG 136 135 135 ARG ARG A . n 
A 1 137 SER 137 136 136 SER SER A . n 
A 1 138 TYR 138 137 137 TYR TYR A . n 
A 1 139 GLY 139 138 138 GLY GLY A . n 
A 1 140 ILE 140 139 139 ILE ILE A . n 
A 1 141 PRO 141 140 140 PRO PRO A . n 
A 1 142 PHE 142 141 141 PHE PHE A . n 
A 1 143 ILE 143 142 142 ILE ILE A . n 
A 1 144 GLU 144 143 143 GLU GLU A . n 
A 1 145 THR 145 144 144 THR THR A . n 
A 1 146 SER 146 145 145 SER SER A . n 
A 1 147 ALA 147 146 146 ALA ALA A . n 
A 1 148 LYS 148 147 147 LYS LYS A . n 
A 1 149 THR 149 148 148 THR THR A . n 
A 1 150 ARG 150 149 149 ARG ARG A . n 
A 1 151 GLN 151 150 150 GLN GLN A . n 
A 1 152 GLY 152 151 151 GLY GLY A . n 
A 1 153 VAL 153 152 152 VAL VAL A . n 
A 1 154 ASP 154 153 153 ASP ASP A . n 
A 1 155 ASP 155 154 154 ASP ASP A . n 
A 1 156 ALA 156 155 155 ALA ALA A . n 
A 1 157 PHE 157 156 156 PHE PHE A . n 
A 1 158 TYR 158 157 157 TYR TYR A . n 
A 1 159 THR 159 158 158 THR THR A . n 
A 1 160 LEU 160 159 159 LEU LEU A . n 
A 1 161 VAL 161 160 160 VAL VAL A . n 
A 1 162 ARG 162 161 161 ARG ARG A . n 
A 1 163 GLU 163 162 162 GLU GLU A . n 
A 1 164 ILE 164 163 163 ILE ILE A . n 
A 1 165 ARG 165 164 164 ARG ARG A . n 
A 1 166 LYS 166 165 165 LYS LYS A . n 
A 1 167 HIS 167 166 166 HIS HIS A . n 
A 1 168 LYS 168 167 167 LYS LYS A . n 
A 1 169 GLU 169 168 168 GLU GLU A . n 
A 1 170 LYS 170 169 169 LYS LYS A . n 
# 
_pdbx_contact_author.id                 2 
_pdbx_contact_author.email              zyang@erasca.com 
_pdbx_contact_author.name_first         Zi 
_pdbx_contact_author.name_last          Yang 
_pdbx_contact_author.name_mi            ? 
_pdbx_contact_author.role               'principal investigator/group leader' 
_pdbx_contact_author.identifier_ORCID   0009-0003-2462-9807 
# 
loop_
_pdbx_nonpoly_scheme.asym_id 
_pdbx_nonpoly_scheme.entity_id 
_pdbx_nonpoly_scheme.mon_id 
_pdbx_nonpoly_scheme.ndb_seq_num 
_pdbx_nonpoly_scheme.pdb_seq_num 
_pdbx_nonpoly_scheme.auth_seq_num 
_pdbx_nonpoly_scheme.pdb_mon_id 
_pdbx_nonpoly_scheme.auth_mon_id 
_pdbx_nonpoly_scheme.pdb_strand_id 
_pdbx_nonpoly_scheme.pdb_ins_code 
B 2 GDP 1   201 200 GDP GDP A . 
C 3 MG  1   202 201 MG  MG  A . 
D 4 VQT 1   203 900 VQT UNL A . 
E 5 HOH 1   301 138 HOH HOH A . 
E 5 HOH 2   302 11  HOH HOH A . 
E 5 HOH 3   303 83  HOH HOH A . 
E 5 HOH 4   304 64  HOH HOH A . 
E 5 HOH 5   305 27  HOH HOH A . 
E 5 HOH 6   306 87  HOH HOH A . 
E 5 HOH 7   307 25  HOH HOH A . 
E 5 HOH 8   308 121 HOH HOH A . 
E 5 HOH 9   309 110 HOH HOH A . 
E 5 HOH 10  310 71  HOH HOH A . 
E 5 HOH 11  311 143 HOH HOH A . 
E 5 HOH 12  312 48  HOH HOH A . 
E 5 HOH 13  313 72  HOH HOH A . 
E 5 HOH 14  314 31  HOH HOH A . 
E 5 HOH 15  315 99  HOH HOH A . 
E 5 HOH 16  316 67  HOH HOH A . 
E 5 HOH 17  317 97  HOH HOH A . 
E 5 HOH 18  318 103 HOH HOH A . 
E 5 HOH 19  319 7   HOH HOH A . 
E 5 HOH 20  320 54  HOH HOH A . 
E 5 HOH 21  321 44  HOH HOH A . 
E 5 HOH 22  322 126 HOH HOH A . 
E 5 HOH 23  323 101 HOH HOH A . 
E 5 HOH 24  324 127 HOH HOH A . 
E 5 HOH 25  325 13  HOH HOH A . 
E 5 HOH 26  326 89  HOH HOH A . 
E 5 HOH 27  327 53  HOH HOH A . 
E 5 HOH 28  328 73  HOH HOH A . 
E 5 HOH 29  329 68  HOH HOH A . 
E 5 HOH 30  330 94  HOH HOH A . 
E 5 HOH 31  331 108 HOH HOH A . 
E 5 HOH 32  332 4   HOH HOH A . 
E 5 HOH 33  333 47  HOH HOH A . 
E 5 HOH 34  334 141 HOH HOH A . 
E 5 HOH 35  335 12  HOH HOH A . 
E 5 HOH 36  336 56  HOH HOH A . 
E 5 HOH 37  337 128 HOH HOH A . 
E 5 HOH 38  338 38  HOH HOH A . 
E 5 HOH 39  339 1   HOH HOH A . 
E 5 HOH 40  340 26  HOH HOH A . 
E 5 HOH 41  341 9   HOH HOH A . 
E 5 HOH 42  342 45  HOH HOH A . 
E 5 HOH 43  343 22  HOH HOH A . 
E 5 HOH 44  344 40  HOH HOH A . 
E 5 HOH 45  345 66  HOH HOH A . 
E 5 HOH 46  346 74  HOH HOH A . 
E 5 HOH 47  347 80  HOH HOH A . 
E 5 HOH 48  348 112 HOH HOH A . 
E 5 HOH 49  349 129 HOH HOH A . 
E 5 HOH 50  350 3   HOH HOH A . 
E 5 HOH 51  351 123 HOH HOH A . 
E 5 HOH 52  352 117 HOH HOH A . 
E 5 HOH 53  353 105 HOH HOH A . 
E 5 HOH 54  354 57  HOH HOH A . 
E 5 HOH 55  355 119 HOH HOH A . 
E 5 HOH 56  356 82  HOH HOH A . 
E 5 HOH 57  357 93  HOH HOH A . 
E 5 HOH 58  358 10  HOH HOH A . 
E 5 HOH 59  359 60  HOH HOH A . 
E 5 HOH 60  360 35  HOH HOH A . 
E 5 HOH 61  361 90  HOH HOH A . 
E 5 HOH 62  362 8   HOH HOH A . 
E 5 HOH 63  363 84  HOH HOH A . 
E 5 HOH 64  364 19  HOH HOH A . 
E 5 HOH 65  365 85  HOH HOH A . 
E 5 HOH 66  366 61  HOH HOH A . 
E 5 HOH 67  367 33  HOH HOH A . 
E 5 HOH 68  368 106 HOH HOH A . 
E 5 HOH 69  369 59  HOH HOH A . 
E 5 HOH 70  370 28  HOH HOH A . 
E 5 HOH 71  371 24  HOH HOH A . 
E 5 HOH 72  372 20  HOH HOH A . 
E 5 HOH 73  373 37  HOH HOH A . 
E 5 HOH 74  374 81  HOH HOH A . 
E 5 HOH 75  375 75  HOH HOH A . 
E 5 HOH 76  376 102 HOH HOH A . 
E 5 HOH 77  377 2   HOH HOH A . 
E 5 HOH 78  378 104 HOH HOH A . 
E 5 HOH 79  379 125 HOH HOH A . 
E 5 HOH 80  380 17  HOH HOH A . 
E 5 HOH 81  381 120 HOH HOH A . 
E 5 HOH 82  382 76  HOH HOH A . 
E 5 HOH 83  383 55  HOH HOH A . 
E 5 HOH 84  384 115 HOH HOH A . 
E 5 HOH 85  385 16  HOH HOH A . 
E 5 HOH 86  386 46  HOH HOH A . 
E 5 HOH 87  387 36  HOH HOH A . 
E 5 HOH 88  388 142 HOH HOH A . 
E 5 HOH 89  389 78  HOH HOH A . 
E 5 HOH 90  390 136 HOH HOH A . 
E 5 HOH 91  391 15  HOH HOH A . 
E 5 HOH 92  392 91  HOH HOH A . 
E 5 HOH 93  393 145 HOH HOH A . 
E 5 HOH 94  394 139 HOH HOH A . 
E 5 HOH 95  395 116 HOH HOH A . 
E 5 HOH 96  396 49  HOH HOH A . 
E 5 HOH 97  397 77  HOH HOH A . 
E 5 HOH 98  398 29  HOH HOH A . 
E 5 HOH 99  399 39  HOH HOH A . 
E 5 HOH 100 400 14  HOH HOH A . 
E 5 HOH 101 401 63  HOH HOH A . 
E 5 HOH 102 402 30  HOH HOH A . 
E 5 HOH 103 403 69  HOH HOH A . 
E 5 HOH 104 404 5   HOH HOH A . 
E 5 HOH 105 405 114 HOH HOH A . 
E 5 HOH 106 406 96  HOH HOH A . 
E 5 HOH 107 407 92  HOH HOH A . 
E 5 HOH 108 408 23  HOH HOH A . 
E 5 HOH 109 409 21  HOH HOH A . 
E 5 HOH 110 410 70  HOH HOH A . 
E 5 HOH 111 411 51  HOH HOH A . 
E 5 HOH 112 412 50  HOH HOH A . 
E 5 HOH 113 413 109 HOH HOH A . 
E 5 HOH 114 414 148 HOH HOH A . 
E 5 HOH 115 415 41  HOH HOH A . 
E 5 HOH 116 416 58  HOH HOH A . 
E 5 HOH 117 417 32  HOH HOH A . 
E 5 HOH 118 418 131 HOH HOH A . 
E 5 HOH 119 419 140 HOH HOH A . 
E 5 HOH 120 420 6   HOH HOH A . 
E 5 HOH 121 421 95  HOH HOH A . 
E 5 HOH 122 422 118 HOH HOH A . 
E 5 HOH 123 423 62  HOH HOH A . 
E 5 HOH 124 424 100 HOH HOH A . 
E 5 HOH 125 425 52  HOH HOH A . 
E 5 HOH 126 426 65  HOH HOH A . 
E 5 HOH 127 427 132 HOH HOH A . 
E 5 HOH 128 428 124 HOH HOH A . 
E 5 HOH 129 429 122 HOH HOH A . 
E 5 HOH 130 430 43  HOH HOH A . 
E 5 HOH 131 431 18  HOH HOH A . 
E 5 HOH 132 432 34  HOH HOH A . 
E 5 HOH 133 433 137 HOH HOH A . 
E 5 HOH 134 434 88  HOH HOH A . 
E 5 HOH 135 435 133 HOH HOH A . 
E 5 HOH 136 436 144 HOH HOH A . 
E 5 HOH 137 437 111 HOH HOH A . 
E 5 HOH 138 438 42  HOH HOH A . 
E 5 HOH 139 439 135 HOH HOH A . 
E 5 HOH 140 440 86  HOH HOH A . 
E 5 HOH 141 441 146 HOH HOH A . 
E 5 HOH 142 442 113 HOH HOH A . 
E 5 HOH 143 443 134 HOH HOH A . 
E 5 HOH 144 444 130 HOH HOH A . 
E 5 HOH 145 445 107 HOH HOH A . 
E 5 HOH 146 446 147 HOH HOH A . 
E 5 HOH 147 447 79  HOH HOH A . 
E 5 HOH 148 448 98  HOH HOH A . 
# 
_pdbx_struct_assembly.id                   1 
_pdbx_struct_assembly.details              software_defined_assembly 
_pdbx_struct_assembly.method_details       PISA 
_pdbx_struct_assembly.oligomeric_details   monomeric 
_pdbx_struct_assembly.oligomeric_count     1 
# 
_pdbx_struct_assembly_gen.assembly_id       1 
_pdbx_struct_assembly_gen.oper_expression   1 
_pdbx_struct_assembly_gen.asym_id_list      A,B,C,D,E 
# 
loop_
_pdbx_struct_assembly_prop.biol_id 
_pdbx_struct_assembly_prop.type 
_pdbx_struct_assembly_prop.value 
_pdbx_struct_assembly_prop.details 
1 'ABSA (A^2)' 910  ? 
1 MORE         -19  ? 
1 'SSA (A^2)'  8020 ? 
# 
_pdbx_struct_oper_list.id                   1 
_pdbx_struct_oper_list.type                 'identity operation' 
_pdbx_struct_oper_list.name                 1_555 
_pdbx_struct_oper_list.symmetry_operation   x,y,z 
_pdbx_struct_oper_list.matrix[1][1]         1.0000000000 
_pdbx_struct_oper_list.matrix[1][2]         0.0000000000 
_pdbx_struct_oper_list.matrix[1][3]         0.0000000000 
_pdbx_struct_oper_list.vector[1]            0.0000000000 
_pdbx_struct_oper_list.matrix[2][1]         0.0000000000 
_pdbx_struct_oper_list.matrix[2][2]         1.0000000000 
_pdbx_struct_oper_list.matrix[2][3]         0.0000000000 
_pdbx_struct_oper_list.vector[2]            0.0000000000 
_pdbx_struct_oper_list.matrix[3][1]         0.0000000000 
_pdbx_struct_oper_list.matrix[3][2]         0.0000000000 
_pdbx_struct_oper_list.matrix[3][3]         1.0000000000 
_pdbx_struct_oper_list.vector[3]            0.0000000000 
# 
loop_
_pdbx_struct_conn_angle.id 
_pdbx_struct_conn_angle.ptnr1_label_atom_id 
_pdbx_struct_conn_angle.ptnr1_label_alt_id 
_pdbx_struct_conn_angle.ptnr1_label_asym_id 
_pdbx_struct_conn_angle.ptnr1_label_comp_id 
_pdbx_struct_conn_angle.ptnr1_label_seq_id 
_pdbx_struct_conn_angle.ptnr1_auth_atom_id 
_pdbx_struct_conn_angle.ptnr1_auth_asym_id 
_pdbx_struct_conn_angle.ptnr1_auth_comp_id 
_pdbx_struct_conn_angle.ptnr1_auth_seq_id 
_pdbx_struct_conn_angle.ptnr1_PDB_ins_code 
_pdbx_struct_conn_angle.ptnr1_symmetry 
_pdbx_struct_conn_angle.ptnr2_label_atom_id 
_pdbx_struct_conn_angle.ptnr2_label_alt_id 
_pdbx_struct_conn_angle.ptnr2_label_asym_id 
_pdbx_struct_conn_angle.ptnr2_label_comp_id 
_pdbx_struct_conn_angle.ptnr2_label_seq_id 
_pdbx_struct_conn_angle.ptnr2_auth_atom_id 
_pdbx_struct_conn_angle.ptnr2_auth_asym_id 
_pdbx_struct_conn_angle.ptnr2_auth_comp_id 
_pdbx_struct_conn_angle.ptnr2_auth_seq_id 
_pdbx_struct_conn_angle.ptnr2_PDB_ins_code 
_pdbx_struct_conn_angle.ptnr2_symmetry 
_pdbx_struct_conn_angle.ptnr3_label_atom_id 
_pdbx_struct_conn_angle.ptnr3_label_alt_id 
_pdbx_struct_conn_angle.ptnr3_label_asym_id 
_pdbx_struct_conn_angle.ptnr3_label_comp_id 
_pdbx_struct_conn_angle.ptnr3_label_seq_id 
_pdbx_struct_conn_angle.ptnr3_auth_atom_id 
_pdbx_struct_conn_angle.ptnr3_auth_asym_id 
_pdbx_struct_conn_angle.ptnr3_auth_comp_id 
_pdbx_struct_conn_angle.ptnr3_auth_seq_id 
_pdbx_struct_conn_angle.ptnr3_PDB_ins_code 
_pdbx_struct_conn_angle.ptnr3_symmetry 
_pdbx_struct_conn_angle.value 
_pdbx_struct_conn_angle.value_esd 
1  OG  ? A SER 18 ? A SER 17  ? 1_555 MG ? C MG . ? A MG 202 ? 1_555 O3B ? B GDP . ? A GDP 201 ? 1_555 91.9  ? 
2  OG  ? A SER 18 ? A SER 17  ? 1_555 MG ? C MG . ? A MG 202 ? 1_555 O   ? E HOH . ? A HOH 308 ? 1_555 177.6 ? 
3  O3B ? B GDP .  ? A GDP 201 ? 1_555 MG ? C MG . ? A MG 202 ? 1_555 O   ? E HOH . ? A HOH 308 ? 1_555 88.5  ? 
4  OG  ? A SER 18 ? A SER 17  ? 1_555 MG ? C MG . ? A MG 202 ? 1_555 O   ? E HOH . ? A HOH 313 ? 1_555 90.1  ? 
5  O3B ? B GDP .  ? A GDP 201 ? 1_555 MG ? C MG . ? A MG 202 ? 1_555 O   ? E HOH . ? A HOH 313 ? 1_555 87.3  ? 
6  O   ? E HOH .  ? A HOH 308 ? 1_555 MG ? C MG . ? A MG 202 ? 1_555 O   ? E HOH . ? A HOH 313 ? 1_555 92.3  ? 
7  OG  ? A SER 18 ? A SER 17  ? 1_555 MG ? C MG . ? A MG 202 ? 1_555 O   ? E HOH . ? A HOH 318 ? 1_555 85.0  ? 
8  O3B ? B GDP .  ? A GDP 201 ? 1_555 MG ? C MG . ? A MG 202 ? 1_555 O   ? E HOH . ? A HOH 318 ? 1_555 94.0  ? 
9  O   ? E HOH .  ? A HOH 308 ? 1_555 MG ? C MG . ? A MG 202 ? 1_555 O   ? E HOH . ? A HOH 318 ? 1_555 92.7  ? 
10 O   ? E HOH .  ? A HOH 313 ? 1_555 MG ? C MG . ? A MG 202 ? 1_555 O   ? E HOH . ? A HOH 318 ? 1_555 174.9 ? 
11 OG  ? A SER 18 ? A SER 17  ? 1_555 MG ? C MG . ? A MG 202 ? 1_555 O   ? E HOH . ? A HOH 361 ? 1_555 91.1  ? 
12 O3B ? B GDP .  ? A GDP 201 ? 1_555 MG ? C MG . ? A MG 202 ? 1_555 O   ? E HOH . ? A HOH 361 ? 1_555 172.2 ? 
13 O   ? E HOH .  ? A HOH 308 ? 1_555 MG ? C MG . ? A MG 202 ? 1_555 O   ? E HOH . ? A HOH 361 ? 1_555 88.7  ? 
14 O   ? E HOH .  ? A HOH 313 ? 1_555 MG ? C MG . ? A MG 202 ? 1_555 O   ? E HOH . ? A HOH 361 ? 1_555 85.6  ? 
15 O   ? E HOH .  ? A HOH 318 ? 1_555 MG ? C MG . ? A MG 202 ? 1_555 O   ? E HOH . ? A HOH 361 ? 1_555 93.4  ? 
# 
_pdbx_audit_revision_history.ordinal             1 
_pdbx_audit_revision_history.data_content_type   'Structure model' 
_pdbx_audit_revision_history.major_revision      1 
_pdbx_audit_revision_history.minor_revision      0 
_pdbx_audit_revision_history.revision_date       2023-11-08 
# 
_pdbx_audit_revision_details.ordinal             1 
_pdbx_audit_revision_details.revision_ordinal    1 
_pdbx_audit_revision_details.data_content_type   'Structure model' 
_pdbx_audit_revision_details.provider            repository 
_pdbx_audit_revision_details.type                'Initial release' 
_pdbx_audit_revision_details.description         ? 
_pdbx_audit_revision_details.details             ? 
# 
loop_
_software.citation_id 
_software.classification 
_software.compiler_name 
_software.compiler_version 
_software.contact_author 
_software.contact_author_email 
_software.date 
_software.description 
_software.dependencies 
_software.hardware 
_software.language 
_software.location 
_software.mods 
_software.name 
_software.os 
_software.os_version 
_software.type 
_software.version 
_software.pdbx_ordinal 
? refinement       ? ? ? ? ? ? ? ? ? ? ? BUSTER   ? ? ? 2.11.8 1 
? 'data reduction' ? ? ? ? ? ? ? ? ? ? ? autoPROC ? ? ? .      2 
? 'data scaling'   ? ? ? ? ? ? ? ? ? ? ? autoPROC ? ? ? .      3 
? phasing          ? ? ? ? ? ? ? ? ? ? ? BUSTER   ? ? ? .      4 
# 
_pdbx_entry_details.entry_id                 8TXG 
_pdbx_entry_details.has_ligand_of_interest   Y 
_pdbx_entry_details.compound_details         ? 
_pdbx_entry_details.source_details           ? 
_pdbx_entry_details.nonpolymer_details       ? 
_pdbx_entry_details.sequence_details         ? 
# 
_pdbx_validate_close_contact.id               1 
_pdbx_validate_close_contact.PDB_model_num    1 
_pdbx_validate_close_contact.auth_atom_id_1   O 
_pdbx_validate_close_contact.auth_asym_id_1   A 
_pdbx_validate_close_contact.auth_comp_id_1   HOH 
_pdbx_validate_close_contact.auth_seq_id_1    353 
_pdbx_validate_close_contact.PDB_ins_code_1   ? 
_pdbx_validate_close_contact.label_alt_id_1   ? 
_pdbx_validate_close_contact.auth_atom_id_2   O 
_pdbx_validate_close_contact.auth_asym_id_2   A 
_pdbx_validate_close_contact.auth_comp_id_2   HOH 
_pdbx_validate_close_contact.auth_seq_id_2    445 
_pdbx_validate_close_contact.PDB_ins_code_2   ? 
_pdbx_validate_close_contact.label_alt_id_2   ? 
_pdbx_validate_close_contact.dist             2.15 
# 
loop_
_pdbx_validate_torsion.id 
_pdbx_validate_torsion.PDB_model_num 
_pdbx_validate_torsion.auth_comp_id 
_pdbx_validate_torsion.auth_asym_id 
_pdbx_validate_torsion.auth_seq_id 
_pdbx_validate_torsion.PDB_ins_code 
_pdbx_validate_torsion.label_alt_id 
_pdbx_validate_torsion.phi 
_pdbx_validate_torsion.psi 
1 1 ASP A 33  ? ? -32.98 108.81 
2 1 LYS A 117 ? ? 75.23  34.74  
3 1 SER A 122 ? ? -91.17 42.89  
4 1 ARG A 149 ? ? 88.01  -7.24  
# 
loop_
_chem_comp_atom.comp_id 
_chem_comp_atom.atom_id 
_chem_comp_atom.type_symbol 
_chem_comp_atom.pdbx_aromatic_flag 
_chem_comp_atom.pdbx_stereo_config 
_chem_comp_atom.pdbx_ordinal 
ALA N      N  N N 1   
ALA CA     C  N S 2   
ALA C      C  N N 3   
ALA O      O  N N 4   
ALA CB     C  N N 5   
ALA OXT    O  N N 6   
ALA H      H  N N 7   
ALA H2     H  N N 8   
ALA HA     H  N N 9   
ALA HB1    H  N N 10  
ALA HB2    H  N N 11  
ALA HB3    H  N N 12  
ALA HXT    H  N N 13  
ARG N      N  N N 14  
ARG CA     C  N S 15  
ARG C      C  N N 16  
ARG O      O  N N 17  
ARG CB     C  N N 18  
ARG CG     C  N N 19  
ARG CD     C  N N 20  
ARG NE     N  N N 21  
ARG CZ     C  N N 22  
ARG NH1    N  N N 23  
ARG NH2    N  N N 24  
ARG OXT    O  N N 25  
ARG H      H  N N 26  
ARG H2     H  N N 27  
ARG HA     H  N N 28  
ARG HB2    H  N N 29  
ARG HB3    H  N N 30  
ARG HG2    H  N N 31  
ARG HG3    H  N N 32  
ARG HD2    H  N N 33  
ARG HD3    H  N N 34  
ARG HE     H  N N 35  
ARG HH11   H  N N 36  
ARG HH12   H  N N 37  
ARG HH21   H  N N 38  
ARG HH22   H  N N 39  
ARG HXT    H  N N 40  
ASN N      N  N N 41  
ASN CA     C  N S 42  
ASN C      C  N N 43  
ASN O      O  N N 44  
ASN CB     C  N N 45  
ASN CG     C  N N 46  
ASN OD1    O  N N 47  
ASN ND2    N  N N 48  
ASN OXT    O  N N 49  
ASN H      H  N N 50  
ASN H2     H  N N 51  
ASN HA     H  N N 52  
ASN HB2    H  N N 53  
ASN HB3    H  N N 54  
ASN HD21   H  N N 55  
ASN HD22   H  N N 56  
ASN HXT    H  N N 57  
ASP N      N  N N 58  
ASP CA     C  N S 59  
ASP C      C  N N 60  
ASP O      O  N N 61  
ASP CB     C  N N 62  
ASP CG     C  N N 63  
ASP OD1    O  N N 64  
ASP OD2    O  N N 65  
ASP OXT    O  N N 66  
ASP H      H  N N 67  
ASP H2     H  N N 68  
ASP HA     H  N N 69  
ASP HB2    H  N N 70  
ASP HB3    H  N N 71  
ASP HD2    H  N N 72  
ASP HXT    H  N N 73  
CYS N      N  N N 74  
CYS CA     C  N R 75  
CYS C      C  N N 76  
CYS O      O  N N 77  
CYS CB     C  N N 78  
CYS SG     S  N N 79  
CYS OXT    O  N N 80  
CYS H      H  N N 81  
CYS H2     H  N N 82  
CYS HA     H  N N 83  
CYS HB2    H  N N 84  
CYS HB3    H  N N 85  
CYS HG     H  N N 86  
CYS HXT    H  N N 87  
GDP PB     P  N N 88  
GDP O1B    O  N N 89  
GDP O2B    O  N N 90  
GDP O3B    O  N N 91  
GDP O3A    O  N N 92  
GDP PA     P  N N 93  
GDP O1A    O  N N 94  
GDP O2A    O  N N 95  
GDP "O5'"  O  N N 96  
GDP "C5'"  C  N N 97  
GDP "C4'"  C  N R 98  
GDP "O4'"  O  N N 99  
GDP "C3'"  C  N S 100 
GDP "O3'"  O  N N 101 
GDP "C2'"  C  N R 102 
GDP "O2'"  O  N N 103 
GDP "C1'"  C  N R 104 
GDP N9     N  Y N 105 
GDP C8     C  Y N 106 
GDP N7     N  Y N 107 
GDP C5     C  Y N 108 
GDP C6     C  N N 109 
GDP O6     O  N N 110 
GDP N1     N  N N 111 
GDP C2     C  N N 112 
GDP N2     N  N N 113 
GDP N3     N  N N 114 
GDP C4     C  Y N 115 
GDP HOB2   H  N N 116 
GDP HOB3   H  N N 117 
GDP HOA2   H  N N 118 
GDP "H5'"  H  N N 119 
GDP "H5''" H  N N 120 
GDP "H4'"  H  N N 121 
GDP "H3'"  H  N N 122 
GDP "HO3'" H  N N 123 
GDP "H2'"  H  N N 124 
GDP "HO2'" H  N N 125 
GDP "H1'"  H  N N 126 
GDP H8     H  N N 127 
GDP HN1    H  N N 128 
GDP HN21   H  N N 129 
GDP HN22   H  N N 130 
GLN N      N  N N 131 
GLN CA     C  N S 132 
GLN C      C  N N 133 
GLN O      O  N N 134 
GLN CB     C  N N 135 
GLN CG     C  N N 136 
GLN CD     C  N N 137 
GLN OE1    O  N N 138 
GLN NE2    N  N N 139 
GLN OXT    O  N N 140 
GLN H      H  N N 141 
GLN H2     H  N N 142 
GLN HA     H  N N 143 
GLN HB2    H  N N 144 
GLN HB3    H  N N 145 
GLN HG2    H  N N 146 
GLN HG3    H  N N 147 
GLN HE21   H  N N 148 
GLN HE22   H  N N 149 
GLN HXT    H  N N 150 
GLU N      N  N N 151 
GLU CA     C  N S 152 
GLU C      C  N N 153 
GLU O      O  N N 154 
GLU CB     C  N N 155 
GLU CG     C  N N 156 
GLU CD     C  N N 157 
GLU OE1    O  N N 158 
GLU OE2    O  N N 159 
GLU OXT    O  N N 160 
GLU H      H  N N 161 
GLU H2     H  N N 162 
GLU HA     H  N N 163 
GLU HB2    H  N N 164 
GLU HB3    H  N N 165 
GLU HG2    H  N N 166 
GLU HG3    H  N N 167 
GLU HE2    H  N N 168 
GLU HXT    H  N N 169 
GLY N      N  N N 170 
GLY CA     C  N N 171 
GLY C      C  N N 172 
GLY O      O  N N 173 
GLY OXT    O  N N 174 
GLY H      H  N N 175 
GLY H2     H  N N 176 
GLY HA2    H  N N 177 
GLY HA3    H  N N 178 
GLY HXT    H  N N 179 
HIS N      N  N N 180 
HIS CA     C  N S 181 
HIS C      C  N N 182 
HIS O      O  N N 183 
HIS CB     C  N N 184 
HIS CG     C  Y N 185 
HIS ND1    N  Y N 186 
HIS CD2    C  Y N 187 
HIS CE1    C  Y N 188 
HIS NE2    N  Y N 189 
HIS OXT    O  N N 190 
HIS H      H  N N 191 
HIS H2     H  N N 192 
HIS HA     H  N N 193 
HIS HB2    H  N N 194 
HIS HB3    H  N N 195 
HIS HD1    H  N N 196 
HIS HD2    H  N N 197 
HIS HE1    H  N N 198 
HIS HE2    H  N N 199 
HIS HXT    H  N N 200 
HOH O      O  N N 201 
HOH H1     H  N N 202 
HOH H2     H  N N 203 
ILE N      N  N N 204 
ILE CA     C  N S 205 
ILE C      C  N N 206 
ILE O      O  N N 207 
ILE CB     C  N S 208 
ILE CG1    C  N N 209 
ILE CG2    C  N N 210 
ILE CD1    C  N N 211 
ILE OXT    O  N N 212 
ILE H      H  N N 213 
ILE H2     H  N N 214 
ILE HA     H  N N 215 
ILE HB     H  N N 216 
ILE HG12   H  N N 217 
ILE HG13   H  N N 218 
ILE HG21   H  N N 219 
ILE HG22   H  N N 220 
ILE HG23   H  N N 221 
ILE HD11   H  N N 222 
ILE HD12   H  N N 223 
ILE HD13   H  N N 224 
ILE HXT    H  N N 225 
LEU N      N  N N 226 
LEU CA     C  N S 227 
LEU C      C  N N 228 
LEU O      O  N N 229 
LEU CB     C  N N 230 
LEU CG     C  N N 231 
LEU CD1    C  N N 232 
LEU CD2    C  N N 233 
LEU OXT    O  N N 234 
LEU H      H  N N 235 
LEU H2     H  N N 236 
LEU HA     H  N N 237 
LEU HB2    H  N N 238 
LEU HB3    H  N N 239 
LEU HG     H  N N 240 
LEU HD11   H  N N 241 
LEU HD12   H  N N 242 
LEU HD13   H  N N 243 
LEU HD21   H  N N 244 
LEU HD22   H  N N 245 
LEU HD23   H  N N 246 
LEU HXT    H  N N 247 
LYS N      N  N N 248 
LYS CA     C  N S 249 
LYS C      C  N N 250 
LYS O      O  N N 251 
LYS CB     C  N N 252 
LYS CG     C  N N 253 
LYS CD     C  N N 254 
LYS CE     C  N N 255 
LYS NZ     N  N N 256 
LYS OXT    O  N N 257 
LYS H      H  N N 258 
LYS H2     H  N N 259 
LYS HA     H  N N 260 
LYS HB2    H  N N 261 
LYS HB3    H  N N 262 
LYS HG2    H  N N 263 
LYS HG3    H  N N 264 
LYS HD2    H  N N 265 
LYS HD3    H  N N 266 
LYS HE2    H  N N 267 
LYS HE3    H  N N 268 
LYS HZ1    H  N N 269 
LYS HZ2    H  N N 270 
LYS HZ3    H  N N 271 
LYS HXT    H  N N 272 
MET N      N  N N 273 
MET CA     C  N S 274 
MET C      C  N N 275 
MET O      O  N N 276 
MET CB     C  N N 277 
MET CG     C  N N 278 
MET SD     S  N N 279 
MET CE     C  N N 280 
MET OXT    O  N N 281 
MET H      H  N N 282 
MET H2     H  N N 283 
MET HA     H  N N 284 
MET HB2    H  N N 285 
MET HB3    H  N N 286 
MET HG2    H  N N 287 
MET HG3    H  N N 288 
MET HE1    H  N N 289 
MET HE2    H  N N 290 
MET HE3    H  N N 291 
MET HXT    H  N N 292 
MG  MG     MG N N 293 
PHE N      N  N N 294 
PHE CA     C  N S 295 
PHE C      C  N N 296 
PHE O      O  N N 297 
PHE CB     C  N N 298 
PHE CG     C  Y N 299 
PHE CD1    C  Y N 300 
PHE CD2    C  Y N 301 
PHE CE1    C  Y N 302 
PHE CE2    C  Y N 303 
PHE CZ     C  Y N 304 
PHE OXT    O  N N 305 
PHE H      H  N N 306 
PHE H2     H  N N 307 
PHE HA     H  N N 308 
PHE HB2    H  N N 309 
PHE HB3    H  N N 310 
PHE HD1    H  N N 311 
PHE HD2    H  N N 312 
PHE HE1    H  N N 313 
PHE HE2    H  N N 314 
PHE HZ     H  N N 315 
PHE HXT    H  N N 316 
PRO N      N  N N 317 
PRO CA     C  N S 318 
PRO C      C  N N 319 
PRO O      O  N N 320 
PRO CB     C  N N 321 
PRO CG     C  N N 322 
PRO CD     C  N N 323 
PRO OXT    O  N N 324 
PRO H      H  N N 325 
PRO HA     H  N N 326 
PRO HB2    H  N N 327 
PRO HB3    H  N N 328 
PRO HG2    H  N N 329 
PRO HG3    H  N N 330 
PRO HD2    H  N N 331 
PRO HD3    H  N N 332 
PRO HXT    H  N N 333 
SER N      N  N N 334 
SER CA     C  N S 335 
SER C      C  N N 336 
SER O      O  N N 337 
SER CB     C  N N 338 
SER OG     O  N N 339 
SER OXT    O  N N 340 
SER H      H  N N 341 
SER H2     H  N N 342 
SER HA     H  N N 343 
SER HB2    H  N N 344 
SER HB3    H  N N 345 
SER HG     H  N N 346 
SER HXT    H  N N 347 
THR N      N  N N 348 
THR CA     C  N S 349 
THR C      C  N N 350 
THR O      O  N N 351 
THR CB     C  N R 352 
THR OG1    O  N N 353 
THR CG2    C  N N 354 
THR OXT    O  N N 355 
THR H      H  N N 356 
THR H2     H  N N 357 
THR HA     H  N N 358 
THR HB     H  N N 359 
THR HG1    H  N N 360 
THR HG21   H  N N 361 
THR HG22   H  N N 362 
THR HG23   H  N N 363 
THR HXT    H  N N 364 
TYR N      N  N N 365 
TYR CA     C  N S 366 
TYR C      C  N N 367 
TYR O      O  N N 368 
TYR CB     C  N N 369 
TYR CG     C  Y N 370 
TYR CD1    C  Y N 371 
TYR CD2    C  Y N 372 
TYR CE1    C  Y N 373 
TYR CE2    C  Y N 374 
TYR CZ     C  Y N 375 
TYR OH     O  N N 376 
TYR OXT    O  N N 377 
TYR H      H  N N 378 
TYR H2     H  N N 379 
TYR HA     H  N N 380 
TYR HB2    H  N N 381 
TYR HB3    H  N N 382 
TYR HD1    H  N N 383 
TYR HD2    H  N N 384 
TYR HE1    H  N N 385 
TYR HE2    H  N N 386 
TYR HH     H  N N 387 
TYR HXT    H  N N 388 
VAL N      N  N N 389 
VAL CA     C  N S 390 
VAL C      C  N N 391 
VAL O      O  N N 392 
VAL CB     C  N N 393 
VAL CG1    C  N N 394 
VAL CG2    C  N N 395 
VAL OXT    O  N N 396 
VAL H      H  N N 397 
VAL H2     H  N N 398 
VAL HA     H  N N 399 
VAL HB     H  N N 400 
VAL HG11   H  N N 401 
VAL HG12   H  N N 402 
VAL HG13   H  N N 403 
VAL HG21   H  N N 404 
VAL HG22   H  N N 405 
VAL HG23   H  N N 406 
VAL HXT    H  N N 407 
VQT C6     C  Y N 408 
VQT C7     C  Y N 409 
VQT C14    C  Y N 410 
VQT C15    C  Y N 411 
VQT C5     C  Y N 412 
VQT C12    C  Y N 413 
VQT C20    C  Y N 414 
VQT C4     C  Y N 415 
VQT C8     C  Y N 416 
VQT C21    C  Y N 417 
VQT C9     C  Y N 418 
VQT C13    C  Y N 419 
VQT C16    C  Y N 420 
VQT C18    C  Y N 421 
VQT C2     C  Y N 422 
VQT C27    C  N N 423 
VQT C37    C  N N 424 
VQT C38    C  N N 425 
VQT C26    C  N N 426 
VQT C33    C  N N 427 
VQT C35    C  N N 428 
VQT C40    C  N N 429 
VQT C28    C  N N 430 
VQT C30    C  N N 431 
VQT C36    C  N S 432 
VQT C39    C  N R 433 
VQT C31    C  N R 434 
VQT C25    C  N S 435 
VQT C24    C  N N 436 
VQT N19    N  Y N 437 
VQT N3     N  Y N 438 
VQT N17    N  Y N 439 
VQT N34    N  N N 440 
VQT N1     N  N N 441 
VQT N41    N  N N 442 
VQT N29    N  N N 443 
VQT O23    O  N N 444 
VQT F11    F  N N 445 
VQT F22    F  N N 446 
VQT F32    F  N N 447 
VQT S10    S  Y N 448 
VQT CL42   CL N N 449 
VQT H1     H  N N 450 
VQT H2     H  N N 451 
VQT H3     H  N N 452 
VQT H4     H  N N 453 
VQT H5     H  N N 454 
VQT H6     H  N N 455 
VQT H7     H  N N 456 
VQT H8     H  N N 457 
VQT H9     H  N N 458 
VQT H10    H  N N 459 
VQT H11    H  N N 460 
VQT H12    H  N N 461 
VQT H13    H  N N 462 
VQT H14    H  N N 463 
VQT H15    H  N N 464 
VQT H16    H  N N 465 
VQT H17    H  N N 466 
VQT H18    H  N N 467 
VQT H19    H  N N 468 
VQT H20    H  N N 469 
VQT H21    H  N N 470 
VQT H22    H  N N 471 
VQT H23    H  N N 472 
VQT H24    H  N N 473 
VQT H25    H  N N 474 
VQT H26    H  N N 475 
VQT H27    H  N N 476 
VQT H28    H  N N 477 
VQT H29    H  N N 478 
# 
loop_
_chem_comp_bond.comp_id 
_chem_comp_bond.atom_id_1 
_chem_comp_bond.atom_id_2 
_chem_comp_bond.value_order 
_chem_comp_bond.pdbx_aromatic_flag 
_chem_comp_bond.pdbx_stereo_config 
_chem_comp_bond.pdbx_ordinal 
ALA N     CA     sing N N 1   
ALA N     H      sing N N 2   
ALA N     H2     sing N N 3   
ALA CA    C      sing N N 4   
ALA CA    CB     sing N N 5   
ALA CA    HA     sing N N 6   
ALA C     O      doub N N 7   
ALA C     OXT    sing N N 8   
ALA CB    HB1    sing N N 9   
ALA CB    HB2    sing N N 10  
ALA CB    HB3    sing N N 11  
ALA OXT   HXT    sing N N 12  
ARG N     CA     sing N N 13  
ARG N     H      sing N N 14  
ARG N     H2     sing N N 15  
ARG CA    C      sing N N 16  
ARG CA    CB     sing N N 17  
ARG CA    HA     sing N N 18  
ARG C     O      doub N N 19  
ARG C     OXT    sing N N 20  
ARG CB    CG     sing N N 21  
ARG CB    HB2    sing N N 22  
ARG CB    HB3    sing N N 23  
ARG CG    CD     sing N N 24  
ARG CG    HG2    sing N N 25  
ARG CG    HG3    sing N N 26  
ARG CD    NE     sing N N 27  
ARG CD    HD2    sing N N 28  
ARG CD    HD3    sing N N 29  
ARG NE    CZ     sing N N 30  
ARG NE    HE     sing N N 31  
ARG CZ    NH1    sing N N 32  
ARG CZ    NH2    doub N N 33  
ARG NH1   HH11   sing N N 34  
ARG NH1   HH12   sing N N 35  
ARG NH2   HH21   sing N N 36  
ARG NH2   HH22   sing N N 37  
ARG OXT   HXT    sing N N 38  
ASN N     CA     sing N N 39  
ASN N     H      sing N N 40  
ASN N     H2     sing N N 41  
ASN CA    C      sing N N 42  
ASN CA    CB     sing N N 43  
ASN CA    HA     sing N N 44  
ASN C     O      doub N N 45  
ASN C     OXT    sing N N 46  
ASN CB    CG     sing N N 47  
ASN CB    HB2    sing N N 48  
ASN CB    HB3    sing N N 49  
ASN CG    OD1    doub N N 50  
ASN CG    ND2    sing N N 51  
ASN ND2   HD21   sing N N 52  
ASN ND2   HD22   sing N N 53  
ASN OXT   HXT    sing N N 54  
ASP N     CA     sing N N 55  
ASP N     H      sing N N 56  
ASP N     H2     sing N N 57  
ASP CA    C      sing N N 58  
ASP CA    CB     sing N N 59  
ASP CA    HA     sing N N 60  
ASP C     O      doub N N 61  
ASP C     OXT    sing N N 62  
ASP CB    CG     sing N N 63  
ASP CB    HB2    sing N N 64  
ASP CB    HB3    sing N N 65  
ASP CG    OD1    doub N N 66  
ASP CG    OD2    sing N N 67  
ASP OD2   HD2    sing N N 68  
ASP OXT   HXT    sing N N 69  
CYS N     CA     sing N N 70  
CYS N     H      sing N N 71  
CYS N     H2     sing N N 72  
CYS CA    C      sing N N 73  
CYS CA    CB     sing N N 74  
CYS CA    HA     sing N N 75  
CYS C     O      doub N N 76  
CYS C     OXT    sing N N 77  
CYS CB    SG     sing N N 78  
CYS CB    HB2    sing N N 79  
CYS CB    HB3    sing N N 80  
CYS SG    HG     sing N N 81  
CYS OXT   HXT    sing N N 82  
GDP PB    O1B    doub N N 83  
GDP PB    O2B    sing N N 84  
GDP PB    O3B    sing N N 85  
GDP PB    O3A    sing N N 86  
GDP O2B   HOB2   sing N N 87  
GDP O3B   HOB3   sing N N 88  
GDP O3A   PA     sing N N 89  
GDP PA    O1A    doub N N 90  
GDP PA    O2A    sing N N 91  
GDP PA    "O5'"  sing N N 92  
GDP O2A   HOA2   sing N N 93  
GDP "O5'" "C5'"  sing N N 94  
GDP "C5'" "C4'"  sing N N 95  
GDP "C5'" "H5'"  sing N N 96  
GDP "C5'" "H5''" sing N N 97  
GDP "C4'" "O4'"  sing N N 98  
GDP "C4'" "C3'"  sing N N 99  
GDP "C4'" "H4'"  sing N N 100 
GDP "O4'" "C1'"  sing N N 101 
GDP "C3'" "O3'"  sing N N 102 
GDP "C3'" "C2'"  sing N N 103 
GDP "C3'" "H3'"  sing N N 104 
GDP "O3'" "HO3'" sing N N 105 
GDP "C2'" "O2'"  sing N N 106 
GDP "C2'" "C1'"  sing N N 107 
GDP "C2'" "H2'"  sing N N 108 
GDP "O2'" "HO2'" sing N N 109 
GDP "C1'" N9     sing N N 110 
GDP "C1'" "H1'"  sing N N 111 
GDP N9    C8     sing Y N 112 
GDP N9    C4     sing Y N 113 
GDP C8    N7     doub Y N 114 
GDP C8    H8     sing N N 115 
GDP N7    C5     sing Y N 116 
GDP C5    C6     sing N N 117 
GDP C5    C4     doub Y N 118 
GDP C6    O6     doub N N 119 
GDP C6    N1     sing N N 120 
GDP N1    C2     sing N N 121 
GDP N1    HN1    sing N N 122 
GDP C2    N2     sing N N 123 
GDP C2    N3     doub N N 124 
GDP N2    HN21   sing N N 125 
GDP N2    HN22   sing N N 126 
GDP N3    C4     sing N N 127 
GLN N     CA     sing N N 128 
GLN N     H      sing N N 129 
GLN N     H2     sing N N 130 
GLN CA    C      sing N N 131 
GLN CA    CB     sing N N 132 
GLN CA    HA     sing N N 133 
GLN C     O      doub N N 134 
GLN C     OXT    sing N N 135 
GLN CB    CG     sing N N 136 
GLN CB    HB2    sing N N 137 
GLN CB    HB3    sing N N 138 
GLN CG    CD     sing N N 139 
GLN CG    HG2    sing N N 140 
GLN CG    HG3    sing N N 141 
GLN CD    OE1    doub N N 142 
GLN CD    NE2    sing N N 143 
GLN NE2   HE21   sing N N 144 
GLN NE2   HE22   sing N N 145 
GLN OXT   HXT    sing N N 146 
GLU N     CA     sing N N 147 
GLU N     H      sing N N 148 
GLU N     H2     sing N N 149 
GLU CA    C      sing N N 150 
GLU CA    CB     sing N N 151 
GLU CA    HA     sing N N 152 
GLU C     O      doub N N 153 
GLU C     OXT    sing N N 154 
GLU CB    CG     sing N N 155 
GLU CB    HB2    sing N N 156 
GLU CB    HB3    sing N N 157 
GLU CG    CD     sing N N 158 
GLU CG    HG2    sing N N 159 
GLU CG    HG3    sing N N 160 
GLU CD    OE1    doub N N 161 
GLU CD    OE2    sing N N 162 
GLU OE2   HE2    sing N N 163 
GLU OXT   HXT    sing N N 164 
GLY N     CA     sing N N 165 
GLY N     H      sing N N 166 
GLY N     H2     sing N N 167 
GLY CA    C      sing N N 168 
GLY CA    HA2    sing N N 169 
GLY CA    HA3    sing N N 170 
GLY C     O      doub N N 171 
GLY C     OXT    sing N N 172 
GLY OXT   HXT    sing N N 173 
HIS N     CA     sing N N 174 
HIS N     H      sing N N 175 
HIS N     H2     sing N N 176 
HIS CA    C      sing N N 177 
HIS CA    CB     sing N N 178 
HIS CA    HA     sing N N 179 
HIS C     O      doub N N 180 
HIS C     OXT    sing N N 181 
HIS CB    CG     sing N N 182 
HIS CB    HB2    sing N N 183 
HIS CB    HB3    sing N N 184 
HIS CG    ND1    sing Y N 185 
HIS CG    CD2    doub Y N 186 
HIS ND1   CE1    doub Y N 187 
HIS ND1   HD1    sing N N 188 
HIS CD2   NE2    sing Y N 189 
HIS CD2   HD2    sing N N 190 
HIS CE1   NE2    sing Y N 191 
HIS CE1   HE1    sing N N 192 
HIS NE2   HE2    sing N N 193 
HIS OXT   HXT    sing N N 194 
HOH O     H1     sing N N 195 
HOH O     H2     sing N N 196 
ILE N     CA     sing N N 197 
ILE N     H      sing N N 198 
ILE N     H2     sing N N 199 
ILE CA    C      sing N N 200 
ILE CA    CB     sing N N 201 
ILE CA    HA     sing N N 202 
ILE C     O      doub N N 203 
ILE C     OXT    sing N N 204 
ILE CB    CG1    sing N N 205 
ILE CB    CG2    sing N N 206 
ILE CB    HB     sing N N 207 
ILE CG1   CD1    sing N N 208 
ILE CG1   HG12   sing N N 209 
ILE CG1   HG13   sing N N 210 
ILE CG2   HG21   sing N N 211 
ILE CG2   HG22   sing N N 212 
ILE CG2   HG23   sing N N 213 
ILE CD1   HD11   sing N N 214 
ILE CD1   HD12   sing N N 215 
ILE CD1   HD13   sing N N 216 
ILE OXT   HXT    sing N N 217 
LEU N     CA     sing N N 218 
LEU N     H      sing N N 219 
LEU N     H2     sing N N 220 
LEU CA    C      sing N N 221 
LEU CA    CB     sing N N 222 
LEU CA    HA     sing N N 223 
LEU C     O      doub N N 224 
LEU C     OXT    sing N N 225 
LEU CB    CG     sing N N 226 
LEU CB    HB2    sing N N 227 
LEU CB    HB3    sing N N 228 
LEU CG    CD1    sing N N 229 
LEU CG    CD2    sing N N 230 
LEU CG    HG     sing N N 231 
LEU CD1   HD11   sing N N 232 
LEU CD1   HD12   sing N N 233 
LEU CD1   HD13   sing N N 234 
LEU CD2   HD21   sing N N 235 
LEU CD2   HD22   sing N N 236 
LEU CD2   HD23   sing N N 237 
LEU OXT   HXT    sing N N 238 
LYS N     CA     sing N N 239 
LYS N     H      sing N N 240 
LYS N     H2     sing N N 241 
LYS CA    C      sing N N 242 
LYS CA    CB     sing N N 243 
LYS CA    HA     sing N N 244 
LYS C     O      doub N N 245 
LYS C     OXT    sing N N 246 
LYS CB    CG     sing N N 247 
LYS CB    HB2    sing N N 248 
LYS CB    HB3    sing N N 249 
LYS CG    CD     sing N N 250 
LYS CG    HG2    sing N N 251 
LYS CG    HG3    sing N N 252 
LYS CD    CE     sing N N 253 
LYS CD    HD2    sing N N 254 
LYS CD    HD3    sing N N 255 
LYS CE    NZ     sing N N 256 
LYS CE    HE2    sing N N 257 
LYS CE    HE3    sing N N 258 
LYS NZ    HZ1    sing N N 259 
LYS NZ    HZ2    sing N N 260 
LYS NZ    HZ3    sing N N 261 
LYS OXT   HXT    sing N N 262 
MET N     CA     sing N N 263 
MET N     H      sing N N 264 
MET N     H2     sing N N 265 
MET CA    C      sing N N 266 
MET CA    CB     sing N N 267 
MET CA    HA     sing N N 268 
MET C     O      doub N N 269 
MET C     OXT    sing N N 270 
MET CB    CG     sing N N 271 
MET CB    HB2    sing N N 272 
MET CB    HB3    sing N N 273 
MET CG    SD     sing N N 274 
MET CG    HG2    sing N N 275 
MET CG    HG3    sing N N 276 
MET SD    CE     sing N N 277 
MET CE    HE1    sing N N 278 
MET CE    HE2    sing N N 279 
MET CE    HE3    sing N N 280 
MET OXT   HXT    sing N N 281 
PHE N     CA     sing N N 282 
PHE N     H      sing N N 283 
PHE N     H2     sing N N 284 
PHE CA    C      sing N N 285 
PHE CA    CB     sing N N 286 
PHE CA    HA     sing N N 287 
PHE C     O      doub N N 288 
PHE C     OXT    sing N N 289 
PHE CB    CG     sing N N 290 
PHE CB    HB2    sing N N 291 
PHE CB    HB3    sing N N 292 
PHE CG    CD1    doub Y N 293 
PHE CG    CD2    sing Y N 294 
PHE CD1   CE1    sing Y N 295 
PHE CD1   HD1    sing N N 296 
PHE CD2   CE2    doub Y N 297 
PHE CD2   HD2    sing N N 298 
PHE CE1   CZ     doub Y N 299 
PHE CE1   HE1    sing N N 300 
PHE CE2   CZ     sing Y N 301 
PHE CE2   HE2    sing N N 302 
PHE CZ    HZ     sing N N 303 
PHE OXT   HXT    sing N N 304 
PRO N     CA     sing N N 305 
PRO N     CD     sing N N 306 
PRO N     H      sing N N 307 
PRO CA    C      sing N N 308 
PRO CA    CB     sing N N 309 
PRO CA    HA     sing N N 310 
PRO C     O      doub N N 311 
PRO C     OXT    sing N N 312 
PRO CB    CG     sing N N 313 
PRO CB    HB2    sing N N 314 
PRO CB    HB3    sing N N 315 
PRO CG    CD     sing N N 316 
PRO CG    HG2    sing N N 317 
PRO CG    HG3    sing N N 318 
PRO CD    HD2    sing N N 319 
PRO CD    HD3    sing N N 320 
PRO OXT   HXT    sing N N 321 
SER N     CA     sing N N 322 
SER N     H      sing N N 323 
SER N     H2     sing N N 324 
SER CA    C      sing N N 325 
SER CA    CB     sing N N 326 
SER CA    HA     sing N N 327 
SER C     O      doub N N 328 
SER C     OXT    sing N N 329 
SER CB    OG     sing N N 330 
SER CB    HB2    sing N N 331 
SER CB    HB3    sing N N 332 
SER OG    HG     sing N N 333 
SER OXT   HXT    sing N N 334 
THR N     CA     sing N N 335 
THR N     H      sing N N 336 
THR N     H2     sing N N 337 
THR CA    C      sing N N 338 
THR CA    CB     sing N N 339 
THR CA    HA     sing N N 340 
THR C     O      doub N N 341 
THR C     OXT    sing N N 342 
THR CB    OG1    sing N N 343 
THR CB    CG2    sing N N 344 
THR CB    HB     sing N N 345 
THR OG1   HG1    sing N N 346 
THR CG2   HG21   sing N N 347 
THR CG2   HG22   sing N N 348 
THR CG2   HG23   sing N N 349 
THR OXT   HXT    sing N N 350 
TYR N     CA     sing N N 351 
TYR N     H      sing N N 352 
TYR N     H2     sing N N 353 
TYR CA    C      sing N N 354 
TYR CA    CB     sing N N 355 
TYR CA    HA     sing N N 356 
TYR C     O      doub N N 357 
TYR C     OXT    sing N N 358 
TYR CB    CG     sing N N 359 
TYR CB    HB2    sing N N 360 
TYR CB    HB3    sing N N 361 
TYR CG    CD1    doub Y N 362 
TYR CG    CD2    sing Y N 363 
TYR CD1   CE1    sing Y N 364 
TYR CD1   HD1    sing N N 365 
TYR CD2   CE2    doub Y N 366 
TYR CD2   HD2    sing N N 367 
TYR CE1   CZ     doub Y N 368 
TYR CE1   HE1    sing N N 369 
TYR CE2   CZ     sing Y N 370 
TYR CE2   HE2    sing N N 371 
TYR CZ    OH     sing N N 372 
TYR OH    HH     sing N N 373 
TYR OXT   HXT    sing N N 374 
VAL N     CA     sing N N 375 
VAL N     H      sing N N 376 
VAL N     H2     sing N N 377 
VAL CA    C      sing N N 378 
VAL CA    CB     sing N N 379 
VAL CA    HA     sing N N 380 
VAL C     O      doub N N 381 
VAL C     OXT    sing N N 382 
VAL CB    CG1    sing N N 383 
VAL CB    CG2    sing N N 384 
VAL CB    HB     sing N N 385 
VAL CG1   HG11   sing N N 386 
VAL CG1   HG12   sing N N 387 
VAL CG1   HG13   sing N N 388 
VAL CG2   HG21   sing N N 389 
VAL CG2   HG22   sing N N 390 
VAL CG2   HG23   sing N N 391 
VAL OXT   HXT    sing N N 392 
VQT F32   C31    sing N N 393 
VQT C31   C33    sing N N 394 
VQT C31   C30    sing N N 395 
VQT C33   C25    sing N N 396 
VQT C26   C25    sing N N 397 
VQT C26   C27    sing N N 398 
VQT C25   N29    sing N N 399 
VQT C25   C24    sing N N 400 
VQT C30   N29    sing N N 401 
VQT N29   C28    sing N N 402 
VQT C24   O23    sing N N 403 
VQT C27   C28    sing N N 404 
VQT O23   C18    sing N N 405 
VQT C38   C37    sing N N 406 
VQT C38   C39    sing N N 407 
VQT C37   C36    sing N N 408 
VQT C18   N19    doub Y N 409 
VQT C18   N17    sing Y N 410 
VQT N19   C20    sing Y N 411 
VQT F22   C21    sing N N 412 
VQT N17   C16    doub Y N 413 
VQT C20   C21    sing Y N 414 
VQT C20   C15    doub Y N 415 
VQT C39   N41    sing N N 416 
VQT C39   C40    sing N N 417 
VQT C6    C7     doub Y N 418 
VQT C6    C5     sing Y N 419 
VQT C21   C12    doub Y N 420 
VQT C36   N41    sing N N 421 
VQT C36   C35    sing N N 422 
VQT C7    C8     sing Y N 423 
VQT C16   C15    sing Y N 424 
VQT C16   N34    sing N N 425 
VQT C15   C14    sing Y N 426 
VQT C40   N34    sing N N 427 
VQT N34   C35    sing N N 428 
VQT C12   C5     sing N N 429 
VQT C12   C13    sing Y N 430 
VQT C5    C4     doub Y N 431 
VQT C8    F11    sing N N 432 
VQT C8    C9     doub Y N 433 
VQT C14   C13    doub Y N 434 
VQT C13   CL42   sing N N 435 
VQT C4    C9     sing Y N 436 
VQT C4    N3     sing Y N 437 
VQT C9    S10    sing Y N 438 
VQT N3    C2     doub Y N 439 
VQT S10   C2     sing Y N 440 
VQT C2    N1     sing N N 441 
VQT C6    H1     sing N N 442 
VQT C7    H2     sing N N 443 
VQT C14   H3     sing N N 444 
VQT C27   H4     sing N N 445 
VQT C27   H5     sing N N 446 
VQT C37   H6     sing N N 447 
VQT C37   H7     sing N N 448 
VQT C38   H8     sing N N 449 
VQT C38   H9     sing N N 450 
VQT C26   H10    sing N N 451 
VQT C26   H11    sing N N 452 
VQT C33   H12    sing N N 453 
VQT C33   H13    sing N N 454 
VQT C35   H14    sing N N 455 
VQT C35   H15    sing N N 456 
VQT C40   H16    sing N N 457 
VQT C40   H17    sing N N 458 
VQT C28   H18    sing N N 459 
VQT C28   H19    sing N N 460 
VQT C30   H20    sing N N 461 
VQT C30   H21    sing N N 462 
VQT C36   H22    sing N N 463 
VQT C39   H23    sing N N 464 
VQT C31   H24    sing N N 465 
VQT C24   H25    sing N N 466 
VQT C24   H26    sing N N 467 
VQT N1    H27    sing N N 468 
VQT N1    H28    sing N N 469 
VQT N41   H29    sing N N 470 
# 
_pdbx_audit_support.funding_organization   'Other private' 
_pdbx_audit_support.country                ? 
_pdbx_audit_support.grant_number           ? 
_pdbx_audit_support.ordinal                1 
# 
_pdbx_entity_instance_feature.ordinal        1 
_pdbx_entity_instance_feature.comp_id        VQT 
_pdbx_entity_instance_feature.asym_id        ? 
_pdbx_entity_instance_feature.seq_num        ? 
_pdbx_entity_instance_feature.auth_comp_id   VQT 
_pdbx_entity_instance_feature.auth_asym_id   ? 
_pdbx_entity_instance_feature.auth_seq_num   ? 
_pdbx_entity_instance_feature.feature_type   'SUBJECT OF INVESTIGATION' 
_pdbx_entity_instance_feature.details        ? 
# 
loop_
_pdbx_entity_nonpoly.entity_id 
_pdbx_entity_nonpoly.name 
_pdbx_entity_nonpoly.comp_id 
2 "GUANOSINE-5'-DIPHOSPHATE" GDP 
3 'MAGNESIUM ION' MG  
4 
;(4M)-4-(6-chloro-4-[(1R,5S)-3,8-diazabicyclo[3.2.1]octan-3-yl]-8-fluoro-2-{[(2R,4R,7aS)-2-fluorotetrahydro-1H-pyrrolizin-7a(5H)-yl]methoxy}quinazolin-7-yl)-7-fluoro-1,3-benzothiazol-2-amine
;
VQT 
5 water HOH 
# 
_pdbx_initial_refinement_model.id               1 
_pdbx_initial_refinement_model.entity_id_list   ? 
_pdbx_initial_refinement_model.type             'experimental model' 
_pdbx_initial_refinement_model.source_name      Other 
_pdbx_initial_refinement_model.accession_code   ? 
_pdbx_initial_refinement_model.details          'In house model' 
# 
